data_8INZ
#
_entry.id   8INZ
#
_cell.length_a   1.00
_cell.length_b   1.00
_cell.length_c   1.00
_cell.angle_alpha   90.00
_cell.angle_beta   90.00
_cell.angle_gamma   90.00
#
_symmetry.space_group_name_H-M   'P 1'
#
loop_
_entity.id
_entity.type
_entity.pdbx_description
1 polymer 'Potassium/sodium hyperpolarization-activated cyclic nucleotide-gated channel 3'
2 non-polymer '4-[[(2~{S},4~{a}~{R},6~{S},8~{a}~{S})-6-[(4~{S},5~{R})-4-[(2~{S})-butan-2-yl]-5,9-dimethyl-decyl]-4~{a}-methyl-2,3,4,5,6,7,8,8~{a}-octahydro-1~{H}-naphthalen-2-yl]oxy]-4-oxidanylidene-butanoic acid'
#
_entity_poly.entity_id   1
_entity_poly.type   'polypeptide(L)'
_entity_poly.pdbx_seq_one_letter_code
;MEAEQRPAAGASEGATPGLEAVPPVAPPPATAASGPIPKSGPEPKRRHLGTLLQPTVNKFSLRVFGSHKAVEIEQERVKS
AGAWIIHPYSDFRFYWDLIMLLLMVGNLIVLPVGITFFKEENSPPWIVFNVLSDTFFLLDLVLNFRTGIVVEEGAEILLA
PRAIRTRYLRTWFLVDLISSIPVDYIFLVVELEPRLDAEVYKTARALRIVRFTKILSLLRLLRLSRLIRYIHQWEEIFHM
TYDLASAVVRIFNLIGMMLLLCHWDGCLQFLVPMLQDFPPDCWVSINHMVNHSWGRQYSHALFKAMSHMLCIGYGQQAPV
GMPDVWLTMLSMIVGATCYAMFIGHATALIQSLDSSRRQYQEKYKQVEQYMSFHKLPADTRQRIHEYYEHRYQGKMFDEE
SILGELSEPLREEIINFTCRGLVAHMPLFAHADPSFVTAVLTKLRFEVFQPGDLVVREGSVGRKMYFIQHGLLSVLARGA
RDTRLTDGSYFGEICLLTRGRRTASVRADTYCRLYSLSVDHFNAVLEEFPMMRRAFETVAMDRLLRIGKKNSILQRKRSE
PSPGSSGGIMEQHLVQHDRDMARGVRGRAPSTGAQLSGKPVLWEPLVHAPLQAAAVTSNVAIALTHQRGPLPLSPDSPAT
LLARSAWRSAGSPASPLVPVRAGPWASTSRLPAPPARTLHASLSRAGRSQVSLLGPPPGGGGRRLGPRGRPLSASQPSLP
QRATGDGSPGRKGSGSERLPPSGLLAKPPRTAQPPRPPVPEPATPRGLQLSANM
;
_entity_poly.pdbx_strand_id   C,A,B,D
#
# COMPACT_ATOMS: atom_id res chain seq x y z
N GLY A 50 39.95 -1.18 32.26
CA GLY A 50 39.20 -2.31 32.81
C GLY A 50 37.72 -2.25 32.52
N THR A 51 37.13 -1.06 32.59
CA THR A 51 35.71 -0.88 32.34
C THR A 51 35.40 -0.56 30.89
N LEU A 52 36.37 -0.66 29.98
CA LEU A 52 36.09 -0.42 28.57
C LEU A 52 35.41 -1.60 27.90
N LEU A 53 35.45 -2.77 28.52
CA LEU A 53 34.84 -3.95 27.90
C LEU A 53 33.38 -4.14 28.33
N GLN A 54 32.94 -3.41 29.30
CA GLN A 54 31.61 -3.45 29.88
C GLN A 54 30.72 -2.38 29.25
N PRO A 55 29.40 -2.60 29.17
CA PRO A 55 28.54 -1.58 28.56
C PRO A 55 28.37 -0.36 29.44
N THR A 56 28.75 0.80 28.91
CA THR A 56 28.62 2.05 29.63
C THR A 56 27.15 2.49 29.68
N VAL A 57 26.89 3.55 30.43
CA VAL A 57 25.53 4.05 30.63
C VAL A 57 25.33 5.25 29.72
N ASN A 58 24.70 5.01 28.57
CA ASN A 58 24.33 6.07 27.65
C ASN A 58 22.85 5.93 27.35
N LYS A 59 22.37 6.69 26.36
CA LYS A 59 20.95 6.66 26.02
C LYS A 59 20.53 5.31 25.45
N PHE A 60 21.42 4.69 24.66
CA PHE A 60 21.09 3.40 24.06
C PHE A 60 21.00 2.30 25.11
N SER A 61 21.93 2.29 26.08
CA SER A 61 21.91 1.24 27.10
C SER A 61 20.72 1.40 28.04
N LEU A 62 20.34 2.64 28.33
CA LEU A 62 19.16 2.87 29.15
C LEU A 62 17.88 2.50 28.39
N ARG A 63 17.88 2.66 27.07
CA ARG A 63 16.70 2.29 26.31
C ARG A 63 16.60 0.79 26.11
N VAL A 64 17.75 0.09 26.04
CA VAL A 64 17.70 -1.33 25.71
C VAL A 64 17.69 -2.19 26.98
N PHE A 65 18.10 -1.64 28.12
CA PHE A 65 18.07 -2.40 29.36
C PHE A 65 17.02 -1.89 30.35
N GLY A 66 17.05 -0.63 30.69
CA GLY A 66 16.15 -0.08 31.68
C GLY A 66 16.81 1.06 32.44
N SER A 67 16.76 0.98 33.76
CA SER A 67 17.33 2.03 34.57
C SER A 67 18.83 1.82 34.74
N HIS A 68 19.43 2.64 35.61
CA HIS A 68 20.85 2.51 35.93
C HIS A 68 21.13 1.19 36.65
N LYS A 69 20.19 0.78 37.52
CA LYS A 69 20.32 -0.50 38.21
C LYS A 69 20.15 -1.67 37.25
N ALA A 70 19.45 -1.45 36.13
CA ALA A 70 19.32 -2.51 35.14
C ALA A 70 20.61 -2.67 34.34
N VAL A 71 21.39 -1.61 34.20
CA VAL A 71 22.66 -1.68 33.49
C VAL A 71 23.75 -2.24 34.41
N GLU A 72 23.64 -1.97 35.72
CA GLU A 72 24.61 -2.53 36.67
C GLU A 72 24.55 -4.04 36.73
N ILE A 73 23.38 -4.64 36.49
CA ILE A 73 23.26 -6.09 36.49
C ILE A 73 23.96 -6.68 35.26
N GLU A 74 23.88 -5.99 34.12
CA GLU A 74 24.58 -6.44 32.92
C GLU A 74 26.09 -6.29 33.07
N GLN A 75 26.53 -5.24 33.75
CA GLN A 75 27.95 -5.07 34.02
C GLN A 75 28.47 -6.15 34.97
N GLU A 76 27.65 -6.52 35.96
CA GLU A 76 28.04 -7.62 36.85
C GLU A 76 28.01 -8.96 36.11
N ARG A 77 27.16 -9.08 35.09
CA ARG A 77 27.12 -10.30 34.28
C ARG A 77 28.38 -10.40 33.41
N VAL A 78 28.87 -9.28 32.90
CA VAL A 78 30.14 -9.28 32.18
C VAL A 78 31.29 -9.60 33.12
N LYS A 79 31.22 -9.09 34.36
CA LYS A 79 32.21 -9.44 35.38
C LYS A 79 32.16 -10.92 35.76
N SER A 80 30.99 -11.55 35.65
CA SER A 80 30.86 -12.96 36.06
C SER A 80 31.36 -13.91 34.98
N ALA A 81 31.73 -13.37 33.83
CA ALA A 81 32.35 -14.17 32.77
C ALA A 81 33.83 -14.37 33.05
N GLY A 82 34.57 -14.79 32.02
CA GLY A 82 35.96 -15.16 32.21
C GLY A 82 36.87 -13.96 32.37
N ALA A 83 38.15 -14.17 32.06
CA ALA A 83 39.26 -13.26 32.40
C ALA A 83 39.07 -11.94 31.65
N TRP A 84 39.06 -11.94 30.31
CA TRP A 84 38.81 -10.73 29.54
C TRP A 84 37.77 -11.06 28.48
N ILE A 85 36.53 -10.63 28.73
CA ILE A 85 35.40 -10.90 27.85
C ILE A 85 34.81 -9.56 27.42
N ILE A 86 34.63 -9.39 26.12
CA ILE A 86 34.15 -8.15 25.53
C ILE A 86 32.63 -8.22 25.45
N HIS A 87 31.95 -7.14 25.83
CA HIS A 87 30.52 -7.06 25.63
C HIS A 87 30.24 -6.32 24.32
N PRO A 88 29.27 -6.80 23.52
CA PRO A 88 29.09 -6.24 22.18
C PRO A 88 28.50 -4.84 22.14
N TYR A 89 28.07 -4.27 23.27
CA TYR A 89 27.60 -2.90 23.30
C TYR A 89 28.60 -1.95 23.96
N SER A 90 29.82 -2.40 24.21
CA SER A 90 30.79 -1.57 24.90
C SER A 90 31.44 -0.57 23.93
N ASP A 91 32.38 0.21 24.46
CA ASP A 91 33.04 1.22 23.64
C ASP A 91 34.22 0.65 22.88
N PHE A 92 34.86 -0.39 23.43
CA PHE A 92 35.97 -1.05 22.76
C PHE A 92 35.54 -1.69 21.45
N ARG A 93 34.39 -2.37 21.46
CA ARG A 93 33.89 -3.01 20.25
C ARG A 93 33.45 -1.97 19.22
N PHE A 94 32.94 -0.82 19.69
CA PHE A 94 32.55 0.23 18.76
C PHE A 94 33.76 0.86 18.07
N TYR A 95 34.81 1.16 18.83
CA TYR A 95 36.02 1.74 18.24
C TYR A 95 36.71 0.75 17.32
N TRP A 96 36.73 -0.54 17.71
CA TRP A 96 37.33 -1.56 16.87
C TRP A 96 36.54 -1.76 15.59
N ASP A 97 35.20 -1.74 15.66
CA ASP A 97 34.41 -1.91 14.45
C ASP A 97 34.52 -0.70 13.55
N LEU A 98 34.73 0.50 14.11
CA LEU A 98 34.96 1.68 13.27
C LEU A 98 36.26 1.56 12.48
N ILE A 99 37.35 1.17 13.16
CA ILE A 99 38.64 0.97 12.49
C ILE A 99 38.54 -0.12 11.43
N MET A 100 37.84 -1.22 11.74
CA MET A 100 37.73 -2.31 10.78
C MET A 100 36.86 -1.94 9.59
N LEU A 101 35.81 -1.15 9.79
CA LEU A 101 34.97 -0.73 8.66
C LEU A 101 35.72 0.20 7.72
N LEU A 102 36.55 1.10 8.27
CA LEU A 102 37.39 1.92 7.40
C LEU A 102 38.39 1.08 6.61
N LEU A 103 39.01 0.09 7.26
CA LEU A 103 39.93 -0.79 6.54
C LEU A 103 39.24 -1.61 5.46
N MET A 104 38.01 -2.07 5.71
CA MET A 104 37.31 -2.88 4.73
C MET A 104 36.93 -2.06 3.51
N VAL A 105 36.48 -0.82 3.72
CA VAL A 105 36.18 0.05 2.57
C VAL A 105 37.43 0.31 1.75
N GLY A 106 38.56 0.60 2.42
CA GLY A 106 39.81 0.82 1.71
C GLY A 106 40.29 -0.39 0.92
N ASN A 107 40.25 -1.57 1.54
CA ASN A 107 40.74 -2.77 0.85
C ASN A 107 39.80 -3.20 -0.28
N LEU A 108 38.48 -3.11 -0.07
CA LEU A 108 37.57 -3.56 -1.12
C LEU A 108 37.50 -2.58 -2.28
N ILE A 109 38.00 -1.35 -2.10
CA ILE A 109 38.14 -0.47 -3.25
C ILE A 109 39.49 -0.68 -3.94
N VAL A 110 40.57 -0.79 -3.16
CA VAL A 110 41.90 -0.72 -3.77
C VAL A 110 42.35 -2.08 -4.33
N LEU A 111 42.03 -3.18 -3.64
CA LEU A 111 42.58 -4.50 -4.00
C LEU A 111 42.28 -5.03 -5.41
N PRO A 112 41.11 -4.84 -6.02
CA PRO A 112 40.99 -5.31 -7.41
C PRO A 112 41.82 -4.50 -8.40
N VAL A 113 41.97 -3.20 -8.15
CA VAL A 113 42.66 -2.32 -9.09
C VAL A 113 44.15 -2.61 -9.10
N GLY A 114 44.71 -2.90 -7.92
CA GLY A 114 46.12 -3.22 -7.84
C GLY A 114 46.46 -4.57 -8.45
N ILE A 115 45.50 -5.49 -8.45
CA ILE A 115 45.74 -6.81 -9.01
C ILE A 115 45.59 -6.80 -10.53
N THR A 116 44.51 -6.18 -11.03
CA THR A 116 44.16 -6.37 -12.43
C THR A 116 44.89 -5.40 -13.35
N PHE A 117 45.18 -4.18 -12.91
CA PHE A 117 45.70 -3.17 -13.81
C PHE A 117 47.19 -2.89 -13.68
N PHE A 118 47.88 -3.47 -12.69
CA PHE A 118 49.29 -3.21 -12.50
C PHE A 118 50.13 -4.42 -12.84
N LYS A 119 51.45 -4.22 -12.87
CA LYS A 119 52.35 -5.20 -13.47
C LYS A 119 52.62 -6.38 -12.53
N GLU A 120 53.22 -6.12 -11.37
CA GLU A 120 53.69 -7.19 -10.51
C GLU A 120 53.29 -6.91 -9.07
N GLU A 121 53.23 -8.00 -8.29
CA GLU A 121 52.94 -7.94 -6.86
C GLU A 121 54.20 -7.94 -6.02
N ASN A 122 55.31 -7.44 -6.55
CA ASN A 122 56.56 -7.37 -5.82
C ASN A 122 57.00 -5.94 -5.53
N SER A 123 56.17 -4.96 -5.83
CA SER A 123 56.55 -3.57 -5.58
C SER A 123 56.47 -3.28 -4.08
N PRO A 124 57.36 -2.44 -3.55
CA PRO A 124 57.46 -2.29 -2.08
C PRO A 124 56.29 -1.60 -1.39
N PRO A 125 55.53 -0.67 -2.03
CA PRO A 125 54.31 -0.24 -1.30
C PRO A 125 53.20 -1.27 -1.31
N TRP A 126 53.22 -2.20 -2.27
CA TRP A 126 52.13 -3.17 -2.36
C TRP A 126 52.30 -4.29 -1.33
N ILE A 127 53.54 -4.57 -0.94
CA ILE A 127 53.76 -5.63 0.04
C ILE A 127 53.47 -5.13 1.45
N VAL A 128 53.87 -3.89 1.76
CA VAL A 128 53.69 -3.34 3.10
C VAL A 128 52.21 -3.10 3.37
N PHE A 129 51.45 -2.72 2.35
CA PHE A 129 50.03 -2.45 2.52
C PHE A 129 49.24 -3.73 2.76
N ASN A 130 49.68 -4.86 2.20
CA ASN A 130 48.91 -6.09 2.34
C ASN A 130 49.30 -6.86 3.59
N VAL A 131 50.56 -6.74 4.03
CA VAL A 131 50.98 -7.44 5.24
C VAL A 131 50.42 -6.75 6.48
N LEU A 132 50.42 -5.42 6.49
CA LEU A 132 49.93 -4.70 7.66
C LEU A 132 48.41 -4.73 7.74
N SER A 133 47.72 -4.93 6.62
CA SER A 133 46.27 -5.00 6.67
C SER A 133 45.80 -6.38 7.08
N ASP A 134 46.51 -7.42 6.64
CA ASP A 134 46.09 -8.79 6.98
C ASP A 134 46.42 -9.13 8.43
N THR A 135 47.28 -8.34 9.07
CA THR A 135 47.51 -8.49 10.51
C THR A 135 46.29 -8.02 11.29
N PHE A 136 45.67 -6.92 10.84
CA PHE A 136 44.49 -6.39 11.53
C PHE A 136 43.26 -7.27 11.28
N PHE A 137 43.17 -7.87 10.09
CA PHE A 137 42.05 -8.77 9.84
C PHE A 137 42.26 -10.13 10.51
N LEU A 138 43.47 -10.40 10.96
CA LEU A 138 43.71 -11.63 11.72
C LEU A 138 43.43 -11.41 13.21
N LEU A 139 43.57 -10.18 13.68
CA LEU A 139 43.18 -9.87 15.05
C LEU A 139 41.66 -9.84 15.20
N ASP A 140 40.95 -9.53 14.12
CA ASP A 140 39.49 -9.55 14.17
C ASP A 140 38.96 -10.98 14.26
N LEU A 141 39.73 -11.95 13.77
CA LEU A 141 39.36 -13.34 13.93
C LEU A 141 39.55 -13.79 15.39
N VAL A 142 40.58 -13.27 16.06
CA VAL A 142 40.85 -13.69 17.43
C VAL A 142 39.84 -13.08 18.39
N LEU A 143 39.48 -11.82 18.16
CA LEU A 143 38.60 -11.12 19.11
C LEU A 143 37.14 -11.54 18.96
N ASN A 144 36.80 -12.30 17.93
CA ASN A 144 35.42 -12.77 17.80
C ASN A 144 35.17 -14.02 18.65
N PHE A 145 36.21 -14.54 19.29
CA PHE A 145 36.03 -15.63 20.24
C PHE A 145 35.56 -15.13 21.60
N ARG A 146 35.52 -13.81 21.79
CA ARG A 146 35.31 -13.29 23.14
C ARG A 146 34.08 -12.39 23.23
N THR A 147 33.62 -11.84 22.11
CA THR A 147 32.60 -10.78 22.18
C THR A 147 31.21 -11.32 22.52
N GLY A 148 30.86 -12.49 22.00
CA GLY A 148 29.51 -12.94 22.32
C GLY A 148 28.46 -12.35 21.40
N ILE A 149 27.42 -13.13 21.16
CA ILE A 149 26.51 -12.92 20.04
C ILE A 149 25.18 -12.41 20.59
N VAL A 150 24.72 -11.28 20.05
CA VAL A 150 23.39 -10.80 20.36
C VAL A 150 22.35 -11.65 19.63
N VAL A 151 21.54 -12.37 20.39
CA VAL A 151 20.51 -13.22 19.80
C VAL A 151 19.16 -12.53 19.86
N GLU A 156 21.43 -11.71 25.51
CA GLU A 156 22.72 -11.88 24.88
C GLU A 156 23.40 -13.16 25.33
N ILE A 157 24.57 -13.42 24.75
CA ILE A 157 25.43 -14.53 25.14
C ILE A 157 26.75 -13.92 25.59
N LEU A 158 27.14 -14.20 26.83
CA LEU A 158 28.41 -13.73 27.37
C LEU A 158 29.27 -14.85 27.94
N LEU A 159 28.72 -16.06 28.04
CA LEU A 159 29.45 -17.16 28.64
C LEU A 159 30.49 -17.72 27.69
N ALA A 160 31.68 -17.98 28.21
CA ALA A 160 32.82 -18.41 27.42
C ALA A 160 33.42 -19.66 28.03
N PRO A 161 33.98 -20.57 27.21
CA PRO A 161 33.95 -20.60 25.74
C PRO A 161 32.90 -21.56 25.21
N ARG A 162 31.84 -21.78 25.98
CA ARG A 162 30.89 -22.83 25.64
C ARG A 162 30.00 -22.44 24.47
N ALA A 163 29.32 -21.29 24.59
CA ALA A 163 28.32 -20.93 23.58
C ALA A 163 28.93 -20.06 22.48
N ILE A 164 29.87 -19.18 22.84
CA ILE A 164 30.45 -18.23 21.89
C ILE A 164 31.27 -18.96 20.83
N ARG A 165 32.18 -19.83 21.27
CA ARG A 165 33.09 -20.50 20.36
C ARG A 165 32.36 -21.48 19.45
N THR A 166 31.41 -22.24 19.99
CA THR A 166 30.66 -23.19 19.17
C THR A 166 29.69 -22.48 18.23
N ARG A 167 29.06 -21.40 18.69
CA ARG A 167 28.13 -20.67 17.83
C ARG A 167 28.88 -19.88 16.77
N TYR A 168 30.16 -19.59 16.99
CA TYR A 168 30.95 -18.93 15.96
C TYR A 168 31.52 -19.93 14.96
N LEU A 169 31.96 -21.10 15.45
CA LEU A 169 32.47 -22.13 14.56
C LEU A 169 31.38 -22.71 13.67
N ARG A 170 30.15 -22.78 14.19
CA ARG A 170 29.08 -23.35 13.38
C ARG A 170 28.57 -22.39 12.30
N THR A 171 28.87 -21.09 12.39
CA THR A 171 28.27 -20.15 11.45
C THR A 171 29.27 -19.46 10.52
N TRP A 172 30.24 -18.73 11.06
CA TRP A 172 31.02 -17.81 10.25
C TRP A 172 32.53 -17.97 10.39
N PHE A 173 33.03 -19.11 10.84
CA PHE A 173 34.46 -19.21 11.06
C PHE A 173 35.23 -19.44 9.76
N LEU A 174 34.64 -20.22 8.84
CA LEU A 174 35.37 -20.65 7.65
C LEU A 174 35.58 -19.48 6.69
N VAL A 175 34.55 -18.63 6.54
CA VAL A 175 34.64 -17.47 5.64
C VAL A 175 35.65 -16.47 6.16
N ASP A 176 35.64 -16.21 7.47
CA ASP A 176 36.58 -15.27 8.06
C ASP A 176 38.01 -15.82 8.03
N LEU A 177 38.15 -17.14 8.15
CA LEU A 177 39.46 -17.77 8.06
C LEU A 177 40.03 -17.65 6.65
N ILE A 178 39.19 -17.85 5.63
CA ILE A 178 39.66 -17.73 4.25
C ILE A 178 39.99 -16.27 3.92
N SER A 179 39.15 -15.34 4.37
CA SER A 179 39.36 -13.94 4.03
C SER A 179 40.43 -13.29 4.91
N SER A 180 40.94 -14.02 5.91
CA SER A 180 41.94 -13.45 6.80
C SER A 180 43.37 -13.73 6.34
N ILE A 181 43.69 -15.00 6.10
CA ILE A 181 45.07 -15.43 5.90
C ILE A 181 45.59 -15.08 4.50
N PRO A 182 46.89 -14.81 4.34
CA PRO A 182 47.49 -14.60 3.00
C PRO A 182 47.75 -15.90 2.24
N VAL A 183 46.72 -16.34 1.50
CA VAL A 183 46.74 -17.65 0.86
C VAL A 183 47.73 -17.67 -0.30
N ASP A 184 47.82 -16.56 -1.05
CA ASP A 184 48.66 -16.54 -2.25
C ASP A 184 50.14 -16.54 -1.92
N TYR A 185 50.52 -15.92 -0.79
CA TYR A 185 51.92 -15.91 -0.41
C TYR A 185 52.38 -17.29 0.03
N ILE A 186 51.48 -18.10 0.57
CA ILE A 186 51.81 -19.48 0.93
C ILE A 186 52.13 -20.30 -0.31
N PHE A 187 51.27 -20.21 -1.32
CA PHE A 187 51.50 -20.92 -2.58
C PHE A 187 52.70 -20.35 -3.34
N LEU A 188 53.05 -19.09 -3.06
CA LEU A 188 54.23 -18.49 -3.69
C LEU A 188 55.51 -18.96 -3.02
N VAL A 189 55.49 -19.11 -1.68
CA VAL A 189 56.69 -19.56 -0.97
C VAL A 189 56.92 -21.05 -1.20
N VAL A 190 55.86 -21.85 -1.22
CA VAL A 190 55.99 -23.30 -1.38
C VAL A 190 56.49 -23.65 -2.78
N GLU A 191 55.91 -23.05 -3.81
CA GLU A 191 56.36 -23.30 -5.18
C GLU A 191 57.68 -22.61 -5.46
N VAL A 210 52.27 -18.40 -11.49
CA VAL A 210 52.39 -17.00 -11.12
C VAL A 210 51.08 -16.27 -11.40
N ARG A 211 50.50 -16.51 -12.57
CA ARG A 211 49.20 -15.92 -12.89
C ARG A 211 48.07 -16.66 -12.17
N PHE A 212 48.36 -17.85 -11.63
CA PHE A 212 47.37 -18.56 -10.83
C PHE A 212 47.28 -17.97 -9.43
N THR A 213 48.29 -17.19 -9.01
CA THR A 213 48.23 -16.55 -7.71
C THR A 213 47.33 -15.32 -7.74
N LYS A 214 47.08 -14.76 -8.93
CA LYS A 214 46.18 -13.61 -9.02
C LYS A 214 44.73 -14.04 -8.81
N ILE A 215 44.41 -15.30 -9.05
CA ILE A 215 43.08 -15.80 -8.75
C ILE A 215 42.94 -16.04 -7.25
N LEU A 216 44.01 -16.53 -6.61
CA LEU A 216 43.95 -16.81 -5.17
C LEU A 216 43.97 -15.52 -4.36
N SER A 217 44.49 -14.44 -4.93
CA SER A 217 44.50 -13.15 -4.22
C SER A 217 43.11 -12.55 -4.13
N LEU A 218 42.15 -13.02 -4.93
CA LEU A 218 40.78 -12.54 -4.84
C LEU A 218 39.99 -13.23 -3.74
N LEU A 219 40.63 -14.06 -2.92
CA LEU A 219 39.98 -14.56 -1.71
C LEU A 219 39.87 -13.48 -0.64
N ARG A 220 40.63 -12.40 -0.79
CA ARG A 220 40.49 -11.24 0.10
C ARG A 220 39.18 -10.51 -0.10
N LEU A 221 38.46 -10.77 -1.18
CA LEU A 221 37.18 -10.14 -1.41
C LEU A 221 36.04 -10.81 -0.65
N LEU A 222 36.34 -11.81 0.17
CA LEU A 222 35.33 -12.36 1.09
C LEU A 222 35.24 -11.56 2.38
N ARG A 223 35.95 -10.45 2.48
CA ARG A 223 35.78 -9.50 3.58
C ARG A 223 34.52 -8.66 3.42
N LEU A 224 33.78 -8.83 2.33
CA LEU A 224 32.47 -8.22 2.20
C LEU A 224 31.47 -8.85 3.16
N SER A 225 31.67 -10.11 3.54
CA SER A 225 30.72 -10.79 4.40
C SER A 225 30.74 -10.25 5.82
N ARG A 226 31.92 -9.89 6.33
CA ARG A 226 31.96 -9.29 7.65
C ARG A 226 31.74 -7.79 7.59
N LEU A 227 31.81 -7.20 6.40
CA LEU A 227 31.36 -5.81 6.25
C LEU A 227 29.85 -5.72 6.37
N ILE A 228 29.12 -6.63 5.71
CA ILE A 228 27.66 -6.62 5.76
C ILE A 228 27.18 -6.91 7.18
N ARG A 229 27.90 -7.76 7.91
CA ARG A 229 27.55 -7.99 9.31
C ARG A 229 27.81 -6.77 10.18
N TYR A 230 28.89 -6.04 9.94
CA TYR A 230 29.23 -4.95 10.85
C TYR A 230 28.42 -3.70 10.57
N ILE A 231 27.88 -3.55 9.36
CA ILE A 231 27.00 -2.42 9.09
C ILE A 231 25.65 -2.65 9.73
N HIS A 232 25.13 -3.88 9.65
CA HIS A 232 23.82 -4.17 10.19
C HIS A 232 23.82 -4.20 11.72
N GLN A 233 25.00 -4.35 12.33
CA GLN A 233 25.07 -4.30 13.78
C GLN A 233 24.97 -2.86 14.29
N TRP A 234 25.45 -1.89 13.50
CA TRP A 234 25.37 -0.50 13.94
C TRP A 234 24.01 0.10 13.68
N GLU A 235 23.36 -0.28 12.57
CA GLU A 235 22.12 0.36 12.20
C GLU A 235 20.98 -0.06 13.14
N GLU A 236 20.99 -1.31 13.59
CA GLU A 236 20.00 -1.76 14.56
C GLU A 236 20.22 -1.11 15.92
N ILE A 237 21.45 -0.66 16.19
CA ILE A 237 21.68 0.17 17.36
C ILE A 237 21.17 1.58 17.13
N PHE A 238 21.49 2.17 15.98
CA PHE A 238 21.23 3.58 15.74
C PHE A 238 19.81 3.86 15.28
N HIS A 239 19.01 2.83 14.99
CA HIS A 239 17.56 3.01 14.97
C HIS A 239 16.97 3.15 16.36
N MET A 240 17.68 2.69 17.39
CA MET A 240 17.16 2.78 18.75
C MET A 240 17.65 4.04 19.44
N THR A 241 18.85 4.49 19.10
CA THR A 241 19.39 5.72 19.69
C THR A 241 18.70 6.95 19.10
N TYR A 242 18.54 7.00 17.78
CA TYR A 242 17.95 8.14 17.11
C TYR A 242 16.67 7.74 16.40
N ASP A 243 15.97 8.73 15.86
CA ASP A 243 14.76 8.50 15.08
C ASP A 243 15.09 8.63 13.60
N LEU A 244 15.10 7.52 12.89
CA LEU A 244 15.49 7.49 11.49
C LEU A 244 14.45 6.74 10.67
N ALA A 245 14.27 7.18 9.43
CA ALA A 245 13.39 6.46 8.52
C ALA A 245 14.11 5.23 7.98
N SER A 246 13.39 4.10 7.92
CA SER A 246 14.03 2.85 7.54
C SER A 246 14.29 2.77 6.04
N ALA A 247 13.45 3.46 5.25
CA ALA A 247 13.58 3.40 3.80
C ALA A 247 14.86 4.09 3.33
N VAL A 248 15.24 5.19 4.01
CA VAL A 248 16.44 5.92 3.63
C VAL A 248 17.69 5.11 3.93
N VAL A 249 17.70 4.44 5.08
CA VAL A 249 18.83 3.59 5.47
C VAL A 249 18.96 2.42 4.52
N ARG A 250 17.84 1.80 4.16
CA ARG A 250 17.89 0.63 3.29
C ARG A 250 18.27 1.01 1.85
N ILE A 251 17.85 2.18 1.39
CA ILE A 251 18.21 2.57 0.02
C ILE A 251 19.66 3.04 -0.04
N PHE A 252 20.21 3.57 1.06
CA PHE A 252 21.63 3.88 1.08
C PHE A 252 22.48 2.60 1.10
N ASN A 253 21.99 1.56 1.79
CA ASN A 253 22.67 0.28 1.73
C ASN A 253 22.66 -0.30 0.32
N LEU A 254 21.54 -0.15 -0.39
CA LEU A 254 21.45 -0.65 -1.75
C LEU A 254 22.36 0.12 -2.71
N ILE A 255 22.42 1.45 -2.58
CA ILE A 255 23.29 2.25 -3.44
C ILE A 255 24.77 1.92 -3.18
N GLY A 256 25.13 1.73 -1.91
CA GLY A 256 26.50 1.36 -1.59
C GLY A 256 26.87 -0.03 -2.08
N MET A 257 25.90 -0.92 -2.18
CA MET A 257 26.19 -2.22 -2.78
C MET A 257 26.31 -2.15 -4.30
N MET A 258 25.46 -1.34 -4.94
CA MET A 258 25.45 -1.25 -6.40
C MET A 258 26.73 -0.63 -6.94
N LEU A 259 27.25 0.40 -6.25
CA LEU A 259 28.51 1.01 -6.68
C LEU A 259 29.68 0.02 -6.58
N LEU A 260 29.67 -0.81 -5.54
CA LEU A 260 30.77 -1.75 -5.35
C LEU A 260 30.70 -2.88 -6.38
N LEU A 261 29.49 -3.33 -6.72
CA LEU A 261 29.37 -4.36 -7.75
C LEU A 261 29.77 -3.84 -9.12
N CYS A 262 29.44 -2.56 -9.42
CA CYS A 262 29.85 -1.98 -10.69
C CYS A 262 31.36 -1.81 -10.75
N HIS A 263 31.99 -1.48 -9.61
CA HIS A 263 33.45 -1.36 -9.57
C HIS A 263 34.14 -2.69 -9.79
N TRP A 264 33.65 -3.76 -9.13
CA TRP A 264 34.24 -5.08 -9.32
C TRP A 264 34.02 -5.60 -10.73
N ASP A 265 32.88 -5.28 -11.35
CA ASP A 265 32.64 -5.70 -12.72
C ASP A 265 33.53 -4.93 -13.69
N GLY A 266 33.81 -3.65 -13.38
CA GLY A 266 34.75 -2.90 -14.20
C GLY A 266 36.16 -3.45 -14.12
N CYS A 267 36.56 -3.95 -12.95
CA CYS A 267 37.86 -4.60 -12.88
C CYS A 267 37.86 -5.97 -13.57
N LEU A 268 36.71 -6.66 -13.56
CA LEU A 268 36.66 -8.00 -14.13
C LEU A 268 36.69 -7.98 -15.65
N GLN A 269 36.12 -6.91 -16.26
CA GLN A 269 36.12 -6.76 -17.71
C GLN A 269 37.53 -6.68 -18.28
N PHE A 270 38.48 -6.18 -17.51
CA PHE A 270 39.86 -6.12 -17.98
C PHE A 270 40.67 -7.29 -17.44
N LEU A 271 40.22 -7.89 -16.32
CA LEU A 271 40.92 -9.04 -15.76
C LEU A 271 40.83 -10.25 -16.69
N VAL A 272 39.67 -10.45 -17.33
CA VAL A 272 39.49 -11.65 -18.15
C VAL A 272 40.38 -11.70 -19.41
N PRO A 273 40.51 -10.63 -20.21
CA PRO A 273 41.47 -10.73 -21.33
C PRO A 273 42.93 -10.71 -20.92
N MET A 274 43.26 -10.29 -19.71
CA MET A 274 44.66 -10.24 -19.32
C MET A 274 45.21 -11.63 -19.04
N LEU A 275 44.38 -12.52 -18.50
CA LEU A 275 44.83 -13.88 -18.22
C LEU A 275 44.99 -14.69 -19.50
N GLN A 276 44.39 -14.25 -20.60
CA GLN A 276 44.52 -14.90 -21.89
C GLN A 276 45.53 -14.24 -22.80
N ASP A 277 46.37 -13.35 -22.24
CA ASP A 277 47.45 -12.64 -22.95
C ASP A 277 46.94 -11.80 -24.12
N PHE A 278 45.75 -11.21 -23.95
CA PHE A 278 45.10 -10.28 -24.89
C PHE A 278 44.91 -10.87 -26.28
N PRO A 279 43.91 -11.75 -26.46
CA PRO A 279 43.65 -12.32 -27.79
C PRO A 279 43.26 -11.27 -28.82
N PRO A 280 43.38 -11.56 -30.12
CA PRO A 280 43.11 -10.51 -31.11
C PRO A 280 41.64 -10.20 -31.32
N ASP A 281 40.74 -10.90 -30.64
CA ASP A 281 39.31 -10.66 -30.78
C ASP A 281 38.70 -9.91 -29.59
N CYS A 282 39.44 -9.71 -28.51
CA CYS A 282 38.90 -9.02 -27.35
C CYS A 282 38.82 -7.52 -27.61
N TRP A 283 38.09 -6.81 -26.75
CA TRP A 283 37.86 -5.38 -26.98
C TRP A 283 39.11 -4.55 -26.76
N VAL A 284 40.05 -5.06 -25.97
CA VAL A 284 41.27 -4.32 -25.69
C VAL A 284 42.17 -4.27 -26.91
N SER A 285 42.23 -5.36 -27.67
CA SER A 285 43.07 -5.38 -28.87
C SER A 285 42.36 -4.73 -30.05
N ILE A 286 41.02 -4.74 -30.06
CA ILE A 286 40.28 -4.05 -31.11
C ILE A 286 40.41 -2.55 -30.96
N ASN A 287 40.24 -2.04 -29.74
CA ASN A 287 40.31 -0.60 -29.52
C ASN A 287 41.73 -0.09 -29.33
N HIS A 288 42.74 -0.99 -29.39
CA HIS A 288 44.17 -0.65 -29.37
C HIS A 288 44.57 0.11 -28.11
N MET A 289 44.31 -0.47 -26.95
CA MET A 289 44.66 0.13 -25.67
C MET A 289 45.39 -0.84 -24.74
N VAL A 290 46.34 -1.60 -25.30
CA VAL A 290 47.09 -2.54 -24.48
C VAL A 290 48.14 -1.82 -23.66
N ASN A 291 48.75 -0.76 -24.21
CA ASN A 291 49.90 -0.12 -23.60
C ASN A 291 49.64 1.30 -23.12
N HIS A 292 48.39 1.66 -22.84
CA HIS A 292 48.14 2.96 -22.24
C HIS A 292 48.27 2.89 -20.73
N SER A 293 47.92 3.99 -20.07
CA SER A 293 48.02 4.05 -18.62
C SER A 293 46.87 3.27 -17.98
N TRP A 294 46.96 3.06 -16.67
CA TRP A 294 45.96 2.26 -15.99
C TRP A 294 44.66 3.04 -15.79
N GLY A 295 44.73 4.36 -15.76
CA GLY A 295 43.53 5.17 -15.63
C GLY A 295 42.63 5.12 -16.84
N ARG A 296 43.24 5.16 -18.02
CA ARG A 296 42.48 5.10 -19.26
C ARG A 296 41.87 3.72 -19.47
N GLN A 297 42.63 2.67 -19.15
CA GLN A 297 42.12 1.31 -19.22
C GLN A 297 40.99 1.09 -18.22
N TYR A 298 41.13 1.66 -17.02
CA TYR A 298 40.07 1.54 -16.02
C TYR A 298 38.82 2.29 -16.45
N SER A 299 38.98 3.45 -17.08
CA SER A 299 37.82 4.21 -17.53
C SER A 299 37.06 3.49 -18.63
N HIS A 300 37.77 2.92 -19.60
CA HIS A 300 37.08 2.18 -20.67
C HIS A 300 36.46 0.88 -20.15
N ALA A 301 37.13 0.20 -19.23
CA ALA A 301 36.57 -1.03 -18.68
C ALA A 301 35.35 -0.75 -17.81
N LEU A 302 35.36 0.36 -17.06
CA LEU A 302 34.20 0.71 -16.25
C LEU A 302 33.04 1.19 -17.11
N PHE A 303 33.34 1.86 -18.24
CA PHE A 303 32.27 2.22 -19.16
C PHE A 303 31.61 0.99 -19.76
N LYS A 304 32.40 -0.01 -20.12
CA LYS A 304 31.85 -1.26 -20.66
C LYS A 304 31.00 -1.98 -19.61
N ALA A 305 31.47 -2.05 -18.37
CA ALA A 305 30.74 -2.75 -17.32
C ALA A 305 29.47 -2.01 -16.93
N MET A 306 29.49 -0.68 -16.98
CA MET A 306 28.29 0.07 -16.65
C MET A 306 27.27 0.03 -17.77
N SER A 307 27.73 -0.02 -19.02
CA SER A 307 26.77 -0.16 -20.13
C SER A 307 26.17 -1.55 -20.16
N HIS A 308 26.90 -2.57 -19.70
CA HIS A 308 26.28 -3.87 -19.51
C HIS A 308 25.38 -3.89 -18.29
N MET A 309 25.70 -3.09 -17.28
CA MET A 309 24.97 -3.12 -16.02
C MET A 309 23.61 -2.43 -16.16
N LEU A 310 23.58 -1.27 -16.80
CA LEU A 310 22.35 -0.52 -17.02
C LEU A 310 21.60 -0.94 -18.27
N CYS A 311 22.02 -2.04 -18.91
CA CYS A 311 21.35 -2.65 -20.06
C CYS A 311 21.31 -1.74 -21.27
N ILE A 312 22.47 -1.25 -21.71
CA ILE A 312 22.51 -0.26 -22.79
C ILE A 312 22.70 -0.93 -24.13
N GLY A 313 23.82 -1.60 -24.32
CA GLY A 313 24.22 -2.05 -25.64
C GLY A 313 25.58 -1.49 -25.99
N TYR A 314 26.55 -2.36 -26.23
CA TYR A 314 27.95 -1.96 -26.33
C TYR A 314 28.51 -2.40 -27.67
N GLY A 315 29.41 -1.59 -28.23
CA GLY A 315 30.21 -2.00 -29.37
C GLY A 315 29.45 -2.03 -30.68
N GLN A 316 30.14 -2.52 -31.70
CA GLN A 316 29.53 -2.65 -33.02
C GLN A 316 29.20 -4.11 -33.32
N GLN A 317 30.03 -5.03 -32.85
CA GLN A 317 29.84 -6.45 -33.09
C GLN A 317 29.53 -7.18 -31.78
N ALA A 318 28.84 -8.31 -31.91
CA ALA A 318 28.56 -9.20 -30.81
C ALA A 318 29.86 -9.82 -30.31
N PRO A 319 29.93 -10.17 -29.00
CA PRO A 319 31.18 -10.77 -28.48
C PRO A 319 31.50 -12.12 -29.07
N VAL A 320 32.76 -12.31 -29.47
CA VAL A 320 33.13 -13.49 -30.24
C VAL A 320 33.63 -14.59 -29.32
N GLY A 321 34.49 -14.26 -28.36
CA GLY A 321 35.03 -15.27 -27.48
C GLY A 321 34.01 -15.78 -26.48
N MET A 322 34.23 -16.99 -26.01
CA MET A 322 33.34 -17.65 -25.07
C MET A 322 33.35 -17.11 -23.63
N PRO A 323 34.47 -16.69 -23.03
CA PRO A 323 34.33 -16.04 -21.71
C PRO A 323 33.76 -14.64 -21.77
N ASP A 324 33.71 -14.02 -22.93
CA ASP A 324 33.13 -12.68 -23.03
C ASP A 324 31.61 -12.75 -23.05
N VAL A 325 31.07 -13.79 -23.69
CA VAL A 325 29.62 -13.96 -23.83
C VAL A 325 28.98 -14.21 -22.47
N TRP A 326 29.51 -15.20 -21.74
CA TRP A 326 28.89 -15.60 -20.49
C TRP A 326 29.06 -14.55 -19.40
N LEU A 327 30.17 -13.82 -19.42
CA LEU A 327 30.38 -12.80 -18.41
C LEU A 327 29.59 -11.55 -18.73
N THR A 328 29.37 -11.27 -20.02
CA THR A 328 28.43 -10.22 -20.41
C THR A 328 27.02 -10.56 -19.97
N MET A 329 26.60 -11.82 -20.12
CA MET A 329 25.28 -12.24 -19.69
C MET A 329 25.11 -12.18 -18.18
N LEU A 330 26.16 -12.55 -17.43
CA LEU A 330 26.14 -12.42 -15.98
C LEU A 330 26.02 -10.96 -15.55
N SER A 331 26.75 -10.07 -16.22
CA SER A 331 26.66 -8.63 -15.92
C SER A 331 25.26 -8.09 -16.19
N MET A 332 24.62 -8.53 -17.28
CA MET A 332 23.28 -8.04 -17.60
C MET A 332 22.25 -8.52 -16.59
N ILE A 333 22.37 -9.78 -16.13
CA ILE A 333 21.42 -10.30 -15.15
C ILE A 333 21.58 -9.61 -13.80
N VAL A 334 22.83 -9.41 -13.35
CA VAL A 334 23.08 -8.74 -12.07
C VAL A 334 22.61 -7.29 -12.11
N GLY A 335 22.86 -6.59 -13.22
CA GLY A 335 22.39 -5.21 -13.33
C GLY A 335 20.88 -5.09 -13.39
N ALA A 336 20.22 -6.03 -14.07
CA ALA A 336 18.76 -6.00 -14.16
C ALA A 336 18.11 -6.22 -12.81
N THR A 337 18.61 -7.18 -12.02
CA THR A 337 17.99 -7.41 -10.72
C THR A 337 18.31 -6.30 -9.72
N CYS A 338 19.48 -5.67 -9.82
CA CYS A 338 19.77 -4.54 -8.95
C CYS A 338 18.91 -3.32 -9.30
N TYR A 339 18.65 -3.11 -10.58
CA TYR A 339 17.80 -1.97 -10.97
C TYR A 339 16.35 -2.21 -10.58
N ALA A 340 15.90 -3.48 -10.62
CA ALA A 340 14.55 -3.78 -10.15
C ALA A 340 14.40 -3.56 -8.64
N MET A 341 15.41 -3.94 -7.86
CA MET A 341 15.35 -3.66 -6.43
C MET A 341 15.43 -2.16 -6.13
N PHE A 342 16.14 -1.40 -6.97
CA PHE A 342 16.19 0.05 -6.78
C PHE A 342 14.84 0.70 -7.05
N ILE A 343 14.14 0.22 -8.08
CA ILE A 343 12.79 0.75 -8.36
C ILE A 343 11.83 0.41 -7.21
N GLY A 344 11.96 -0.80 -6.66
CA GLY A 344 11.13 -1.17 -5.52
C GLY A 344 11.38 -0.32 -4.29
N HIS A 345 12.64 -0.01 -4.00
CA HIS A 345 12.95 0.85 -2.86
C HIS A 345 12.51 2.29 -3.10
N ALA A 346 12.62 2.78 -4.34
CA ALA A 346 12.17 4.13 -4.63
C ALA A 346 10.66 4.27 -4.50
N THR A 347 9.92 3.23 -4.91
CA THR A 347 8.47 3.25 -4.73
C THR A 347 8.09 3.21 -3.26
N ALA A 348 8.78 2.38 -2.47
CA ALA A 348 8.50 2.32 -1.04
C ALA A 348 8.87 3.63 -0.33
N LEU A 349 9.85 4.36 -0.85
CA LEU A 349 10.19 5.65 -0.28
C LEU A 349 9.17 6.72 -0.66
N ILE A 350 8.68 6.70 -1.91
CA ILE A 350 7.74 7.72 -2.36
C ILE A 350 6.38 7.53 -1.70
N GLN A 351 5.98 6.29 -1.43
CA GLN A 351 4.66 6.06 -0.83
C GLN A 351 4.58 6.50 0.62
N SER A 352 5.72 6.75 1.27
CA SER A 352 5.68 7.12 2.68
C SER A 352 5.84 8.62 2.90
N LEU A 353 5.73 9.42 1.85
CA LEU A 353 5.98 10.86 2.00
C LEU A 353 4.72 11.61 2.39
N ASP A 354 3.58 11.26 1.81
CA ASP A 354 2.35 12.03 1.93
C ASP A 354 1.23 11.20 2.53
N SER A 355 1.51 10.53 3.65
CA SER A 355 0.57 9.57 4.23
C SER A 355 -0.66 10.26 4.79
N SER A 356 -0.47 11.35 5.53
CA SER A 356 -1.61 12.04 6.13
C SER A 356 -2.43 12.79 5.08
N ARG A 357 -1.83 13.12 3.94
CA ARG A 357 -2.59 13.67 2.83
C ARG A 357 -3.39 12.58 2.13
N ARG A 358 -2.84 11.36 2.07
CA ARG A 358 -3.47 10.29 1.30
C ARG A 358 -4.64 9.67 2.07
N GLN A 359 -4.51 9.58 3.39
CA GLN A 359 -5.57 8.96 4.18
C GLN A 359 -6.80 9.85 4.25
N TYR A 360 -6.61 11.18 4.18
CA TYR A 360 -7.75 12.08 4.04
C TYR A 360 -8.47 11.88 2.72
N GLN A 361 -7.72 11.63 1.65
CA GLN A 361 -8.34 11.40 0.35
C GLN A 361 -9.12 10.10 0.34
N GLU A 362 -8.58 9.05 0.97
CA GLU A 362 -9.32 7.78 1.05
C GLU A 362 -10.58 7.91 1.91
N LYS A 363 -10.48 8.66 3.01
CA LYS A 363 -11.65 8.90 3.85
C LYS A 363 -12.72 9.69 3.11
N TYR A 364 -12.32 10.67 2.29
CA TYR A 364 -13.32 11.44 1.57
C TYR A 364 -13.89 10.64 0.40
N LYS A 365 -13.12 9.70 -0.16
CA LYS A 365 -13.70 8.77 -1.13
C LYS A 365 -14.81 7.95 -0.51
N GLN A 366 -14.60 7.47 0.72
CA GLN A 366 -15.67 6.74 1.40
C GLN A 366 -16.84 7.64 1.76
N VAL A 367 -16.58 8.91 2.07
CA VAL A 367 -17.67 9.85 2.37
C VAL A 367 -18.54 10.09 1.15
N GLU A 368 -17.91 10.39 0.00
CA GLU A 368 -18.71 10.66 -1.19
C GLU A 368 -19.34 9.39 -1.74
N GLN A 369 -18.79 8.22 -1.39
CA GLN A 369 -19.48 6.98 -1.71
C GLN A 369 -20.74 6.80 -0.86
N TYR A 370 -20.66 7.15 0.43
CA TYR A 370 -21.86 7.16 1.28
C TYR A 370 -22.90 8.15 0.77
N MET A 371 -22.44 9.27 0.20
CA MET A 371 -23.36 10.22 -0.44
C MET A 371 -24.02 9.60 -1.65
N SER A 372 -23.25 8.88 -2.47
CA SER A 372 -23.78 8.34 -3.72
C SER A 372 -24.70 7.15 -3.49
N PHE A 373 -24.56 6.49 -2.34
CA PHE A 373 -25.41 5.32 -2.08
C PHE A 373 -26.85 5.73 -1.77
N HIS A 374 -27.04 6.77 -0.96
CA HIS A 374 -28.37 7.21 -0.56
C HIS A 374 -28.95 8.27 -1.49
N LYS A 375 -28.21 8.65 -2.54
CA LYS A 375 -28.65 9.56 -3.61
C LYS A 375 -29.04 10.93 -3.06
N LEU A 376 -28.08 11.57 -2.37
CA LEU A 376 -28.33 12.88 -1.77
C LEU A 376 -28.35 13.96 -2.85
N PRO A 377 -29.01 15.09 -2.60
CA PRO A 377 -28.95 16.20 -3.56
C PRO A 377 -27.58 16.84 -3.61
N ALA A 378 -27.40 17.73 -4.60
CA ALA A 378 -26.08 18.29 -4.87
C ALA A 378 -25.68 19.31 -3.82
N ASP A 379 -26.64 20.08 -3.30
CA ASP A 379 -26.32 21.11 -2.32
C ASP A 379 -25.88 20.52 -0.99
N THR A 380 -26.47 19.39 -0.60
CA THR A 380 -26.03 18.70 0.61
C THR A 380 -24.65 18.10 0.43
N ARG A 381 -24.35 17.59 -0.77
CA ARG A 381 -23.00 17.10 -1.07
C ARG A 381 -21.97 18.21 -0.94
N GLN A 382 -22.27 19.38 -1.50
CA GLN A 382 -21.38 20.53 -1.40
C GLN A 382 -21.22 20.98 0.04
N ARG A 383 -22.30 20.90 0.83
CA ARG A 383 -22.26 21.35 2.21
C ARG A 383 -21.42 20.42 3.08
N ILE A 384 -21.53 19.10 2.88
CA ILE A 384 -20.71 18.14 3.62
C ILE A 384 -19.24 18.27 3.21
N HIS A 385 -18.99 18.56 1.92
CA HIS A 385 -17.61 18.77 1.47
C HIS A 385 -16.99 20.00 2.12
N GLU A 386 -17.75 21.10 2.20
CA GLU A 386 -17.26 22.31 2.87
C GLU A 386 -17.03 22.07 4.35
N TYR A 387 -17.90 21.26 4.98
CA TYR A 387 -17.73 20.92 6.39
C TYR A 387 -16.44 20.14 6.63
N TYR A 388 -16.14 19.16 5.78
CA TYR A 388 -14.93 18.38 5.99
C TYR A 388 -13.67 19.19 5.65
N GLU A 389 -13.78 20.13 4.71
CA GLU A 389 -12.66 21.03 4.45
C GLU A 389 -12.39 21.94 5.65
N HIS A 390 -13.43 22.45 6.30
CA HIS A 390 -13.18 23.33 7.44
C HIS A 390 -12.99 22.55 8.73
N ARG A 391 -13.21 21.24 8.70
CA ARG A 391 -13.00 20.43 9.90
C ARG A 391 -11.60 19.82 9.93
N TYR A 392 -11.24 19.03 8.91
CA TYR A 392 -9.96 18.34 8.95
C TYR A 392 -8.86 19.04 8.17
N GLN A 393 -9.21 19.98 7.27
CA GLN A 393 -8.28 20.82 6.53
C GLN A 393 -7.33 20.00 5.65
N GLY A 394 -7.87 18.98 5.00
CA GLY A 394 -7.06 18.13 4.14
C GLY A 394 -6.08 17.25 4.86
N LYS A 395 -6.30 17.02 6.16
CA LYS A 395 -5.31 16.47 7.06
C LYS A 395 -5.98 15.48 8.01
N MET A 396 -5.52 14.23 7.99
CA MET A 396 -6.22 13.15 8.66
C MET A 396 -5.63 12.91 10.06
N PHE A 397 -6.51 12.87 11.06
CA PHE A 397 -6.15 12.52 12.42
C PHE A 397 -7.42 12.10 13.16
N ASP A 398 -7.23 11.48 14.32
CA ASP A 398 -8.34 10.97 15.13
C ASP A 398 -8.06 11.34 16.58
N GLU A 399 -8.75 12.37 17.08
CA GLU A 399 -8.35 13.01 18.34
C GLU A 399 -8.62 12.11 19.55
N GLU A 400 -9.60 11.21 19.45
CA GLU A 400 -9.99 10.41 20.61
C GLU A 400 -8.93 9.37 20.95
N SER A 401 -8.39 8.69 19.94
CA SER A 401 -7.35 7.69 20.20
C SER A 401 -6.04 8.34 20.61
N ILE A 402 -5.74 9.53 20.08
CA ILE A 402 -4.51 10.23 20.46
C ILE A 402 -4.60 10.70 21.91
N LEU A 403 -5.78 11.19 22.33
CA LEU A 403 -5.94 11.55 23.73
C LEU A 403 -6.00 10.32 24.63
N GLY A 404 -6.40 9.17 24.07
CA GLY A 404 -6.41 7.95 24.87
C GLY A 404 -5.02 7.38 25.11
N GLU A 405 -4.13 7.52 24.11
CA GLU A 405 -2.79 6.93 24.23
C GLU A 405 -1.89 7.69 25.20
N LEU A 406 -2.15 8.98 25.40
CA LEU A 406 -1.26 9.81 26.22
C LEU A 406 -1.41 9.50 27.69
N SER A 407 -0.48 10.03 28.49
CA SER A 407 -0.53 9.84 29.92
C SER A 407 -1.40 10.92 30.57
N GLU A 408 -1.51 10.85 31.89
CA GLU A 408 -2.34 11.80 32.62
C GLU A 408 -1.74 13.20 32.74
N PRO A 409 -0.43 13.41 32.97
CA PRO A 409 0.06 14.80 32.95
C PRO A 409 0.12 15.42 31.56
N LEU A 410 0.16 14.62 30.49
CA LEU A 410 0.24 15.18 29.15
C LEU A 410 -1.13 15.64 28.65
N ARG A 411 -2.20 14.97 29.08
CA ARG A 411 -3.53 15.41 28.70
C ARG A 411 -3.89 16.73 29.39
N GLU A 412 -3.39 16.93 30.61
CA GLU A 412 -3.72 18.14 31.35
C GLU A 412 -2.96 19.34 30.79
N GLU A 413 -1.79 19.11 30.20
CA GLU A 413 -0.98 20.21 29.68
C GLU A 413 -1.56 20.75 28.38
N ILE A 414 -2.18 19.89 27.57
CA ILE A 414 -2.75 20.33 26.30
C ILE A 414 -4.02 21.14 26.55
N ILE A 415 -4.83 20.72 27.52
CA ILE A 415 -6.08 21.40 27.82
C ILE A 415 -5.80 22.76 28.45
N ASN A 416 -4.70 22.88 29.21
CA ASN A 416 -4.37 24.16 29.83
C ASN A 416 -3.86 25.17 28.81
N PHE A 417 -3.54 24.73 27.59
CA PHE A 417 -3.19 25.67 26.54
C PHE A 417 -4.43 26.12 25.77
N THR A 418 -5.36 25.18 25.54
CA THR A 418 -6.46 25.48 24.61
C THR A 418 -7.72 25.92 25.35
N CYS A 419 -8.09 25.22 26.42
CA CYS A 419 -9.38 25.43 27.07
C CYS A 419 -9.31 26.29 28.32
N ARG A 420 -8.12 26.66 28.79
CA ARG A 420 -8.02 27.40 30.04
C ARG A 420 -8.43 28.86 29.85
N GLY A 421 -8.06 29.47 28.73
CA GLY A 421 -8.25 30.91 28.57
C GLY A 421 -9.70 31.30 28.32
N LEU A 422 -10.49 30.37 27.78
CA LEU A 422 -11.88 30.68 27.50
C LEU A 422 -12.74 30.58 28.75
N VAL A 423 -12.38 29.66 29.65
CA VAL A 423 -13.11 29.49 30.91
C VAL A 423 -12.78 30.62 31.88
N ALA A 424 -11.63 31.27 31.69
CA ALA A 424 -11.25 32.39 32.56
C ALA A 424 -12.11 33.62 32.30
N HIS A 425 -12.77 33.69 31.13
CA HIS A 425 -13.68 34.80 30.87
C HIS A 425 -14.94 34.70 31.71
N MET A 426 -15.38 33.48 32.01
CA MET A 426 -16.64 33.29 32.72
C MET A 426 -16.48 33.66 34.19
N PRO A 427 -17.36 34.48 34.75
CA PRO A 427 -17.16 34.94 36.13
C PRO A 427 -17.44 33.90 37.19
N LEU A 428 -18.22 32.86 36.87
CA LEU A 428 -18.53 31.84 37.86
C LEU A 428 -17.35 30.90 38.06
N PHE A 429 -16.61 30.60 36.99
CA PHE A 429 -15.51 29.65 37.09
C PHE A 429 -14.20 30.33 37.46
N ALA A 430 -14.17 31.66 37.49
CA ALA A 430 -12.92 32.36 37.79
C ALA A 430 -12.60 32.30 39.28
N HIS A 431 -13.63 32.32 40.13
CA HIS A 431 -13.42 32.34 41.56
C HIS A 431 -13.33 30.95 42.18
N ALA A 432 -13.39 29.89 41.37
CA ALA A 432 -13.38 28.54 41.88
C ALA A 432 -11.97 28.10 42.26
N ASP A 433 -11.91 26.99 42.99
CA ASP A 433 -10.64 26.33 43.27
C ASP A 433 -10.11 25.69 41.98
N PRO A 434 -8.79 25.57 41.84
CA PRO A 434 -8.26 24.92 40.62
C PRO A 434 -8.48 23.42 40.58
N SER A 435 -8.81 22.80 41.71
CA SER A 435 -9.13 21.37 41.69
C SER A 435 -10.50 21.12 41.07
N PHE A 436 -11.39 22.11 41.14
CA PHE A 436 -12.72 21.97 40.55
C PHE A 436 -12.70 22.24 39.05
N VAL A 437 -11.85 23.19 38.63
CA VAL A 437 -11.90 23.66 37.24
C VAL A 437 -11.31 22.62 36.30
N THR A 438 -10.26 21.92 36.73
CA THR A 438 -9.59 20.96 35.85
C THR A 438 -10.43 19.72 35.60
N ALA A 439 -11.36 19.40 36.50
CA ALA A 439 -12.27 18.29 36.25
C ALA A 439 -13.33 18.68 35.22
N VAL A 440 -13.67 19.98 35.16
CA VAL A 440 -14.61 20.46 34.14
C VAL A 440 -13.93 20.49 32.79
N LEU A 441 -12.64 20.82 32.76
CA LEU A 441 -11.93 21.07 31.50
C LEU A 441 -11.70 19.79 30.71
N THR A 442 -11.74 18.64 31.37
CA THR A 442 -11.50 17.38 30.65
C THR A 442 -12.72 16.95 29.86
N LYS A 443 -13.90 17.47 30.23
CA LYS A 443 -15.15 17.01 29.63
C LYS A 443 -15.66 17.94 28.54
N LEU A 444 -14.87 18.92 28.11
CA LEU A 444 -15.27 19.75 26.98
C LEU A 444 -15.07 18.98 25.68
N ARG A 445 -15.88 19.32 24.68
CA ARG A 445 -15.82 18.66 23.39
C ARG A 445 -15.73 19.71 22.29
N PHE A 446 -14.89 19.46 21.29
CA PHE A 446 -14.65 20.43 20.23
C PHE A 446 -15.66 20.25 19.10
N GLU A 447 -16.28 21.36 18.69
CA GLU A 447 -17.35 21.35 17.70
C GLU A 447 -17.09 22.42 16.66
N VAL A 448 -17.44 22.11 15.41
CA VAL A 448 -17.28 23.02 14.28
C VAL A 448 -18.63 23.20 13.61
N PHE A 449 -19.03 24.45 13.43
CA PHE A 449 -20.30 24.79 12.81
C PHE A 449 -20.07 25.56 11.51
N GLN A 450 -21.17 25.81 10.80
CA GLN A 450 -21.17 26.42 9.48
C GLN A 450 -21.90 27.74 9.55
N PRO A 451 -21.68 28.65 8.59
CA PRO A 451 -22.58 29.79 8.44
C PRO A 451 -23.97 29.33 8.00
N GLY A 452 -24.98 29.83 8.70
CA GLY A 452 -26.34 29.44 8.43
C GLY A 452 -26.91 28.41 9.38
N ASP A 453 -26.09 27.62 10.06
CA ASP A 453 -26.60 26.63 10.98
C ASP A 453 -27.11 27.28 12.25
N LEU A 454 -28.29 26.83 12.71
CA LEU A 454 -28.87 27.29 13.95
C LEU A 454 -28.25 26.47 15.07
N VAL A 455 -27.53 27.15 15.97
CA VAL A 455 -26.80 26.46 17.02
C VAL A 455 -27.75 26.00 18.11
N VAL A 456 -28.48 26.94 18.72
CA VAL A 456 -29.50 26.66 19.72
C VAL A 456 -30.83 27.12 19.16
N ARG A 457 -31.85 26.28 19.29
CA ARG A 457 -33.18 26.59 18.82
C ARG A 457 -34.12 26.83 20.00
N GLU A 458 -35.12 27.68 19.76
CA GLU A 458 -36.10 27.99 20.79
C GLU A 458 -37.05 26.81 21.00
N GLY A 459 -37.49 26.64 22.23
CA GLY A 459 -38.37 25.53 22.55
C GLY A 459 -37.67 24.23 22.85
N SER A 460 -36.36 24.27 23.04
CA SER A 460 -35.57 23.08 23.35
C SER A 460 -35.20 23.07 24.82
N VAL A 461 -34.69 21.92 25.28
CA VAL A 461 -34.41 21.76 26.71
C VAL A 461 -33.11 22.48 27.08
N GLY A 462 -32.19 22.61 26.13
CA GLY A 462 -30.94 23.31 26.40
C GLY A 462 -30.01 22.57 27.35
N ARG A 463 -29.52 21.40 26.95
CA ARG A 463 -28.71 20.58 27.86
C ARG A 463 -27.25 21.02 27.85
N LYS A 464 -26.83 21.74 26.82
CA LYS A 464 -25.40 21.99 26.62
C LYS A 464 -25.08 23.47 26.73
N MET A 465 -23.92 23.78 27.32
CA MET A 465 -23.40 25.13 27.42
C MET A 465 -22.21 25.27 26.49
N TYR A 466 -22.13 26.39 25.78
CA TYR A 466 -21.15 26.57 24.71
C TYR A 466 -20.21 27.73 25.03
N PHE A 467 -18.92 27.49 24.77
CA PHE A 467 -17.88 28.52 24.81
C PHE A 467 -17.40 28.76 23.39
N ILE A 468 -16.92 29.98 23.14
CA ILE A 468 -16.58 30.41 21.78
C ILE A 468 -15.08 30.62 21.71
N GLN A 469 -14.43 29.92 20.77
CA GLN A 469 -13.01 30.11 20.50
C GLN A 469 -12.76 30.99 19.30
N HIS A 470 -13.34 30.66 18.15
CA HIS A 470 -13.26 31.48 16.95
C HIS A 470 -14.65 31.69 16.38
N GLY A 471 -14.71 32.37 15.25
CA GLY A 471 -15.96 32.55 14.52
C GLY A 471 -16.80 33.68 15.10
N LEU A 472 -17.86 33.99 14.37
CA LEU A 472 -18.80 35.04 14.74
C LEU A 472 -20.22 34.50 14.62
N LEU A 473 -21.07 34.87 15.57
CA LEU A 473 -22.44 34.40 15.62
C LEU A 473 -23.32 35.47 16.25
N SER A 474 -24.63 35.32 16.05
CA SER A 474 -25.60 36.32 16.45
C SER A 474 -26.70 35.68 17.29
N VAL A 475 -27.16 36.42 18.30
CA VAL A 475 -28.29 35.98 19.12
C VAL A 475 -29.56 36.59 18.56
N LEU A 476 -30.67 35.86 18.67
CA LEU A 476 -31.94 36.35 18.14
C LEU A 476 -32.99 36.43 19.24
N ARG A 484 -24.45 40.42 18.17
CA ARG A 484 -23.18 39.85 17.72
C ARG A 484 -22.33 39.40 18.90
N LEU A 485 -21.80 38.20 18.82
CA LEU A 485 -20.89 37.66 19.83
C LEU A 485 -19.59 37.26 19.14
N THR A 486 -18.50 37.94 19.49
CA THR A 486 -17.21 37.69 18.87
C THR A 486 -16.50 36.55 19.62
N ASP A 487 -15.21 36.38 19.32
CA ASP A 487 -14.44 35.29 19.91
C ASP A 487 -14.18 35.54 21.39
N GLY A 488 -14.09 34.43 22.16
CA GLY A 488 -13.90 34.51 23.58
C GLY A 488 -15.18 34.61 24.39
N SER A 489 -16.33 34.72 23.74
CA SER A 489 -17.60 34.87 24.43
C SER A 489 -18.17 33.51 24.81
N TYR A 490 -19.42 33.53 25.26
CA TYR A 490 -20.14 32.33 25.67
C TYR A 490 -21.64 32.62 25.63
N PHE A 491 -22.43 31.57 25.45
CA PHE A 491 -23.89 31.69 25.44
C PHE A 491 -24.50 30.38 25.93
N GLY A 492 -25.74 30.47 26.41
CA GLY A 492 -26.41 29.31 26.96
C GLY A 492 -25.94 28.91 28.34
N GLU A 493 -25.38 29.84 29.11
CA GLU A 493 -24.83 29.50 30.41
C GLU A 493 -25.92 29.36 31.47
N ILE A 494 -26.93 30.23 31.41
CA ILE A 494 -27.95 30.27 32.46
C ILE A 494 -28.95 29.13 32.30
N CYS A 495 -29.02 28.52 31.11
CA CYS A 495 -29.96 27.45 30.88
C CYS A 495 -29.55 26.17 31.60
N LEU A 496 -28.24 25.95 31.75
CA LEU A 496 -27.78 24.76 32.45
C LEU A 496 -27.99 24.90 33.96
N LEU A 497 -28.01 26.15 34.46
CA LEU A 497 -28.27 26.35 35.88
C LEU A 497 -29.75 26.30 36.19
N THR A 498 -30.59 26.84 35.29
CA THR A 498 -32.03 26.89 35.58
C THR A 498 -32.73 25.60 35.19
N ARG A 499 -32.13 24.80 34.29
CA ARG A 499 -32.69 23.55 33.76
C ARG A 499 -34.07 23.76 33.13
N GLY A 500 -34.22 24.89 32.43
CA GLY A 500 -35.49 25.22 31.82
C GLY A 500 -35.37 25.33 30.31
N ARG A 501 -36.45 25.80 29.70
CA ARG A 501 -36.49 25.91 28.25
C ARG A 501 -35.69 27.12 27.78
N ARG A 502 -34.98 26.94 26.66
CA ARG A 502 -34.19 28.02 26.09
C ARG A 502 -35.09 29.09 25.49
N THR A 503 -34.70 30.35 25.67
CA THR A 503 -35.58 31.45 25.27
C THR A 503 -35.22 32.01 23.90
N ALA A 504 -33.93 32.12 23.60
CA ALA A 504 -33.47 32.75 22.37
C ALA A 504 -32.87 31.70 21.44
N SER A 505 -32.61 32.12 20.20
CA SER A 505 -32.04 31.25 19.18
C SER A 505 -30.76 31.88 18.65
N VAL A 506 -29.77 31.04 18.35
CA VAL A 506 -28.44 31.49 17.94
C VAL A 506 -28.15 30.95 16.54
N ARG A 507 -27.76 31.84 15.63
CA ARG A 507 -27.36 31.46 14.28
C ARG A 507 -25.91 31.88 14.06
N ALA A 508 -25.11 30.96 13.51
CA ALA A 508 -23.71 31.24 13.27
C ALA A 508 -23.53 32.05 11.98
N ASP A 509 -22.80 33.18 12.07
CA ASP A 509 -22.57 34.01 10.89
C ASP A 509 -21.49 33.43 10.00
N THR A 510 -20.53 32.70 10.59
CA THR A 510 -19.44 32.11 9.82
C THR A 510 -19.04 30.80 10.51
N TYR A 511 -17.92 30.23 10.05
CA TYR A 511 -17.43 28.99 10.60
C TYR A 511 -16.90 29.19 12.01
N CYS A 512 -17.52 28.51 12.97
CA CYS A 512 -17.23 28.69 14.38
C CYS A 512 -16.53 27.46 14.92
N ARG A 513 -15.71 27.66 15.95
CA ARG A 513 -15.08 26.59 16.69
C ARG A 513 -15.49 26.73 18.15
N LEU A 514 -16.23 25.73 18.66
CA LEU A 514 -16.85 25.85 19.95
C LEU A 514 -16.42 24.73 20.88
N TYR A 515 -16.55 24.98 22.17
CA TYR A 515 -16.32 23.98 23.22
C TYR A 515 -17.62 23.75 23.96
N SER A 516 -18.05 22.50 24.05
CA SER A 516 -19.37 22.15 24.54
C SER A 516 -19.25 21.45 25.89
N LEU A 517 -20.14 21.81 26.82
CA LEU A 517 -20.24 21.16 28.12
C LEU A 517 -21.69 20.77 28.35
N SER A 518 -21.93 19.47 28.52
CA SER A 518 -23.28 19.00 28.76
C SER A 518 -23.68 19.19 30.22
N VAL A 519 -24.93 18.87 30.54
CA VAL A 519 -25.43 19.11 31.89
C VAL A 519 -25.05 17.96 32.83
N ASP A 520 -25.01 16.73 32.31
CA ASP A 520 -24.66 15.59 33.14
C ASP A 520 -23.16 15.56 33.43
N HIS A 521 -22.36 16.02 32.47
CA HIS A 521 -20.91 16.09 32.67
C HIS A 521 -20.54 17.19 33.66
N PHE A 522 -21.43 18.15 33.87
CA PHE A 522 -21.20 19.16 34.89
C PHE A 522 -21.77 18.72 36.24
N ASN A 523 -22.87 17.95 36.21
CA ASN A 523 -23.44 17.45 37.45
C ASN A 523 -22.55 16.41 38.11
N ALA A 524 -21.80 15.66 37.31
CA ALA A 524 -20.84 14.71 37.88
C ALA A 524 -19.72 15.44 38.62
N VAL A 525 -19.26 16.57 38.08
CA VAL A 525 -18.20 17.32 38.74
C VAL A 525 -18.75 18.06 39.95
N LEU A 526 -20.02 18.48 39.90
CA LEU A 526 -20.66 19.02 41.10
C LEU A 526 -20.81 17.96 42.18
N GLU A 527 -21.03 16.71 41.78
CA GLU A 527 -21.06 15.61 42.75
C GLU A 527 -19.66 15.32 43.28
N GLU A 528 -18.63 15.64 42.51
CA GLU A 528 -17.26 15.40 42.97
C GLU A 528 -16.84 16.43 44.01
N PHE A 529 -17.43 17.61 44.00
CA PHE A 529 -17.03 18.69 44.90
C PHE A 529 -18.25 19.33 45.57
N PRO A 530 -18.51 19.06 46.84
CA PRO A 530 -19.72 19.62 47.47
C PRO A 530 -19.55 21.05 47.94
N MET A 531 -18.31 21.54 47.99
CA MET A 531 -18.07 22.93 48.37
C MET A 531 -18.50 23.88 47.26
N MET A 532 -18.28 23.50 45.99
CA MET A 532 -18.75 24.31 44.88
C MET A 532 -20.24 24.15 44.66
N ARG A 533 -20.82 23.04 45.14
CA ARG A 533 -22.25 22.82 45.00
C ARG A 533 -23.04 23.81 45.86
N ARG A 534 -22.46 24.23 46.99
CA ARG A 534 -23.12 25.21 47.85
C ARG A 534 -23.14 26.59 47.17
N ALA A 535 -22.12 26.88 46.37
CA ALA A 535 -22.02 28.21 45.75
C ALA A 535 -23.06 28.39 44.64
N PHE A 536 -23.31 27.35 43.86
CA PHE A 536 -24.32 27.46 42.80
C PHE A 536 -25.73 27.39 43.35
N GLU A 537 -25.89 26.90 44.59
CA GLU A 537 -27.19 27.00 45.25
C GLU A 537 -27.48 28.42 45.68
N THR A 538 -26.43 29.18 46.07
CA THR A 538 -26.63 30.57 46.43
C THR A 538 -26.87 31.43 45.21
N VAL A 539 -26.43 30.98 44.04
CA VAL A 539 -26.76 31.68 42.79
C VAL A 539 -28.22 31.46 42.44
N ALA A 540 -28.72 30.22 42.62
CA ALA A 540 -30.07 29.90 42.20
C ALA A 540 -31.12 30.52 43.12
N MET A 541 -30.75 30.84 44.36
CA MET A 541 -31.69 31.48 45.26
C MET A 541 -31.81 32.97 44.95
N ASP A 542 -30.76 33.58 44.40
CA ASP A 542 -30.79 35.02 44.14
C ASP A 542 -31.56 35.34 42.86
N ARG A 543 -31.39 34.52 41.83
CA ARG A 543 -31.99 34.79 40.54
C ARG A 543 -33.48 34.45 40.52
N GLY B 50 -2.10 -51.31 0.73
CA GLY B 50 -3.52 -51.05 0.73
C GLY B 50 -3.88 -49.67 1.28
N THR B 51 -3.19 -49.26 2.34
CA THR B 51 -3.45 -47.96 2.96
C THR B 51 -2.59 -46.84 2.40
N LEU B 52 -1.87 -47.08 1.30
CA LEU B 52 -1.09 -46.02 0.69
C LEU B 52 -1.93 -45.07 -0.14
N LEU B 53 -3.15 -45.46 -0.49
CA LEU B 53 -4.01 -44.61 -1.31
C LEU B 53 -4.90 -43.69 -0.48
N GLN B 54 -4.97 -43.92 0.80
CA GLN B 54 -5.78 -43.21 1.77
C GLN B 54 -4.96 -42.12 2.46
N PRO B 55 -5.57 -41.01 2.88
CA PRO B 55 -4.79 -39.96 3.53
C PRO B 55 -4.32 -40.35 4.92
N THR B 56 -3.01 -40.33 5.12
CA THR B 56 -2.42 -40.66 6.42
C THR B 56 -2.64 -39.52 7.41
N VAL B 57 -2.27 -39.76 8.66
CA VAL B 57 -2.48 -38.80 9.73
C VAL B 57 -1.15 -38.09 9.99
N ASN B 58 -1.01 -36.90 9.42
CA ASN B 58 0.15 -36.05 9.66
C ASN B 58 -0.36 -34.68 10.09
N LYS B 59 0.54 -33.71 10.16
CA LYS B 59 0.17 -32.37 10.61
C LYS B 59 -0.77 -31.69 9.61
N PHE B 60 -0.54 -31.92 8.31
CA PHE B 60 -1.39 -31.30 7.29
C PHE B 60 -2.80 -31.86 7.31
N SER B 61 -2.95 -33.18 7.49
CA SER B 61 -4.28 -33.78 7.49
C SER B 61 -5.05 -33.39 8.74
N LEU B 62 -4.36 -33.27 9.88
CA LEU B 62 -5.02 -32.80 11.09
C LEU B 62 -5.42 -31.33 10.98
N ARG B 63 -4.63 -30.54 10.25
CA ARG B 63 -4.99 -29.14 10.10
C ARG B 63 -6.12 -28.94 9.09
N VAL B 64 -6.20 -29.82 8.08
CA VAL B 64 -7.17 -29.58 7.02
C VAL B 64 -8.48 -30.32 7.29
N PHE B 65 -8.45 -31.33 8.18
CA PHE B 65 -9.69 -32.05 8.50
C PHE B 65 -10.16 -31.80 9.93
N GLY B 66 -9.31 -32.05 10.90
CA GLY B 66 -9.72 -31.91 12.29
C GLY B 66 -8.94 -32.90 13.15
N SER B 67 -9.67 -33.65 13.96
CA SER B 67 -9.03 -34.59 14.85
C SER B 67 -8.72 -35.89 14.11
N HIS B 68 -8.29 -36.90 14.90
CA HIS B 68 -8.03 -38.23 14.34
C HIS B 68 -9.32 -38.88 13.85
N LYS B 69 -10.42 -38.65 14.58
CA LYS B 69 -11.72 -39.17 14.17
C LYS B 69 -12.22 -38.45 12.93
N ALA B 70 -11.76 -37.22 12.69
CA ALA B 70 -12.15 -36.52 11.47
C ALA B 70 -11.42 -37.07 10.26
N VAL B 71 -10.22 -37.62 10.47
CA VAL B 71 -9.45 -38.21 9.37
C VAL B 71 -9.95 -39.63 9.09
N GLU B 72 -10.42 -40.33 10.13
CA GLU B 72 -10.97 -41.68 9.94
C GLU B 72 -12.22 -41.66 9.05
N ILE B 73 -13.00 -40.58 9.10
CA ILE B 73 -14.19 -40.48 8.25
C ILE B 73 -13.79 -40.31 6.79
N GLU B 74 -12.72 -39.56 6.53
CA GLU B 74 -12.23 -39.40 5.17
C GLU B 74 -11.62 -40.70 4.64
N GLN B 75 -10.96 -41.46 5.52
CA GLN B 75 -10.44 -42.76 5.11
C GLN B 75 -11.56 -43.74 4.80
N GLU B 76 -12.65 -43.69 5.58
CA GLU B 76 -13.82 -44.52 5.29
C GLU B 76 -14.51 -44.06 4.00
N ARG B 77 -14.43 -42.77 3.70
CA ARG B 77 -14.98 -42.25 2.45
C ARG B 77 -14.19 -42.73 1.25
N VAL B 78 -12.86 -42.82 1.39
CA VAL B 78 -12.04 -43.40 0.32
C VAL B 78 -12.34 -44.89 0.18
N LYS B 79 -12.58 -45.58 1.31
CA LYS B 79 -12.98 -46.98 1.27
C LYS B 79 -14.36 -47.16 0.62
N SER B 80 -15.24 -46.17 0.72
CA SER B 80 -16.59 -46.31 0.17
C SER B 80 -16.63 -46.06 -1.33
N ALA B 81 -15.49 -45.66 -1.91
CA ALA B 81 -15.38 -45.52 -3.35
C ALA B 81 -15.13 -46.87 -4.00
N GLY B 82 -14.68 -46.84 -5.26
CA GLY B 82 -14.55 -48.07 -6.03
C GLY B 82 -13.35 -48.91 -5.61
N ALA B 83 -12.88 -49.75 -6.55
CA ALA B 83 -11.92 -50.83 -6.30
C ALA B 83 -10.58 -50.23 -5.87
N TRP B 84 -9.93 -49.43 -6.70
CA TRP B 84 -8.69 -48.76 -6.33
C TRP B 84 -8.81 -47.29 -6.70
N ILE B 85 -9.05 -46.45 -5.71
CA ILE B 85 -9.24 -45.02 -5.89
C ILE B 85 -8.20 -44.29 -5.05
N ILE B 86 -7.48 -43.36 -5.69
CA ILE B 86 -6.40 -42.63 -5.07
C ILE B 86 -6.98 -41.36 -4.44
N HIS B 87 -6.56 -41.05 -3.21
CA HIS B 87 -6.92 -39.79 -2.62
C HIS B 87 -5.80 -38.78 -2.85
N PRO B 88 -6.15 -37.53 -3.20
CA PRO B 88 -5.10 -36.56 -3.60
C PRO B 88 -4.20 -36.07 -2.49
N TYR B 89 -4.46 -36.42 -1.24
CA TYR B 89 -3.57 -36.05 -0.15
C TYR B 89 -2.78 -37.24 0.39
N SER B 90 -2.81 -38.38 -0.32
CA SER B 90 -2.14 -39.57 0.17
C SER B 90 -0.64 -39.51 -0.13
N ASP B 91 0.06 -40.58 0.23
CA ASP B 91 1.51 -40.62 0.03
C ASP B 91 1.86 -41.10 -1.36
N PHE B 92 1.01 -41.94 -1.96
CA PHE B 92 1.25 -42.43 -3.31
C PHE B 92 1.23 -41.30 -4.32
N ARG B 93 0.26 -40.38 -4.19
CA ARG B 93 0.16 -39.26 -5.11
C ARG B 93 1.32 -38.29 -4.91
N PHE B 94 1.82 -38.17 -3.68
CA PHE B 94 2.96 -37.30 -3.42
C PHE B 94 4.23 -37.85 -4.04
N TYR B 95 4.49 -39.15 -3.87
CA TYR B 95 5.68 -39.76 -4.46
C TYR B 95 5.61 -39.75 -5.98
N TRP B 96 4.41 -40.01 -6.53
CA TRP B 96 4.24 -39.99 -7.97
C TRP B 96 4.42 -38.59 -8.53
N ASP B 97 3.91 -37.56 -7.85
CA ASP B 97 4.08 -36.20 -8.34
C ASP B 97 5.53 -35.73 -8.21
N LEU B 98 6.27 -36.25 -7.22
CA LEU B 98 7.69 -35.93 -7.13
C LEU B 98 8.47 -36.50 -8.31
N ILE B 99 8.22 -37.77 -8.64
CA ILE B 99 8.87 -38.42 -9.80
C ILE B 99 8.50 -37.69 -11.10
N MET B 100 7.22 -37.33 -11.25
CA MET B 100 6.80 -36.66 -12.47
C MET B 100 7.36 -35.25 -12.57
N LEU B 101 7.49 -34.52 -11.45
CA LEU B 101 8.07 -33.17 -11.53
C LEU B 101 9.55 -33.21 -11.90
N LEU B 102 10.29 -34.21 -11.39
CA LEU B 102 11.68 -34.36 -11.83
C LEU B 102 11.78 -34.69 -13.32
N LEU B 103 10.89 -35.56 -13.81
CA LEU B 103 10.90 -35.88 -15.25
C LEU B 103 10.53 -34.67 -16.11
N MET B 104 9.59 -33.84 -15.64
CA MET B 104 9.18 -32.69 -16.43
C MET B 104 10.28 -31.66 -16.52
N VAL B 105 11.00 -31.42 -15.41
CA VAL B 105 12.13 -30.49 -15.45
C VAL B 105 13.21 -31.00 -16.40
N GLY B 106 13.52 -32.30 -16.34
CA GLY B 106 14.51 -32.88 -17.24
C GLY B 106 14.12 -32.80 -18.71
N ASN B 107 12.86 -33.13 -19.03
CA ASN B 107 12.44 -33.11 -20.43
C ASN B 107 12.32 -31.68 -20.96
N LEU B 108 11.79 -30.75 -20.16
CA LEU B 108 11.62 -29.39 -20.66
C LEU B 108 12.94 -28.65 -20.77
N ILE B 109 14.00 -29.14 -20.11
CA ILE B 109 15.32 -28.57 -20.37
C ILE B 109 15.99 -29.24 -21.58
N VAL B 110 15.92 -30.57 -21.66
CA VAL B 110 16.76 -31.28 -22.64
C VAL B 110 16.13 -31.30 -24.04
N LEU B 111 14.81 -31.45 -24.13
CA LEU B 111 14.15 -31.68 -25.42
C LEU B 111 14.31 -30.59 -26.50
N PRO B 112 14.33 -29.28 -26.21
CA PRO B 112 14.60 -28.35 -27.32
C PRO B 112 16.03 -28.41 -27.84
N VAL B 113 17.00 -28.70 -26.96
CA VAL B 113 18.40 -28.68 -27.33
C VAL B 113 18.73 -29.88 -28.21
N GLY B 114 18.12 -31.02 -27.92
CA GLY B 114 18.35 -32.21 -28.74
C GLY B 114 17.71 -32.12 -30.11
N ILE B 115 16.64 -31.34 -30.22
CA ILE B 115 15.96 -31.20 -31.50
C ILE B 115 16.67 -30.17 -32.37
N THR B 116 17.00 -29.00 -31.80
CA THR B 116 17.41 -27.88 -32.63
C THR B 116 18.90 -27.92 -32.98
N PHE B 117 19.74 -28.42 -32.07
CA PHE B 117 21.19 -28.29 -32.26
C PHE B 117 21.89 -29.56 -32.71
N PHE B 118 21.19 -30.69 -32.78
CA PHE B 118 21.83 -31.95 -33.16
C PHE B 118 21.35 -32.42 -34.52
N LYS B 119 22.00 -33.46 -35.03
CA LYS B 119 21.86 -33.81 -36.43
C LYS B 119 20.57 -34.60 -36.70
N GLU B 120 20.43 -35.77 -36.10
CA GLU B 120 19.34 -36.67 -36.43
C GLU B 120 18.68 -37.20 -35.17
N GLU B 121 17.43 -37.62 -35.32
CA GLU B 121 16.66 -38.24 -34.25
C GLU B 121 16.71 -39.76 -34.31
N ASN B 122 17.78 -40.34 -34.86
CA ASN B 122 17.94 -41.77 -34.95
C ASN B 122 19.08 -42.30 -34.10
N SER B 123 19.70 -41.46 -33.28
CA SER B 123 20.81 -41.91 -32.46
C SER B 123 20.27 -42.75 -31.29
N PRO B 124 20.99 -43.78 -30.86
CA PRO B 124 20.43 -44.74 -29.89
C PRO B 124 20.21 -44.22 -28.48
N PRO B 125 20.96 -43.23 -27.94
CA PRO B 125 20.50 -42.68 -26.65
C PRO B 125 19.28 -41.79 -26.77
N TRP B 126 19.02 -41.23 -27.95
CA TRP B 126 17.90 -40.30 -28.09
C TRP B 126 16.58 -41.05 -28.21
N ILE B 127 16.62 -42.28 -28.71
CA ILE B 127 15.38 -43.06 -28.86
C ILE B 127 14.98 -43.66 -27.53
N VAL B 128 15.95 -44.16 -26.76
CA VAL B 128 15.66 -44.82 -25.48
C VAL B 128 15.16 -43.80 -24.46
N PHE B 129 15.69 -42.58 -24.53
CA PHE B 129 15.29 -41.55 -23.57
C PHE B 129 13.87 -41.06 -23.83
N ASN B 130 13.43 -41.08 -25.09
CA ASN B 130 12.10 -40.55 -25.40
C ASN B 130 11.02 -41.61 -25.27
N VAL B 131 11.36 -42.87 -25.51
CA VAL B 131 10.37 -43.94 -25.39
C VAL B 131 10.10 -44.23 -23.91
N LEU B 132 11.14 -44.25 -23.08
CA LEU B 132 10.94 -44.55 -21.67
C LEU B 132 10.33 -43.38 -20.92
N SER B 133 10.47 -42.16 -21.43
CA SER B 133 9.86 -41.02 -20.75
C SER B 133 8.39 -40.89 -21.12
N ASP B 134 8.05 -41.20 -22.38
CA ASP B 134 6.65 -41.07 -22.80
C ASP B 134 5.78 -42.20 -22.24
N THR B 135 6.41 -43.27 -21.77
CA THR B 135 5.68 -44.31 -21.07
C THR B 135 5.21 -43.80 -19.71
N PHE B 136 6.06 -43.05 -19.01
CA PHE B 136 5.70 -42.51 -17.71
C PHE B 136 4.68 -41.39 -17.82
N PHE B 137 4.75 -40.59 -18.88
CA PHE B 137 3.76 -39.54 -19.07
C PHE B 137 2.44 -40.11 -19.59
N LEU B 138 2.44 -41.35 -20.04
CA LEU B 138 1.19 -42.00 -20.43
C LEU B 138 0.53 -42.66 -19.23
N LEU B 139 1.32 -43.07 -18.23
CA LEU B 139 0.74 -43.57 -16.99
C LEU B 139 0.14 -42.45 -16.17
N ASP B 140 0.64 -41.23 -16.33
CA ASP B 140 0.07 -40.10 -15.61
C ASP B 140 -1.30 -39.72 -16.18
N LEU B 141 -1.53 -40.05 -17.46
CA LEU B 141 -2.85 -39.85 -18.04
C LEU B 141 -3.85 -40.86 -17.48
N VAL B 142 -3.41 -42.09 -17.23
CA VAL B 142 -4.30 -43.13 -16.76
C VAL B 142 -4.66 -42.90 -15.29
N LEU B 143 -3.69 -42.47 -14.48
CA LEU B 143 -3.92 -42.34 -13.05
C LEU B 143 -4.72 -41.09 -12.71
N ASN B 144 -4.95 -40.19 -13.67
CA ASN B 144 -5.76 -39.01 -13.39
C ASN B 144 -7.25 -39.31 -13.49
N PHE B 145 -7.60 -40.54 -13.91
CA PHE B 145 -9.00 -40.96 -13.90
C PHE B 145 -9.44 -41.40 -12.51
N ARG B 146 -8.51 -41.48 -11.56
CA ARG B 146 -8.83 -42.12 -10.29
C ARG B 146 -8.64 -41.19 -9.09
N THR B 147 -7.83 -40.15 -9.24
CA THR B 147 -7.40 -39.37 -8.07
C THR B 147 -8.49 -38.47 -7.53
N GLY B 148 -9.29 -37.88 -8.40
CA GLY B 148 -10.30 -36.99 -7.84
C GLY B 148 -9.76 -35.60 -7.57
N ILE B 149 -10.65 -34.62 -7.71
CA ILE B 149 -10.27 -33.22 -7.84
C ILE B 149 -10.62 -32.48 -6.57
N VAL B 150 -9.64 -31.79 -5.99
CA VAL B 150 -9.91 -30.92 -4.87
C VAL B 150 -10.60 -29.65 -5.36
N VAL B 151 -11.84 -29.46 -4.95
CA VAL B 151 -12.60 -28.27 -5.35
C VAL B 151 -12.58 -27.23 -4.24
N GLU B 156 -13.88 -32.43 -1.25
CA GLU B 156 -13.22 -33.08 -2.37
C GLU B 156 -14.20 -33.90 -3.20
N ILE B 157 -13.69 -34.49 -4.28
CA ILE B 157 -14.45 -35.41 -5.11
C ILE B 157 -13.71 -36.74 -5.08
N LEU B 158 -14.39 -37.80 -4.65
CA LEU B 158 -13.81 -39.14 -4.63
C LEU B 158 -14.67 -40.16 -5.36
N LEU B 159 -15.87 -39.78 -5.79
CA LEU B 159 -16.77 -40.72 -6.43
C LEU B 159 -16.34 -40.99 -7.87
N ALA B 160 -16.38 -42.26 -8.26
CA ALA B 160 -15.91 -42.69 -9.56
C ALA B 160 -16.97 -43.54 -10.23
N PRO B 161 -17.08 -43.49 -11.57
CA PRO B 161 -16.39 -42.59 -12.50
C PRO B 161 -17.26 -41.42 -12.93
N ARG B 162 -18.21 -41.04 -12.08
CA ARG B 162 -19.23 -40.07 -12.50
C ARG B 162 -18.66 -38.66 -12.56
N ALA B 163 -18.06 -38.19 -11.47
CA ALA B 163 -17.65 -36.80 -11.41
C ALA B 163 -16.20 -36.61 -11.85
N ILE B 164 -15.34 -37.59 -11.53
CA ILE B 164 -13.91 -37.47 -11.81
C ILE B 164 -13.65 -37.49 -13.32
N ARG B 165 -14.22 -38.48 -14.01
CA ARG B 165 -13.97 -38.67 -15.43
C ARG B 165 -14.56 -37.54 -16.25
N THR B 166 -15.78 -37.10 -15.93
CA THR B 166 -16.39 -36.02 -16.69
C THR B 166 -15.73 -34.67 -16.39
N ARG B 167 -15.34 -34.45 -15.13
CA ARG B 167 -14.68 -33.18 -14.79
C ARG B 167 -13.26 -33.14 -15.33
N TYR B 168 -12.67 -34.30 -15.61
CA TYR B 168 -11.35 -34.32 -16.23
C TYR B 168 -11.44 -34.18 -17.73
N LEU B 169 -12.44 -34.82 -18.35
CA LEU B 169 -12.62 -34.70 -19.80
C LEU B 169 -13.04 -33.29 -20.19
N ARG B 170 -13.80 -32.62 -19.33
CA ARG B 170 -14.25 -31.28 -19.68
C ARG B 170 -13.16 -30.23 -19.54
N THR B 171 -12.07 -30.52 -18.82
CA THR B 171 -11.09 -29.48 -18.55
C THR B 171 -9.72 -29.71 -19.19
N TRP B 172 -9.05 -30.82 -18.86
CA TRP B 172 -7.63 -30.95 -19.18
C TRP B 172 -7.26 -32.25 -19.89
N PHE B 173 -8.20 -32.92 -20.55
CA PHE B 173 -7.86 -34.20 -21.15
C PHE B 173 -7.12 -34.02 -22.46
N LEU B 174 -7.50 -33.01 -23.24
CA LEU B 174 -6.98 -32.88 -24.61
C LEU B 174 -5.50 -32.48 -24.59
N VAL B 175 -5.14 -31.56 -23.68
CA VAL B 175 -3.76 -31.09 -23.58
C VAL B 175 -2.85 -32.22 -23.11
N ASP B 176 -3.30 -32.99 -22.12
CA ASP B 176 -2.50 -34.10 -21.62
C ASP B 176 -2.39 -35.21 -22.64
N LEU B 177 -3.45 -35.41 -23.45
CA LEU B 177 -3.41 -36.40 -24.52
C LEU B 177 -2.41 -36.01 -25.60
N ILE B 178 -2.37 -34.72 -25.97
CA ILE B 178 -1.42 -34.27 -26.99
C ILE B 178 0.01 -34.34 -26.46
N SER B 179 0.21 -33.94 -25.20
CA SER B 179 1.57 -33.91 -24.65
C SER B 179 2.03 -35.29 -24.21
N SER B 180 1.15 -36.30 -24.26
CA SER B 180 1.53 -37.63 -23.82
C SER B 180 2.06 -38.50 -24.96
N ILE B 181 1.30 -38.61 -26.05
CA ILE B 181 1.57 -39.60 -27.09
C ILE B 181 2.72 -39.17 -28.00
N PRO B 182 3.50 -40.12 -28.56
CA PRO B 182 4.55 -39.80 -29.55
C PRO B 182 4.00 -39.54 -30.95
N VAL B 183 3.63 -38.28 -31.20
CA VAL B 183 2.93 -37.90 -32.42
C VAL B 183 3.86 -38.01 -33.63
N ASP B 184 5.12 -37.62 -33.47
CA ASP B 184 6.03 -37.58 -34.62
C ASP B 184 6.42 -38.97 -35.10
N TYR B 185 6.49 -39.94 -34.19
CA TYR B 185 6.83 -41.29 -34.60
C TYR B 185 5.69 -41.94 -35.39
N ILE B 186 4.45 -41.53 -35.12
CA ILE B 186 3.31 -42.01 -35.90
C ILE B 186 3.40 -41.52 -37.34
N PHE B 187 3.65 -40.23 -37.52
CA PHE B 187 3.79 -39.65 -38.85
C PHE B 187 5.06 -40.16 -39.55
N LEU B 188 6.04 -40.61 -38.77
CA LEU B 188 7.25 -41.17 -39.34
C LEU B 188 7.03 -42.61 -39.82
N VAL B 189 6.25 -43.38 -39.07
CA VAL B 189 5.98 -44.77 -39.46
C VAL B 189 5.01 -44.82 -40.64
N VAL B 190 3.99 -43.96 -40.63
CA VAL B 190 2.98 -43.97 -41.69
C VAL B 190 3.57 -43.52 -43.02
N GLU B 191 4.34 -42.45 -43.02
CA GLU B 191 4.98 -41.98 -44.25
C GLU B 191 6.16 -42.88 -44.63
N VAL B 210 10.45 -34.93 -43.28
CA VAL B 210 11.43 -35.25 -42.25
C VAL B 210 11.65 -34.03 -41.35
N ARG B 211 11.82 -32.87 -41.97
CA ARG B 211 11.96 -31.64 -41.20
C ARG B 211 10.61 -31.17 -40.66
N PHE B 212 9.51 -31.72 -41.19
CA PHE B 212 8.20 -31.40 -40.65
C PHE B 212 7.94 -32.17 -39.36
N THR B 213 8.72 -33.22 -39.10
CA THR B 213 8.56 -33.96 -37.85
C THR B 213 9.22 -33.22 -36.69
N LYS B 214 10.15 -32.32 -36.98
CA LYS B 214 10.77 -31.54 -35.90
C LYS B 214 9.79 -30.50 -35.35
N ILE B 215 8.80 -30.10 -36.13
CA ILE B 215 7.77 -29.21 -35.61
C ILE B 215 6.79 -30.00 -34.75
N LEU B 216 6.48 -31.24 -35.14
CA LEU B 216 5.53 -32.06 -34.39
C LEU B 216 6.15 -32.56 -33.09
N SER B 217 7.48 -32.65 -33.03
CA SER B 217 8.13 -33.07 -31.80
C SER B 217 8.06 -32.01 -30.71
N LEU B 218 7.74 -30.77 -31.06
CA LEU B 218 7.56 -29.73 -30.05
C LEU B 218 6.18 -29.75 -29.41
N LEU B 219 5.36 -30.76 -29.71
CA LEU B 219 4.13 -30.96 -28.95
C LEU B 219 4.41 -31.50 -27.55
N ARG B 220 5.62 -32.03 -27.33
CA ARG B 220 6.04 -32.45 -26.01
C ARG B 220 6.23 -31.29 -25.05
N LEU B 221 6.30 -30.06 -25.56
CA LEU B 221 6.43 -28.89 -24.70
C LEU B 221 5.11 -28.44 -24.11
N LEU B 222 4.01 -29.17 -24.35
CA LEU B 222 2.77 -28.92 -23.63
C LEU B 222 2.72 -29.62 -22.28
N ARG B 223 3.82 -30.25 -21.86
CA ARG B 223 3.97 -30.77 -20.51
C ARG B 223 4.24 -29.67 -19.50
N LEU B 224 4.38 -28.42 -19.95
CA LEU B 224 4.43 -27.29 -19.03
C LEU B 224 3.09 -27.07 -18.33
N SER B 225 1.99 -27.46 -18.97
CA SER B 225 0.68 -27.20 -18.39
C SER B 225 0.40 -28.08 -17.18
N ARG B 226 0.87 -29.32 -17.19
CA ARG B 226 0.72 -30.17 -16.00
C ARG B 226 1.85 -29.95 -15.01
N LEU B 227 2.92 -29.29 -15.43
CA LEU B 227 3.93 -28.84 -14.47
C LEU B 227 3.38 -27.70 -13.61
N ILE B 228 2.72 -26.72 -14.25
CA ILE B 228 2.17 -25.59 -13.52
C ILE B 228 1.06 -26.05 -12.58
N ARG B 229 0.30 -27.08 -12.98
CA ARG B 229 -0.70 -27.62 -12.08
C ARG B 229 -0.07 -28.35 -10.90
N TYR B 230 1.02 -29.08 -11.12
CA TYR B 230 1.55 -29.90 -10.03
C TYR B 230 2.38 -29.08 -9.05
N ILE B 231 2.90 -27.93 -9.47
CA ILE B 231 3.60 -27.06 -8.53
C ILE B 231 2.59 -26.35 -7.62
N HIS B 232 1.47 -25.90 -8.18
CA HIS B 232 0.48 -25.16 -7.40
C HIS B 232 -0.29 -26.09 -6.45
N GLN B 233 -0.28 -27.39 -6.72
CA GLN B 233 -0.92 -28.32 -5.80
C GLN B 233 -0.07 -28.55 -4.56
N TRP B 234 1.25 -28.46 -4.69
CA TRP B 234 2.12 -28.66 -3.52
C TRP B 234 2.20 -27.41 -2.67
N GLU B 235 2.22 -26.23 -3.29
CA GLU B 235 2.44 -25.01 -2.54
C GLU B 235 1.24 -24.67 -1.68
N GLU B 236 0.03 -24.94 -2.17
CA GLU B 236 -1.16 -24.73 -1.36
C GLU B 236 -1.24 -25.73 -0.21
N ILE B 237 -0.58 -26.88 -0.34
CA ILE B 237 -0.40 -27.77 0.80
C ILE B 237 0.62 -27.20 1.76
N PHE B 238 1.77 -26.78 1.25
CA PHE B 238 2.91 -26.42 2.09
C PHE B 238 2.83 -25.00 2.65
N HIS B 239 1.86 -24.20 2.21
CA HIS B 239 1.49 -23.03 2.98
C HIS B 239 0.70 -23.39 4.23
N MET B 240 0.09 -24.57 4.26
CA MET B 240 -0.70 -24.98 5.42
C MET B 240 0.13 -25.78 6.40
N THR B 241 1.10 -26.54 5.89
CA THR B 241 1.97 -27.32 6.78
C THR B 241 2.98 -26.42 7.49
N TYR B 242 3.60 -25.50 6.76
CA TYR B 242 4.63 -24.63 7.31
C TYR B 242 4.18 -23.18 7.23
N ASP B 243 4.97 -22.29 7.82
CA ASP B 243 4.72 -20.85 7.76
C ASP B 243 5.69 -20.23 6.76
N LEU B 244 5.16 -19.81 5.61
CA LEU B 244 5.98 -19.29 4.53
C LEU B 244 5.40 -17.96 4.06
N ALA B 245 6.29 -17.07 3.61
CA ALA B 245 5.85 -15.83 3.01
C ALA B 245 5.42 -16.08 1.58
N SER B 246 4.30 -15.46 1.19
CA SER B 246 3.72 -15.75 -0.13
C SER B 246 4.50 -15.06 -1.23
N ALA B 247 5.12 -13.92 -0.92
CA ALA B 247 5.84 -13.14 -1.93
C ALA B 247 7.08 -13.88 -2.41
N VAL B 248 7.75 -14.59 -1.49
CA VAL B 248 8.96 -15.33 -1.83
C VAL B 248 8.63 -16.50 -2.75
N VAL B 249 7.55 -17.21 -2.43
CA VAL B 249 7.10 -18.34 -3.23
C VAL B 249 6.69 -17.89 -4.63
N ARG B 250 5.97 -16.76 -4.71
CA ARG B 250 5.49 -16.29 -6.00
C ARG B 250 6.63 -15.73 -6.86
N ILE B 251 7.64 -15.12 -6.22
CA ILE B 251 8.75 -14.59 -7.01
C ILE B 251 9.69 -15.71 -7.45
N PHE B 252 9.76 -16.81 -6.68
CA PHE B 252 10.53 -17.96 -7.16
C PHE B 252 9.82 -18.65 -8.33
N ASN B 253 8.48 -18.67 -8.30
CA ASN B 253 7.74 -19.18 -9.46
C ASN B 253 7.98 -18.33 -10.70
N LEU B 254 8.03 -17.00 -10.52
CA LEU B 254 8.28 -16.11 -11.65
C LEU B 254 9.69 -16.26 -12.21
N ILE B 255 10.70 -16.40 -11.34
CA ILE B 255 12.08 -16.58 -11.79
C ILE B 255 12.23 -17.92 -12.54
N GLY B 256 11.59 -18.97 -12.02
CA GLY B 256 11.64 -20.26 -12.69
C GLY B 256 10.94 -20.26 -14.04
N MET B 257 9.92 -19.41 -14.20
CA MET B 257 9.29 -19.29 -15.50
C MET B 257 10.15 -18.47 -16.47
N MET B 258 10.78 -17.41 -15.98
CA MET B 258 11.58 -16.53 -16.84
C MET B 258 12.81 -17.23 -17.40
N LEU B 259 13.47 -18.06 -16.58
CA LEU B 259 14.62 -18.81 -17.06
C LEU B 259 14.23 -19.80 -18.16
N LEU B 260 13.07 -20.43 -18.02
CA LEU B 260 12.62 -21.41 -19.00
C LEU B 260 12.22 -20.74 -20.31
N LEU B 261 11.58 -19.57 -20.23
CA LEU B 261 11.24 -18.86 -21.46
C LEU B 261 12.47 -18.34 -22.18
N CYS B 262 13.49 -17.90 -21.43
CA CYS B 262 14.74 -17.47 -22.07
C CYS B 262 15.46 -18.65 -22.72
N HIS B 263 15.39 -19.83 -22.09
CA HIS B 263 16.00 -21.03 -22.68
C HIS B 263 15.31 -21.45 -23.98
N TRP B 264 13.97 -21.45 -23.98
CA TRP B 264 13.24 -21.81 -25.19
C TRP B 264 13.45 -20.78 -26.30
N ASP B 265 13.58 -19.51 -25.95
CA ASP B 265 13.84 -18.49 -26.96
C ASP B 265 15.25 -18.62 -27.52
N GLY B 266 16.21 -19.02 -26.67
CA GLY B 266 17.55 -19.30 -27.16
C GLY B 266 17.60 -20.47 -28.12
N CYS B 267 16.78 -21.49 -27.88
CA CYS B 267 16.70 -22.57 -28.85
C CYS B 267 15.97 -22.15 -30.13
N LEU B 268 14.99 -21.25 -30.01
CA LEU B 268 14.20 -20.86 -31.17
C LEU B 268 14.98 -19.97 -32.13
N GLN B 269 15.91 -19.16 -31.58
CA GLN B 269 16.74 -18.28 -32.41
C GLN B 269 17.61 -19.07 -33.39
N PHE B 270 17.97 -20.30 -33.03
CA PHE B 270 18.76 -21.11 -33.95
C PHE B 270 17.87 -22.08 -34.71
N LEU B 271 16.68 -22.39 -34.16
CA LEU B 271 15.75 -23.28 -34.85
C LEU B 271 15.22 -22.66 -36.13
N VAL B 272 14.95 -21.35 -36.12
CA VAL B 272 14.34 -20.72 -37.28
C VAL B 272 15.26 -20.67 -38.53
N PRO B 273 16.55 -20.30 -38.44
CA PRO B 273 17.37 -20.38 -39.67
C PRO B 273 17.72 -21.80 -40.10
N MET B 274 17.58 -22.80 -39.22
CA MET B 274 17.95 -24.16 -39.60
C MET B 274 16.91 -24.76 -40.55
N LEU B 275 15.64 -24.41 -40.36
CA LEU B 275 14.60 -24.94 -41.23
C LEU B 275 14.65 -24.30 -42.61
N GLN B 276 15.32 -23.16 -42.75
CA GLN B 276 15.49 -22.49 -44.02
C GLN B 276 16.83 -22.77 -44.66
N ASP B 277 17.56 -23.77 -44.17
CA ASP B 277 18.87 -24.21 -44.68
C ASP B 277 19.91 -23.09 -44.67
N PHE B 278 19.86 -22.24 -43.63
CA PHE B 278 20.82 -21.17 -43.34
C PHE B 278 20.97 -20.18 -44.49
N PRO B 279 20.01 -19.27 -44.67
CA PRO B 279 20.10 -18.26 -45.74
C PRO B 279 21.30 -17.34 -45.56
N PRO B 280 21.76 -16.65 -46.62
CA PRO B 280 22.97 -15.84 -46.47
C PRO B 280 22.78 -14.54 -45.71
N ASP B 281 21.56 -14.22 -45.29
CA ASP B 281 21.29 -13.00 -44.56
C ASP B 281 21.07 -13.22 -43.05
N CYS B 282 20.97 -14.47 -42.60
CA CYS B 282 20.74 -14.73 -41.18
C CYS B 282 22.01 -14.50 -40.39
N TRP B 283 21.89 -14.44 -39.06
CA TRP B 283 23.03 -14.11 -38.23
C TRP B 283 24.04 -15.25 -38.17
N VAL B 284 23.61 -16.48 -38.43
CA VAL B 284 24.51 -17.63 -38.37
C VAL B 284 25.48 -17.61 -39.54
N SER B 285 25.02 -17.21 -40.72
CA SER B 285 25.89 -17.15 -41.87
C SER B 285 26.73 -15.87 -41.89
N ILE B 286 26.23 -14.81 -41.27
CA ILE B 286 27.02 -13.58 -41.17
C ILE B 286 28.17 -13.78 -40.19
N ASN B 287 27.91 -14.37 -39.04
CA ASN B 287 28.96 -14.56 -38.05
C ASN B 287 29.79 -15.81 -38.29
N HIS B 288 29.49 -16.58 -39.34
CA HIS B 288 30.28 -17.74 -39.80
C HIS B 288 30.41 -18.82 -38.73
N MET B 289 29.27 -19.30 -38.24
CA MET B 289 29.24 -20.35 -37.22
C MET B 289 28.30 -21.49 -37.59
N VAL B 290 28.33 -21.92 -38.84
CA VAL B 290 27.45 -23.00 -39.26
C VAL B 290 28.00 -24.34 -38.80
N ASN B 291 29.32 -24.49 -38.79
CA ASN B 291 29.96 -25.79 -38.55
C ASN B 291 30.74 -25.86 -37.25
N HIS B 292 30.43 -25.03 -36.26
CA HIS B 292 31.07 -25.19 -34.96
C HIS B 292 30.31 -26.21 -34.11
N SER B 293 30.73 -26.32 -32.85
CA SER B 293 30.09 -27.27 -31.95
C SER B 293 28.75 -26.73 -31.48
N TRP B 294 27.97 -27.59 -30.82
CA TRP B 294 26.63 -27.20 -30.41
C TRP B 294 26.66 -26.28 -29.21
N GLY B 295 27.72 -26.34 -28.41
CA GLY B 295 27.85 -25.48 -27.25
C GLY B 295 28.08 -24.02 -27.62
N ARG B 296 28.91 -23.80 -28.63
CA ARG B 296 29.20 -22.44 -29.09
C ARG B 296 27.99 -21.83 -29.78
N GLN B 297 27.29 -22.63 -30.59
CA GLN B 297 26.06 -22.19 -31.23
C GLN B 297 24.98 -21.88 -30.20
N TYR B 298 24.87 -22.72 -29.16
CA TYR B 298 23.91 -22.46 -28.10
C TYR B 298 24.25 -21.21 -27.31
N SER B 299 25.53 -20.95 -27.08
CA SER B 299 25.92 -19.76 -26.34
C SER B 299 25.61 -18.49 -27.12
N HIS B 300 25.91 -18.47 -28.42
CA HIS B 300 25.61 -17.28 -29.21
C HIS B 300 24.10 -17.09 -29.40
N ALA B 301 23.34 -18.19 -29.55
CA ALA B 301 21.89 -18.07 -29.69
C ALA B 301 21.24 -17.60 -28.40
N LEU B 302 21.76 -18.06 -27.26
CA LEU B 302 21.21 -17.62 -25.98
C LEU B 302 21.58 -16.18 -25.68
N PHE B 303 22.77 -15.74 -26.12
CA PHE B 303 23.12 -14.33 -25.97
C PHE B 303 22.19 -13.44 -26.80
N LYS B 304 21.88 -13.87 -28.02
CA LYS B 304 20.96 -13.10 -28.86
C LYS B 304 19.56 -13.04 -28.25
N ALA B 305 19.07 -14.18 -27.72
CA ALA B 305 17.72 -14.21 -27.15
C ALA B 305 17.65 -13.43 -25.85
N MET B 306 18.73 -13.42 -25.07
CA MET B 306 18.72 -12.66 -23.82
C MET B 306 18.86 -11.17 -24.08
N SER B 307 19.61 -10.78 -25.12
CA SER B 307 19.69 -9.36 -25.44
C SER B 307 18.38 -8.86 -26.03
N HIS B 308 17.63 -9.72 -26.71
CA HIS B 308 16.27 -9.33 -27.11
C HIS B 308 15.32 -9.33 -25.93
N MET B 309 15.58 -10.21 -24.95
CA MET B 309 14.66 -10.37 -23.83
C MET B 309 14.77 -9.20 -22.85
N LEU B 310 16.00 -8.80 -22.52
CA LEU B 310 16.25 -7.68 -21.62
C LEU B 310 16.26 -6.33 -22.31
N CYS B 311 15.85 -6.28 -23.58
CA CYS B 311 15.69 -5.06 -24.37
C CYS B 311 16.99 -4.29 -24.56
N ILE B 312 18.03 -4.97 -25.08
CA ILE B 312 19.35 -4.35 -25.17
C ILE B 312 19.55 -3.69 -26.52
N GLY B 313 19.54 -4.48 -27.58
CA GLY B 313 19.97 -4.01 -28.88
C GLY B 313 21.09 -4.88 -29.40
N TYR B 314 20.88 -5.53 -30.55
CA TYR B 314 21.76 -6.57 -31.03
C TYR B 314 22.29 -6.22 -32.41
N GLY B 315 23.53 -6.60 -32.67
CA GLY B 315 24.06 -6.57 -34.02
C GLY B 315 24.41 -5.18 -34.51
N GLN B 316 24.78 -5.11 -35.79
CA GLN B 316 25.09 -3.83 -36.41
C GLN B 316 23.98 -3.38 -37.34
N GLN B 317 23.32 -4.33 -38.01
CA GLN B 317 22.25 -4.03 -38.95
C GLN B 317 20.93 -4.58 -38.42
N ALA B 318 19.84 -3.93 -38.87
CA ALA B 318 18.49 -4.37 -38.59
C ALA B 318 18.23 -5.71 -39.27
N PRO B 319 17.33 -6.57 -38.70
CA PRO B 319 17.07 -7.87 -39.32
C PRO B 319 16.42 -7.77 -40.69
N VAL B 320 16.92 -8.55 -41.64
CA VAL B 320 16.52 -8.38 -43.04
C VAL B 320 15.37 -9.33 -43.38
N GLY B 321 15.48 -10.58 -42.96
CA GLY B 321 14.45 -11.55 -43.28
C GLY B 321 13.19 -11.33 -42.49
N MET B 322 12.08 -11.79 -43.04
CA MET B 322 10.76 -11.64 -42.43
C MET B 322 10.49 -12.50 -41.19
N PRO B 323 10.93 -13.77 -41.09
CA PRO B 323 10.73 -14.45 -39.79
C PRO B 323 11.67 -13.96 -38.70
N ASP B 324 12.72 -13.22 -39.02
CA ASP B 324 13.60 -12.70 -37.99
C ASP B 324 12.99 -11.47 -37.32
N VAL B 325 12.30 -10.64 -38.12
CA VAL B 325 11.70 -9.41 -37.62
C VAL B 325 10.58 -9.71 -36.62
N TRP B 326 9.65 -10.57 -37.01
CA TRP B 326 8.47 -10.83 -36.18
C TRP B 326 8.83 -11.62 -34.93
N LEU B 327 9.82 -12.50 -35.02
CA LEU B 327 10.20 -13.27 -33.86
C LEU B 327 11.06 -12.44 -32.91
N THR B 328 11.84 -11.50 -33.44
CA THR B 328 12.52 -10.51 -32.61
C THR B 328 11.51 -9.64 -31.85
N MET B 329 10.44 -9.22 -32.54
CA MET B 329 9.40 -8.41 -31.89
C MET B 329 8.65 -9.19 -30.82
N LEU B 330 8.37 -10.48 -31.09
CA LEU B 330 7.75 -11.33 -30.08
C LEU B 330 8.64 -11.49 -28.85
N SER B 331 9.95 -11.67 -29.07
CA SER B 331 10.89 -11.78 -27.96
C SER B 331 10.94 -10.50 -27.13
N MET B 332 10.91 -9.34 -27.79
CA MET B 332 10.95 -8.07 -27.05
C MET B 332 9.68 -7.86 -26.23
N ILE B 333 8.52 -8.22 -26.77
CA ILE B 333 7.27 -8.05 -26.03
C ILE B 333 7.21 -9.00 -24.81
N VAL B 334 7.61 -10.26 -25.01
CA VAL B 334 7.59 -11.23 -23.90
C VAL B 334 8.59 -10.83 -22.80
N GLY B 335 9.77 -10.36 -23.20
CA GLY B 335 10.74 -9.92 -22.20
C GLY B 335 10.32 -8.67 -21.45
N ALA B 336 9.66 -7.73 -22.15
CA ALA B 336 9.20 -6.52 -21.49
C ALA B 336 8.11 -6.81 -20.46
N THR B 337 7.15 -7.68 -20.80
CA THR B 337 6.10 -7.96 -19.83
C THR B 337 6.60 -8.82 -18.66
N CYS B 338 7.58 -9.69 -18.90
CA CYS B 338 8.15 -10.45 -17.78
C CYS B 338 8.97 -9.56 -16.85
N TYR B 339 9.67 -8.57 -17.41
CA TYR B 339 10.44 -7.67 -16.55
C TYR B 339 9.51 -6.74 -15.76
N ALA B 340 8.38 -6.36 -16.34
CA ALA B 340 7.41 -5.55 -15.61
C ALA B 340 6.79 -6.33 -14.44
N MET B 341 6.48 -7.62 -14.67
CA MET B 341 5.97 -8.43 -13.55
C MET B 341 7.03 -8.67 -12.49
N PHE B 342 8.31 -8.74 -12.89
CA PHE B 342 9.37 -8.90 -11.90
C PHE B 342 9.53 -7.65 -11.03
N ILE B 343 9.40 -6.47 -11.64
CA ILE B 343 9.45 -5.22 -10.86
C ILE B 343 8.26 -5.15 -9.89
N GLY B 344 7.09 -5.58 -10.35
CA GLY B 344 5.92 -5.60 -9.47
C GLY B 344 6.09 -6.52 -8.27
N HIS B 345 6.65 -7.72 -8.51
CA HIS B 345 6.88 -8.65 -7.41
C HIS B 345 7.96 -8.16 -6.46
N ALA B 346 9.00 -7.50 -7.00
CA ALA B 346 10.06 -6.97 -6.13
C ALA B 346 9.53 -5.83 -5.26
N THR B 347 8.65 -4.99 -5.80
CA THR B 347 8.03 -3.93 -5.00
C THR B 347 7.14 -4.51 -3.91
N ALA B 348 6.36 -5.55 -4.24
CA ALA B 348 5.50 -6.18 -3.24
C ALA B 348 6.31 -6.90 -2.17
N LEU B 349 7.51 -7.37 -2.52
CA LEU B 349 8.38 -7.99 -1.52
C LEU B 349 9.02 -6.95 -0.62
N ILE B 350 9.43 -5.81 -1.18
CA ILE B 350 10.12 -4.78 -0.40
C ILE B 350 9.15 -4.08 0.55
N GLN B 351 7.89 -3.93 0.14
CA GLN B 351 6.92 -3.23 1.00
C GLN B 351 6.52 -4.04 2.23
N SER B 352 6.83 -5.34 2.25
CA SER B 352 6.41 -6.15 3.38
C SER B 352 7.53 -6.41 4.38
N LEU B 353 8.66 -5.70 4.26
CA LEU B 353 9.80 -5.99 5.12
C LEU B 353 9.74 -5.22 6.43
N ASP B 354 9.33 -3.96 6.38
CA ASP B 354 9.42 -3.04 7.51
C ASP B 354 8.05 -2.50 7.90
N SER B 355 7.09 -3.40 8.07
CA SER B 355 5.70 -3.00 8.28
C SER B 355 5.50 -2.35 9.65
N SER B 356 6.07 -2.94 10.70
CA SER B 356 5.90 -2.39 12.04
C SER B 356 6.70 -1.10 12.23
N ARG B 357 7.75 -0.91 11.42
CA ARG B 357 8.44 0.37 11.43
C ARG B 357 7.64 1.44 10.69
N ARG B 358 6.90 1.03 9.65
CA ARG B 358 6.22 2.00 8.80
C ARG B 358 4.92 2.46 9.44
N GLN B 359 4.24 1.57 10.17
CA GLN B 359 2.97 1.95 10.78
C GLN B 359 3.19 2.89 11.96
N TYR B 360 4.34 2.78 12.64
CA TYR B 360 4.70 3.77 13.65
C TYR B 360 4.92 5.14 13.03
N GLN B 361 5.54 5.19 11.85
CA GLN B 361 5.77 6.46 11.18
C GLN B 361 4.46 7.10 10.74
N GLU B 362 3.51 6.29 10.24
CA GLU B 362 2.21 6.82 9.86
C GLU B 362 1.42 7.32 11.06
N LYS B 363 1.50 6.58 12.18
CA LYS B 363 0.84 7.02 13.41
C LYS B 363 1.43 8.31 13.94
N TYR B 364 2.76 8.48 13.84
CA TYR B 364 3.35 9.72 14.33
C TYR B 364 3.10 10.88 13.37
N LYS B 365 2.92 10.60 12.07
CA LYS B 365 2.45 11.64 11.16
C LYS B 365 1.07 12.16 11.56
N GLN B 366 0.17 11.25 11.96
CA GLN B 366 -1.14 11.70 12.43
C GLN B 366 -1.04 12.43 13.77
N VAL B 367 -0.09 12.03 14.63
CA VAL B 367 0.09 12.72 15.91
C VAL B 367 0.58 14.15 15.71
N GLU B 368 1.60 14.33 14.87
CA GLU B 368 2.12 15.68 14.65
C GLU B 368 1.15 16.52 13.82
N GLN B 369 0.26 15.87 13.07
CA GLN B 369 -0.81 16.62 12.43
C GLN B 369 -1.84 17.11 13.44
N TYR B 370 -2.17 16.28 14.45
CA TYR B 370 -3.01 16.73 15.54
C TYR B 370 -2.37 17.87 16.32
N MET B 371 -1.04 17.83 16.44
CA MET B 371 -0.32 18.95 17.05
C MET B 371 -0.46 20.22 16.23
N SER B 372 -0.33 20.08 14.90
CA SER B 372 -0.33 21.26 14.03
C SER B 372 -1.73 21.85 13.87
N PHE B 373 -2.77 21.06 14.13
CA PHE B 373 -4.12 21.58 13.98
C PHE B 373 -4.48 22.55 15.11
N HIS B 374 -4.14 22.21 16.34
CA HIS B 374 -4.47 23.04 17.49
C HIS B 374 -3.40 24.07 17.83
N LYS B 375 -2.31 24.10 17.04
CA LYS B 375 -1.22 25.09 17.16
C LYS B 375 -0.56 25.07 18.54
N LEU B 376 -0.04 23.90 18.91
CA LEU B 376 0.60 23.73 20.19
C LEU B 376 1.98 24.39 20.20
N PRO B 377 2.51 24.76 21.36
CA PRO B 377 3.87 25.30 21.42
C PRO B 377 4.91 24.23 21.12
N ALA B 378 6.16 24.68 20.96
CA ALA B 378 7.23 23.79 20.52
C ALA B 378 7.66 22.83 21.62
N ASP B 379 7.66 23.29 22.87
CA ASP B 379 8.11 22.45 23.98
C ASP B 379 7.14 21.30 24.24
N THR B 380 5.84 21.54 24.07
CA THR B 380 4.87 20.47 24.21
C THR B 380 4.99 19.46 23.06
N ARG B 381 5.29 19.94 21.85
CA ARG B 381 5.54 19.04 20.72
C ARG B 381 6.74 18.14 20.99
N GLN B 382 7.83 18.72 21.51
CA GLN B 382 9.01 17.94 21.86
C GLN B 382 8.71 16.95 22.97
N ARG B 383 7.88 17.34 23.93
CA ARG B 383 7.56 16.47 25.05
C ARG B 383 6.70 15.29 24.64
N ILE B 384 5.73 15.51 23.75
CA ILE B 384 4.91 14.40 23.24
C ILE B 384 5.75 13.47 22.37
N HIS B 385 6.70 14.04 21.61
CA HIS B 385 7.59 13.21 20.80
C HIS B 385 8.48 12.32 21.68
N GLU B 386 9.02 12.88 22.77
CA GLU B 386 9.83 12.09 23.70
C GLU B 386 8.98 11.02 24.38
N TYR B 387 7.73 11.33 24.69
CA TYR B 387 6.82 10.35 25.28
C TYR B 387 6.57 9.17 24.35
N TYR B 388 6.32 9.45 23.07
CA TYR B 388 6.06 8.35 22.14
C TYR B 388 7.31 7.55 21.84
N GLU B 389 8.48 8.20 21.88
CA GLU B 389 9.74 7.46 21.75
C GLU B 389 9.96 6.51 22.91
N HIS B 390 9.66 6.95 24.13
CA HIS B 390 9.88 6.08 25.28
C HIS B 390 8.70 5.14 25.53
N ARG B 391 7.60 5.35 24.81
CA ARG B 391 6.45 4.46 24.96
C ARG B 391 6.47 3.32 23.95
N TYR B 392 6.49 3.65 22.65
CA TYR B 392 6.40 2.60 21.64
C TYR B 392 7.74 2.18 21.06
N GLN B 393 8.78 3.01 21.24
CA GLN B 393 10.17 2.70 20.84
C GLN B 393 10.30 2.47 19.34
N GLY B 394 9.62 3.29 18.55
CA GLY B 394 9.67 3.17 17.11
C GLY B 394 8.99 1.94 16.56
N LYS B 395 8.08 1.34 17.33
CA LYS B 395 7.57 0.00 17.10
C LYS B 395 6.07 -0.03 17.40
N MET B 396 5.26 -0.37 16.41
CA MET B 396 3.82 -0.22 16.50
C MET B 396 3.16 -1.52 16.96
N PHE B 397 2.32 -1.42 17.97
CA PHE B 397 1.49 -2.53 18.44
C PHE B 397 0.34 -1.95 19.24
N ASP B 398 -0.66 -2.79 19.51
CA ASP B 398 -1.87 -2.39 20.23
C ASP B 398 -2.18 -3.49 21.25
N GLU B 399 -1.88 -3.24 22.52
CA GLU B 399 -1.85 -4.31 23.52
C GLU B 399 -3.25 -4.83 23.85
N GLU B 400 -4.26 -3.99 23.70
CA GLU B 400 -5.62 -4.36 24.12
C GLU B 400 -6.21 -5.42 23.20
N SER B 401 -6.05 -5.25 21.89
CA SER B 401 -6.59 -6.22 20.94
C SER B 401 -5.79 -7.53 20.99
N ILE B 402 -4.48 -7.45 21.24
CA ILE B 402 -3.66 -8.65 21.34
C ILE B 402 -4.04 -9.45 22.57
N LEU B 403 -4.29 -8.77 23.69
CA LEU B 403 -4.77 -9.47 24.87
C LEU B 403 -6.20 -9.96 24.71
N GLY B 404 -6.97 -9.32 23.85
CA GLY B 404 -8.33 -9.79 23.60
C GLY B 404 -8.39 -11.03 22.75
N GLU B 405 -7.46 -11.16 21.78
CA GLU B 405 -7.49 -12.29 20.87
C GLU B 405 -7.04 -13.59 21.53
N LEU B 406 -6.21 -13.51 22.57
CA LEU B 406 -5.64 -14.71 23.16
C LEU B 406 -6.66 -15.48 23.98
N SER B 407 -6.29 -16.69 24.36
CA SER B 407 -7.17 -17.51 25.18
C SER B 407 -6.96 -17.20 26.66
N GLU B 408 -7.70 -17.91 27.50
CA GLU B 408 -7.62 -17.68 28.93
C GLU B 408 -6.35 -18.23 29.58
N PRO B 409 -5.82 -19.43 29.24
CA PRO B 409 -4.53 -19.81 29.86
C PRO B 409 -3.34 -19.02 29.33
N LEU B 410 -3.43 -18.41 28.15
CA LEU B 410 -2.29 -17.67 27.62
C LEU B 410 -2.19 -16.28 28.22
N ARG B 411 -3.33 -15.68 28.59
CA ARG B 411 -3.28 -14.38 29.26
C ARG B 411 -2.72 -14.51 30.66
N GLU B 412 -2.97 -15.64 31.32
CA GLU B 412 -2.51 -15.82 32.69
C GLU B 412 -1.00 -16.10 32.72
N GLU B 413 -0.47 -16.68 31.65
CA GLU B 413 0.95 -17.01 31.62
C GLU B 413 1.82 -15.77 31.41
N ILE B 414 1.30 -14.79 30.65
CA ILE B 414 2.07 -13.58 30.39
C ILE B 414 2.11 -12.70 31.65
N ILE B 415 1.00 -12.64 32.39
CA ILE B 415 0.94 -11.82 33.59
C ILE B 415 1.80 -12.42 34.70
N ASN B 416 1.93 -13.75 34.72
CA ASN B 416 2.75 -14.40 35.75
C ASN B 416 4.23 -14.20 35.48
N PHE B 417 4.60 -13.73 34.29
CA PHE B 417 5.99 -13.37 34.04
C PHE B 417 6.26 -11.92 34.42
N THR B 418 5.31 -11.02 34.13
CA THR B 418 5.58 -9.60 34.26
C THR B 418 5.10 -9.04 35.59
N CYS B 419 3.89 -9.37 35.99
CA CYS B 419 3.26 -8.73 37.15
C CYS B 419 3.36 -9.54 38.44
N ARG B 420 3.85 -10.77 38.40
CA ARG B 420 3.86 -11.60 39.59
C ARG B 420 4.94 -11.16 40.58
N GLY B 421 6.12 -10.79 40.06
CA GLY B 421 7.25 -10.54 40.94
C GLY B 421 7.15 -9.24 41.71
N LEU B 422 6.39 -8.28 41.17
CA LEU B 422 6.26 -6.99 41.84
C LEU B 422 5.25 -7.07 42.98
N VAL B 423 4.21 -7.89 42.81
CA VAL B 423 3.20 -8.05 43.84
C VAL B 423 3.73 -8.90 44.99
N ALA B 424 4.75 -9.70 44.73
CA ALA B 424 5.35 -10.53 45.78
C ALA B 424 6.14 -9.69 46.79
N HIS B 425 6.51 -8.47 46.41
CA HIS B 425 7.19 -7.57 47.35
C HIS B 425 6.22 -7.07 48.42
N MET B 426 4.96 -6.89 48.07
CA MET B 426 3.99 -6.31 48.99
C MET B 426 3.62 -7.33 50.06
N PRO B 427 3.66 -6.95 51.35
CA PRO B 427 3.43 -7.95 52.40
C PRO B 427 1.98 -8.36 52.56
N LEU B 428 1.03 -7.54 52.09
CA LEU B 428 -0.38 -7.88 52.23
C LEU B 428 -0.79 -8.95 51.21
N PHE B 429 -0.22 -8.89 50.01
CA PHE B 429 -0.62 -9.84 48.97
C PHE B 429 0.22 -11.11 49.00
N ALA B 430 1.26 -11.15 49.82
CA ALA B 430 2.13 -12.33 49.85
C ALA B 430 1.48 -13.48 50.61
N HIS B 431 0.69 -13.16 51.64
CA HIS B 431 0.07 -14.19 52.45
C HIS B 431 -1.29 -14.63 51.94
N ALA B 432 -1.74 -14.10 50.81
CA ALA B 432 -3.06 -14.41 50.30
C ALA B 432 -3.08 -15.77 49.60
N ASP B 433 -4.30 -16.26 49.36
CA ASP B 433 -4.48 -17.43 48.52
C ASP B 433 -4.16 -17.09 47.07
N PRO B 434 -3.70 -18.06 46.28
CA PRO B 434 -3.40 -17.75 44.86
C PRO B 434 -4.65 -17.55 44.01
N SER B 435 -5.83 -17.96 44.51
CA SER B 435 -7.05 -17.69 43.76
C SER B 435 -7.45 -16.23 43.86
N PHE B 436 -7.04 -15.56 44.93
CA PHE B 436 -7.34 -14.14 45.10
C PHE B 436 -6.38 -13.26 44.31
N VAL B 437 -5.11 -13.67 44.23
CA VAL B 437 -4.07 -12.82 43.67
C VAL B 437 -4.22 -12.72 42.16
N THR B 438 -4.60 -13.82 41.50
CA THR B 438 -4.66 -13.83 40.04
C THR B 438 -5.83 -13.00 39.51
N ALA B 439 -6.87 -12.80 40.33
CA ALA B 439 -7.96 -11.92 39.91
C ALA B 439 -7.53 -10.45 40.01
N VAL B 440 -6.61 -10.15 40.92
CA VAL B 440 -6.07 -8.79 41.02
C VAL B 440 -5.12 -8.51 39.87
N LEU B 441 -4.37 -9.54 39.44
CA LEU B 441 -3.30 -9.35 38.48
C LEU B 441 -3.83 -9.06 37.07
N THR B 442 -5.09 -9.43 36.79
CA THR B 442 -5.63 -9.18 35.47
C THR B 442 -6.02 -7.73 35.27
N LYS B 443 -6.23 -7.01 36.38
CA LYS B 443 -6.76 -5.65 36.31
C LYS B 443 -5.68 -4.58 36.44
N LEU B 444 -4.41 -4.96 36.40
CA LEU B 444 -3.35 -3.96 36.39
C LEU B 444 -3.23 -3.35 35.00
N ARG B 445 -2.78 -2.10 34.96
CA ARG B 445 -2.63 -1.36 33.70
C ARG B 445 -1.23 -0.78 33.62
N PHE B 446 -0.63 -0.86 32.44
CA PHE B 446 0.75 -0.41 32.25
C PHE B 446 0.79 1.08 31.92
N GLU B 447 1.63 1.82 32.64
CA GLU B 447 1.72 3.26 32.50
C GLU B 447 3.18 3.68 32.38
N VAL B 448 3.42 4.71 31.58
CA VAL B 448 4.76 5.26 31.34
C VAL B 448 4.73 6.74 31.67
N PHE B 449 5.66 7.18 32.52
CA PHE B 449 5.76 8.56 32.93
C PHE B 449 7.08 9.15 32.48
N GLN B 450 7.23 10.45 32.70
CA GLN B 450 8.37 11.24 32.25
C GLN B 450 9.10 11.79 33.46
N PRO B 451 10.37 12.19 33.29
CA PRO B 451 11.02 13.00 34.33
C PRO B 451 10.36 14.37 34.42
N GLY B 452 10.04 14.77 35.66
CA GLY B 452 9.36 16.01 35.90
C GLY B 452 7.86 15.91 36.13
N ASP B 453 7.22 14.84 35.67
CA ASP B 453 5.78 14.70 35.88
C ASP B 453 5.48 14.34 37.33
N LEU B 454 4.49 15.01 37.90
CA LEU B 454 4.01 14.73 39.25
C LEU B 454 3.05 13.56 39.16
N VAL B 455 3.41 12.45 39.80
CA VAL B 455 2.61 11.23 39.69
C VAL B 455 1.35 11.34 40.54
N VAL B 456 1.53 11.56 41.85
CA VAL B 456 0.43 11.77 42.78
C VAL B 456 0.58 13.18 43.34
N ARG B 457 -0.53 13.91 43.40
CA ARG B 457 -0.53 15.26 43.93
C ARG B 457 -1.26 15.30 45.26
N GLU B 458 -0.85 16.25 46.10
CA GLU B 458 -1.47 16.42 47.41
C GLU B 458 -2.85 17.05 47.26
N GLY B 459 -3.77 16.67 48.15
CA GLY B 459 -5.11 17.18 48.07
C GLY B 459 -6.02 16.44 47.13
N SER B 460 -5.61 15.27 46.66
CA SER B 460 -6.41 14.47 45.75
C SER B 460 -7.01 13.29 46.49
N VAL B 461 -7.95 12.60 45.84
CA VAL B 461 -8.68 11.52 46.50
C VAL B 461 -7.82 10.26 46.57
N GLY B 462 -6.90 10.09 45.62
CA GLY B 462 -6.03 8.91 45.61
C GLY B 462 -6.74 7.61 45.33
N ARG B 463 -7.28 7.45 44.12
CA ARG B 463 -8.07 6.27 43.81
C ARG B 463 -7.19 5.11 43.38
N LYS B 464 -5.95 5.38 42.97
CA LYS B 464 -5.13 4.37 42.33
C LYS B 464 -3.90 4.03 43.16
N MET B 465 -3.53 2.75 43.17
CA MET B 465 -2.32 2.28 43.83
C MET B 465 -1.30 1.88 42.76
N TYR B 466 -0.05 2.25 42.96
CA TYR B 466 0.99 2.09 41.94
C TYR B 466 2.09 1.15 42.40
N PHE B 467 2.50 0.28 41.50
CA PHE B 467 3.67 -0.57 41.65
C PHE B 467 4.75 -0.11 40.69
N ILE B 468 6.01 -0.34 41.05
CA ILE B 468 7.13 0.19 40.29
C ILE B 468 7.90 -0.97 39.66
N GLN B 469 8.05 -0.92 38.34
CA GLN B 469 8.84 -1.89 37.61
C GLN B 469 10.23 -1.38 37.28
N HIS B 470 10.32 -0.22 36.63
CA HIS B 470 11.59 0.43 36.33
C HIS B 470 11.51 1.88 36.76
N GLY B 471 12.59 2.62 36.50
CA GLY B 471 12.64 4.04 36.74
C GLY B 471 12.93 4.37 38.19
N LEU B 472 13.14 5.66 38.43
CA LEU B 472 13.45 6.19 39.74
C LEU B 472 12.55 7.40 40.02
N LEU B 473 12.07 7.51 41.25
CA LEU B 473 11.16 8.57 41.63
C LEU B 473 11.37 8.91 43.10
N SER B 474 10.87 10.07 43.50
CA SER B 474 11.09 10.61 44.84
C SER B 474 9.78 10.98 45.50
N VAL B 475 9.69 10.74 46.80
CA VAL B 475 8.52 11.15 47.59
C VAL B 475 8.82 12.51 48.20
N LEU B 476 7.78 13.33 48.35
CA LEU B 476 7.94 14.67 48.91
C LEU B 476 7.08 14.84 50.16
N ARG B 484 13.92 8.65 47.89
CA ARG B 484 14.15 7.91 46.67
C ARG B 484 13.52 6.53 46.73
N LEU B 485 12.81 6.14 45.69
CA LEU B 485 12.23 4.81 45.57
C LEU B 485 12.73 4.18 44.26
N THR B 486 13.49 3.10 44.39
CA THR B 486 14.08 2.44 43.24
C THR B 486 13.08 1.42 42.67
N ASP B 487 13.56 0.57 41.77
CA ASP B 487 12.70 -0.40 41.10
C ASP B 487 12.25 -1.49 42.06
N GLY B 488 11.05 -2.02 41.82
CA GLY B 488 10.47 -3.03 42.69
C GLY B 488 9.68 -2.49 43.85
N SER B 489 9.67 -1.17 44.05
CA SER B 489 8.98 -0.58 45.19
C SER B 489 7.50 -0.36 44.86
N TYR B 490 6.83 0.38 45.75
CA TYR B 490 5.43 0.72 45.61
C TYR B 490 5.12 1.94 46.47
N PHE B 491 4.09 2.69 46.08
CA PHE B 491 3.64 3.85 46.83
C PHE B 491 2.15 4.04 46.63
N GLY B 492 1.52 4.75 47.57
CA GLY B 492 0.09 4.95 47.52
C GLY B 492 -0.73 3.76 47.92
N GLU B 493 -0.17 2.85 48.72
CA GLU B 493 -0.89 1.63 49.07
C GLU B 493 -1.91 1.87 50.17
N ILE B 494 -1.56 2.71 51.15
CA ILE B 494 -2.42 2.90 52.31
C ILE B 494 -3.62 3.78 51.98
N CYS B 495 -3.53 4.55 50.89
CA CYS B 495 -4.61 5.46 50.52
C CYS B 495 -5.82 4.70 50.00
N LEU B 496 -5.59 3.57 49.34
CA LEU B 496 -6.71 2.76 48.83
C LEU B 496 -7.41 2.03 49.98
N LEU B 497 -6.68 1.75 51.06
CA LEU B 497 -7.31 1.10 52.21
C LEU B 497 -8.06 2.11 53.07
N THR B 498 -7.50 3.31 53.25
CA THR B 498 -8.13 4.29 54.13
C THR B 498 -9.21 5.10 53.42
N ARG B 499 -9.18 5.15 52.08
CA ARG B 499 -10.12 5.92 51.24
C ARG B 499 -10.14 7.40 51.61
N GLY B 500 -8.97 7.94 51.95
CA GLY B 500 -8.86 9.32 52.37
C GLY B 500 -8.00 10.12 51.42
N ARG B 501 -7.72 11.36 51.83
CA ARG B 501 -6.94 12.26 51.01
C ARG B 501 -5.46 11.90 51.08
N ARG B 502 -4.78 12.00 49.93
CA ARG B 502 -3.36 11.70 49.86
C ARG B 502 -2.56 12.78 50.57
N THR B 503 -1.49 12.37 51.27
CA THR B 503 -0.76 13.31 52.12
C THR B 503 0.48 13.85 51.42
N ALA B 504 1.19 12.99 50.69
CA ALA B 504 2.46 13.36 50.08
C ALA B 504 2.32 13.43 48.57
N SER B 505 3.35 13.97 47.93
CA SER B 505 3.39 14.12 46.48
C SER B 505 4.62 13.41 45.93
N VAL B 506 4.47 12.81 44.75
CA VAL B 506 5.52 11.99 44.14
C VAL B 506 5.88 12.58 42.79
N ARG B 507 7.17 12.83 42.57
CA ARG B 507 7.69 13.33 41.31
C ARG B 507 8.66 12.30 40.73
N ALA B 508 8.51 11.99 39.45
CA ALA B 508 9.37 11.01 38.81
C ALA B 508 10.71 11.63 38.41
N ASP B 509 11.82 11.00 38.81
CA ASP B 509 13.13 11.52 38.46
C ASP B 509 13.51 11.18 37.03
N THR B 510 13.01 10.07 36.51
CA THR B 510 13.31 9.66 35.15
C THR B 510 12.11 8.92 34.59
N TYR B 511 12.29 8.31 33.41
CA TYR B 511 11.22 7.58 32.76
C TYR B 511 10.88 6.31 33.54
N CYS B 512 9.63 6.23 34.01
CA CYS B 512 9.20 5.15 34.87
C CYS B 512 8.21 4.27 34.13
N ARG B 513 8.17 3.00 34.51
CA ARG B 513 7.19 2.05 34.02
C ARG B 513 6.42 1.50 35.21
N LEU B 514 5.13 1.78 35.27
CA LEU B 514 4.35 1.52 36.47
C LEU B 514 3.16 0.62 36.14
N TYR B 515 2.67 -0.06 37.17
CA TYR B 515 1.46 -0.87 37.11
C TYR B 515 0.44 -0.27 38.06
N SER B 516 -0.75 0.02 37.54
CA SER B 516 -1.76 0.77 38.26
C SER B 516 -2.93 -0.12 38.63
N LEU B 517 -3.43 0.03 39.85
CA LEU B 517 -4.62 -0.67 40.32
C LEU B 517 -5.59 0.36 40.92
N SER B 518 -6.77 0.45 40.34
CA SER B 518 -7.77 1.39 40.83
C SER B 518 -8.47 0.81 42.06
N VAL B 519 -9.35 1.63 42.65
CA VAL B 519 -10.01 1.23 43.89
C VAL B 519 -11.24 0.36 43.59
N ASP B 520 -11.94 0.64 42.48
CA ASP B 520 -13.12 -0.14 42.14
C ASP B 520 -12.73 -1.51 41.62
N HIS B 521 -11.61 -1.58 40.90
CA HIS B 521 -11.11 -2.85 40.39
C HIS B 521 -10.60 -3.74 41.51
N PHE B 522 -10.27 -3.16 42.66
CA PHE B 522 -9.90 -3.96 43.82
C PHE B 522 -11.11 -4.31 44.66
N ASN B 523 -12.11 -3.42 44.69
CA ASN B 523 -13.33 -3.70 45.44
C ASN B 523 -14.14 -4.80 44.79
N ALA B 524 -14.07 -4.92 43.47
CA ALA B 524 -14.74 -6.04 42.79
C ALA B 524 -14.13 -7.38 43.17
N VAL B 525 -12.80 -7.42 43.32
CA VAL B 525 -12.14 -8.66 43.69
C VAL B 525 -12.35 -8.95 45.17
N LEU B 526 -12.47 -7.91 46.00
CA LEU B 526 -12.86 -8.11 47.39
C LEU B 526 -14.29 -8.64 47.48
N GLU B 527 -15.17 -8.23 46.57
CA GLU B 527 -16.52 -8.78 46.52
C GLU B 527 -16.50 -10.21 46.01
N GLU B 528 -15.48 -10.58 45.23
CA GLU B 528 -15.38 -11.95 44.74
C GLU B 528 -14.94 -12.92 45.82
N PHE B 529 -14.22 -12.44 46.82
CA PHE B 529 -13.66 -13.30 47.87
C PHE B 529 -13.94 -12.72 49.25
N PRO B 530 -14.87 -13.27 50.02
CA PRO B 530 -15.19 -12.68 51.33
C PRO B 530 -14.22 -13.10 52.42
N MET B 531 -13.41 -14.12 52.17
CA MET B 531 -12.42 -14.54 53.16
C MET B 531 -11.27 -13.53 53.24
N MET B 532 -10.88 -12.95 52.10
CA MET B 532 -9.85 -11.91 52.13
C MET B 532 -10.43 -10.58 52.59
N ARG B 533 -11.75 -10.41 52.48
CA ARG B 533 -12.39 -9.18 52.94
C ARG B 533 -12.32 -9.07 54.46
N ARG B 534 -12.33 -10.20 55.16
CA ARG B 534 -12.21 -10.19 56.61
C ARG B 534 -10.81 -9.78 57.05
N ALA B 535 -9.80 -10.10 56.24
CA ALA B 535 -8.42 -9.82 56.62
C ALA B 535 -8.11 -8.32 56.53
N PHE B 536 -8.65 -7.65 55.51
CA PHE B 536 -8.40 -6.21 55.38
C PHE B 536 -9.25 -5.41 56.37
N GLU B 537 -10.31 -6.03 56.90
CA GLU B 537 -11.03 -5.38 58.00
C GLU B 537 -10.22 -5.41 59.29
N THR B 538 -9.44 -6.47 59.50
CA THR B 538 -8.59 -6.54 60.68
C THR B 538 -7.40 -5.61 60.56
N VAL B 539 -7.01 -5.26 59.33
CA VAL B 539 -5.98 -4.26 59.12
C VAL B 539 -6.51 -2.87 59.47
N ALA B 540 -7.75 -2.58 59.05
CA ALA B 540 -8.30 -1.24 59.23
C ALA B 540 -8.65 -0.96 60.68
N MET B 541 -8.87 -2.00 61.49
CA MET B 541 -9.15 -1.79 62.90
C MET B 541 -7.88 -1.50 63.68
N ASP B 542 -6.74 -2.02 63.21
CA ASP B 542 -5.49 -1.84 63.94
C ASP B 542 -4.90 -0.46 63.70
N ARG B 543 -4.97 0.03 62.47
CA ARG B 543 -4.33 1.28 62.10
C ARG B 543 -5.14 2.48 62.58
N GLY C 50 -41.57 1.24 -30.16
CA GLY C 50 -41.89 2.37 -29.31
C GLY C 50 -41.21 2.34 -27.95
N THR C 51 -41.14 1.14 -27.36
CA THR C 51 -40.53 0.98 -26.05
C THR C 51 -39.05 0.63 -26.11
N LEU C 52 -38.42 0.73 -27.29
CA LEU C 52 -36.99 0.46 -27.39
C LEU C 52 -36.16 1.64 -26.93
N LEU C 53 -36.75 2.83 -26.81
CA LEU C 53 -35.98 3.99 -26.40
C LEU C 53 -36.01 4.20 -24.89
N GLN C 54 -36.83 3.49 -24.19
CA GLN C 54 -37.05 3.57 -22.76
C GLN C 54 -36.23 2.49 -22.06
N PRO C 55 -35.80 2.72 -20.81
CA PRO C 55 -34.99 1.70 -20.11
C PRO C 55 -35.82 0.50 -19.70
N THR C 56 -35.41 -0.67 -20.18
CA THR C 56 -36.09 -1.91 -19.85
C THR C 56 -35.76 -2.33 -18.43
N VAL C 57 -36.43 -3.39 -17.96
CA VAL C 57 -36.27 -3.86 -16.59
C VAL C 57 -35.36 -5.07 -16.62
N ASN C 58 -34.08 -4.84 -16.32
CA ASN C 58 -33.11 -5.91 -16.19
C ASN C 58 -32.43 -5.76 -14.83
N LYS C 59 -31.36 -6.54 -14.61
CA LYS C 59 -30.66 -6.50 -13.34
C LYS C 59 -29.98 -5.16 -13.10
N PHE C 60 -29.44 -4.56 -14.16
CA PHE C 60 -28.76 -3.27 -14.04
C PHE C 60 -29.74 -2.14 -13.69
N SER C 61 -30.91 -2.14 -14.32
CA SER C 61 -31.88 -1.07 -14.06
C SER C 61 -32.48 -1.20 -12.66
N LEU C 62 -32.68 -2.44 -12.20
CA LEU C 62 -33.16 -2.64 -10.83
C LEU C 62 -32.09 -2.26 -9.81
N ARG C 63 -30.82 -2.45 -10.16
CA ARG C 63 -29.77 -2.07 -9.22
C ARG C 63 -29.53 -0.56 -9.21
N VAL C 64 -29.76 0.11 -10.33
CA VAL C 64 -29.41 1.53 -10.40
C VAL C 64 -30.62 2.41 -10.08
N PHE C 65 -31.83 1.86 -10.15
CA PHE C 65 -33.01 2.65 -9.81
C PHE C 65 -33.70 2.17 -8.53
N GLY C 66 -34.06 0.91 -8.46
CA GLY C 66 -34.78 0.39 -7.32
C GLY C 66 -35.70 -0.75 -7.74
N SER C 67 -36.96 -0.65 -7.35
CA SER C 67 -37.91 -1.69 -7.68
C SER C 67 -38.46 -1.50 -9.09
N HIS C 68 -39.48 -2.31 -9.42
CA HIS C 68 -40.15 -2.18 -10.70
C HIS C 68 -40.90 -0.86 -10.80
N LYS C 69 -41.48 -0.42 -9.68
CA LYS C 69 -42.17 0.86 -9.64
C LYS C 69 -41.18 2.02 -9.75
N ALA C 70 -39.92 1.79 -9.37
CA ALA C 70 -38.92 2.84 -9.52
C ALA C 70 -38.47 2.98 -10.97
N VAL C 71 -38.58 1.90 -11.74
CA VAL C 71 -38.22 1.94 -13.16
C VAL C 71 -39.37 2.51 -13.97
N GLU C 72 -40.62 2.25 -13.53
CA GLU C 72 -41.78 2.82 -14.22
C GLU C 72 -41.80 4.34 -14.16
N ILE C 73 -41.27 4.94 -13.11
CA ILE C 73 -41.21 6.39 -13.02
C ILE C 73 -40.20 6.95 -14.03
N GLU C 74 -39.09 6.25 -14.22
CA GLU C 74 -38.10 6.67 -15.23
C GLU C 74 -38.65 6.51 -16.64
N GLN C 75 -39.44 5.46 -16.88
CA GLN C 75 -40.07 5.28 -18.18
C GLN C 75 -41.11 6.37 -18.44
N GLU C 76 -41.85 6.77 -17.40
CA GLU C 76 -42.78 7.88 -17.55
C GLU C 76 -42.05 9.20 -17.74
N ARG C 77 -40.84 9.32 -17.18
CA ARG C 77 -40.04 10.52 -17.39
C ARG C 77 -39.53 10.61 -18.82
N VAL C 78 -39.18 9.46 -19.42
CA VAL C 78 -38.81 9.43 -20.83
C VAL C 78 -40.02 9.77 -21.70
N LYS C 79 -41.20 9.27 -21.30
CA LYS C 79 -42.45 9.63 -21.99
C LYS C 79 -42.78 11.11 -21.87
N SER C 80 -42.36 11.76 -20.77
CA SER C 80 -42.71 13.16 -20.56
C SER C 80 -41.78 14.09 -21.34
N ALA C 81 -40.77 13.53 -22.00
CA ALA C 81 -39.90 14.31 -22.88
C ALA C 81 -40.56 14.50 -24.24
N GLY C 82 -39.75 14.90 -25.23
CA GLY C 82 -40.29 15.25 -26.53
C GLY C 82 -40.70 14.04 -27.35
N ALA C 83 -40.74 14.23 -28.66
CA ALA C 83 -41.37 13.31 -29.64
C ALA C 83 -40.60 11.99 -29.64
N TRP C 84 -39.32 11.96 -29.97
CA TRP C 84 -38.52 10.75 -29.91
C TRP C 84 -37.22 11.07 -29.18
N ILE C 85 -37.14 10.66 -27.91
CA ILE C 85 -35.99 10.93 -27.06
C ILE C 85 -35.44 9.59 -26.59
N ILE C 86 -34.13 9.40 -26.74
CA ILE C 86 -33.47 8.16 -26.42
C ILE C 86 -32.98 8.24 -24.98
N HIS C 87 -33.18 7.18 -24.21
CA HIS C 87 -32.62 7.11 -22.87
C HIS C 87 -31.29 6.35 -22.93
N PRO C 88 -30.26 6.83 -22.22
CA PRO C 88 -28.92 6.25 -22.39
C PRO C 88 -28.75 4.85 -21.81
N TYR C 89 -29.73 4.31 -21.09
CA TYR C 89 -29.66 2.94 -20.61
C TYR C 89 -30.56 2.00 -21.39
N SER C 90 -31.12 2.43 -22.50
CA SER C 90 -32.05 1.61 -23.25
C SER C 90 -31.30 0.59 -24.10
N ASP C 91 -32.07 -0.19 -24.87
CA ASP C 91 -31.46 -1.23 -25.70
C ASP C 91 -31.03 -0.67 -27.05
N PHE C 92 -31.71 0.37 -27.54
CA PHE C 92 -31.35 0.99 -28.81
C PHE C 92 -29.97 1.61 -28.74
N ARG C 93 -29.67 2.31 -27.63
CA ARG C 93 -28.37 2.94 -27.48
C ARG C 93 -27.27 1.90 -27.31
N PHE C 94 -27.59 0.75 -26.68
CA PHE C 94 -26.62 -0.31 -26.53
C PHE C 94 -26.27 -0.95 -27.86
N TYR C 95 -27.28 -1.27 -28.68
CA TYR C 95 -27.03 -1.87 -29.99
C TYR C 95 -26.31 -0.89 -30.92
N TRP C 96 -26.68 0.39 -30.85
CA TRP C 96 -26.02 1.40 -31.66
C TRP C 96 -24.57 1.59 -31.24
N ASP C 97 -24.29 1.59 -29.93
CA ASP C 97 -22.91 1.74 -29.48
C ASP C 97 -22.08 0.51 -29.80
N LEU C 98 -22.70 -0.68 -29.84
CA LEU C 98 -21.96 -1.87 -30.27
C LEU C 98 -21.54 -1.78 -31.73
N ILE C 99 -22.47 -1.39 -32.61
CA ILE C 99 -22.17 -1.21 -34.03
C ILE C 99 -21.10 -0.14 -34.23
N MET C 100 -21.21 0.98 -33.49
CA MET C 100 -20.23 2.05 -33.66
C MET C 100 -18.86 1.66 -33.12
N LEU C 101 -18.79 0.88 -32.02
CA LEU C 101 -17.49 0.47 -31.52
C LEU C 101 -16.79 -0.49 -32.47
N LEU C 102 -17.54 -1.38 -33.12
CA LEU C 102 -16.94 -2.24 -34.14
C LEU C 102 -16.42 -1.42 -35.33
N LEU C 103 -17.20 -0.42 -35.77
CA LEU C 103 -16.74 0.44 -36.87
C LEU C 103 -15.51 1.25 -36.49
N MET C 104 -15.42 1.72 -35.25
CA MET C 104 -14.28 2.53 -34.84
C MET C 104 -13.01 1.70 -34.77
N VAL C 105 -13.10 0.45 -34.27
CA VAL C 105 -11.94 -0.43 -34.27
C VAL C 105 -11.47 -0.72 -35.69
N GLY C 106 -12.42 -1.00 -36.59
CA GLY C 106 -12.07 -1.25 -37.98
C GLY C 106 -11.43 -0.06 -38.68
N ASN C 107 -11.99 1.14 -38.49
CA ASN C 107 -11.44 2.31 -39.16
C ASN C 107 -10.09 2.73 -38.56
N LEU C 108 -9.95 2.67 -37.24
CA LEU C 108 -8.70 3.12 -36.62
C LEU C 108 -7.57 2.12 -36.85
N ILE C 109 -7.90 0.88 -37.26
CA ILE C 109 -6.82 -0.02 -37.69
C ILE C 109 -6.51 0.17 -39.17
N VAL C 110 -7.54 0.28 -40.03
CA VAL C 110 -7.30 0.18 -41.46
C VAL C 110 -6.86 1.53 -42.05
N LEU C 111 -7.44 2.65 -41.59
CA LEU C 111 -7.21 3.95 -42.23
C LEU C 111 -5.78 4.47 -42.32
N PRO C 112 -4.87 4.28 -41.34
CA PRO C 112 -3.49 4.73 -41.60
C PRO C 112 -2.77 3.89 -42.63
N VAL C 113 -3.07 2.59 -42.72
CA VAL C 113 -2.34 1.70 -43.60
C VAL C 113 -2.73 1.95 -45.05
N GLY C 114 -4.01 2.27 -45.28
CA GLY C 114 -4.45 2.58 -46.63
C GLY C 114 -3.94 3.90 -47.14
N ILE C 115 -3.67 4.83 -46.22
CA ILE C 115 -3.17 6.15 -46.63
C ILE C 115 -1.68 6.11 -46.88
N THR C 116 -0.92 5.49 -45.96
CA THR C 116 0.53 5.66 -45.99
C THR C 116 1.22 4.67 -46.92
N PHE C 117 0.69 3.46 -47.08
CA PHE C 117 1.42 2.43 -47.79
C PHE C 117 0.90 2.14 -49.19
N PHE C 118 -0.22 2.72 -49.60
CA PHE C 118 -0.79 2.44 -50.91
C PHE C 118 -0.66 3.65 -51.84
N LYS C 119 -0.99 3.43 -53.11
CA LYS C 119 -0.63 4.39 -54.14
C LYS C 119 -1.60 5.57 -54.18
N GLU C 120 -2.86 5.33 -54.45
CA GLU C 120 -3.80 6.41 -54.70
C GLU C 120 -5.10 6.17 -53.92
N GLU C 121 -5.82 7.26 -53.68
CA GLU C 121 -7.12 7.23 -53.03
C GLU C 121 -8.27 7.23 -54.02
N ASN C 122 -8.06 6.71 -55.22
CA ASN C 122 -9.09 6.64 -56.24
C ASN C 122 -9.48 5.21 -56.58
N SER C 123 -9.00 4.22 -55.83
CA SER C 123 -9.36 2.85 -56.11
C SER C 123 -10.79 2.58 -55.64
N PRO C 124 -11.55 1.73 -56.35
CA PRO C 124 -13.00 1.61 -56.06
C PRO C 124 -13.35 0.94 -54.74
N PRO C 125 -12.57 0.00 -54.15
CA PRO C 125 -12.95 -0.40 -52.78
C PRO C 125 -12.62 0.65 -51.73
N TRP C 126 -11.70 1.57 -52.01
CA TRP C 126 -11.32 2.55 -51.00
C TRP C 126 -12.33 3.67 -50.90
N ILE C 127 -13.04 3.95 -52.00
CA ILE C 127 -14.03 5.01 -51.99
C ILE C 127 -15.32 4.55 -51.32
N VAL C 128 -15.73 3.31 -51.61
CA VAL C 128 -16.98 2.78 -51.08
C VAL C 128 -16.87 2.55 -49.57
N PHE C 129 -15.68 2.16 -49.10
CA PHE C 129 -15.48 1.91 -47.68
C PHE C 129 -15.49 3.21 -46.87
N ASN C 130 -15.05 4.32 -47.46
CA ASN C 130 -14.97 5.57 -46.70
C ASN C 130 -16.27 6.35 -46.77
N VAL C 131 -17.02 6.23 -47.86
CA VAL C 131 -18.29 6.95 -47.96
C VAL C 131 -19.36 6.28 -47.09
N LEU C 132 -19.38 4.94 -47.06
CA LEU C 132 -20.39 4.26 -46.27
C LEU C 132 -20.07 4.30 -44.78
N SER C 133 -18.81 4.49 -44.42
CA SER C 133 -18.47 4.57 -43.00
C SER C 133 -18.72 5.97 -42.47
N ASP C 134 -18.48 7.00 -43.28
CA ASP C 134 -18.68 8.37 -42.81
C ASP C 134 -20.16 8.73 -42.75
N THR C 135 -21.02 7.94 -43.41
CA THR C 135 -22.46 8.11 -43.25
C THR C 135 -22.90 7.67 -41.86
N PHE C 136 -22.32 6.57 -41.37
CA PHE C 136 -22.68 6.08 -40.04
C PHE C 136 -22.11 6.95 -38.94
N PHE C 137 -20.93 7.53 -39.16
CA PHE C 137 -20.39 8.44 -38.16
C PHE C 137 -21.05 9.80 -38.21
N LEU C 138 -21.82 10.08 -39.26
CA LEU C 138 -22.59 11.31 -39.30
C LEU C 138 -23.96 11.13 -38.65
N LEU C 139 -24.46 9.89 -38.64
CA LEU C 139 -25.69 9.61 -37.90
C LEU C 139 -25.44 9.60 -36.40
N ASP C 140 -24.21 9.29 -35.98
CA ASP C 140 -23.88 9.32 -34.57
C ASP C 140 -23.81 10.75 -34.06
N LEU C 141 -23.53 11.70 -34.94
CA LEU C 141 -23.58 13.10 -34.56
C LEU C 141 -25.01 13.58 -34.37
N VAL C 142 -25.94 13.07 -35.18
CA VAL C 142 -27.33 13.50 -35.09
C VAL C 142 -28.00 12.90 -33.85
N LEU C 143 -27.70 11.65 -33.55
CA LEU C 143 -28.40 10.98 -32.45
C LEU C 143 -27.87 11.40 -31.09
N ASN C 144 -26.76 12.17 -31.03
CA ASN C 144 -26.28 12.65 -29.74
C ASN C 144 -27.02 13.90 -29.30
N PHE C 145 -27.90 14.42 -30.14
CA PHE C 145 -28.75 15.54 -29.73
C PHE C 145 -29.95 15.06 -28.92
N ARG C 146 -30.14 13.74 -28.80
CA ARG C 146 -31.40 13.24 -28.25
C ARG C 146 -31.17 12.37 -27.02
N THR C 147 -29.97 11.80 -26.85
CA THR C 147 -29.79 10.76 -25.84
C THR C 147 -29.75 11.32 -24.43
N GLY C 148 -29.13 12.47 -24.23
CA GLY C 148 -29.09 12.94 -22.86
C GLY C 148 -27.94 12.35 -22.08
N ILE C 149 -27.43 13.14 -21.15
CA ILE C 149 -26.11 12.92 -20.56
C ILE C 149 -26.29 12.45 -19.12
N VAL C 150 -25.66 11.31 -18.80
CA VAL C 150 -25.62 10.85 -17.42
C VAL C 150 -24.63 11.69 -16.63
N VAL C 151 -25.14 12.45 -15.66
CA VAL C 151 -24.30 13.29 -14.84
C VAL C 151 -24.01 12.62 -13.50
N GLU C 156 -30.06 11.86 -14.19
CA GLU C 156 -29.78 12.01 -15.62
C GLU C 156 -30.39 13.29 -16.18
N ILE C 157 -30.14 13.53 -17.46
CA ILE C 157 -30.73 14.62 -18.20
C ILE C 157 -31.51 14.01 -19.35
N LEU C 158 -32.81 14.31 -19.41
CA LEU C 158 -33.66 13.83 -20.49
C LEU C 158 -34.42 14.95 -21.17
N LEU C 159 -34.36 16.16 -20.64
CA LEU C 159 -35.12 17.27 -21.21
C LEU C 159 -34.46 17.80 -22.47
N ALA C 160 -35.28 18.05 -23.48
CA ALA C 160 -34.82 18.46 -24.79
C ALA C 160 -35.54 19.72 -25.24
N PRO C 161 -34.88 20.60 -26.00
CA PRO C 161 -33.46 20.61 -26.36
C PRO C 161 -32.66 21.57 -25.50
N ARG C 162 -33.12 21.82 -24.27
CA ARG C 162 -32.53 22.88 -23.47
C ARG C 162 -31.18 22.46 -22.90
N ALA C 163 -31.13 21.33 -22.20
CA ALA C 163 -29.90 20.96 -21.51
C ALA C 163 -29.00 20.08 -22.36
N ILE C 164 -29.61 19.20 -23.16
CA ILE C 164 -28.85 18.23 -23.95
C ILE C 164 -28.04 18.92 -25.03
N ARG C 165 -28.69 19.79 -25.80
CA ARG C 165 -28.04 20.44 -26.93
C ARG C 165 -26.96 21.41 -26.48
N THR C 166 -27.23 22.19 -25.44
CA THR C 166 -26.22 23.13 -24.94
C THR C 166 -25.07 22.42 -24.24
N ARG C 167 -25.37 21.35 -23.50
CA ARG C 167 -24.30 20.63 -22.82
C ARG C 167 -23.47 19.81 -23.80
N TYR C 168 -24.03 19.52 -24.98
CA TYR C 168 -23.26 18.82 -26.00
C TYR C 168 -22.43 19.80 -26.82
N LEU C 169 -23.01 20.97 -27.14
CA LEU C 169 -22.26 21.98 -27.89
C LEU C 169 -21.11 22.56 -27.07
N ARG C 170 -21.28 22.65 -25.75
CA ARG C 170 -20.22 23.22 -24.94
C ARG C 170 -19.06 22.25 -24.72
N THR C 171 -19.24 20.95 -24.96
CA THR C 171 -18.19 20.01 -24.61
C THR C 171 -17.56 19.29 -25.80
N TRP C 172 -18.35 18.56 -26.59
CA TRP C 172 -17.77 17.62 -27.55
C TRP C 172 -18.31 17.75 -28.96
N PHE C 173 -18.86 18.89 -29.34
CA PHE C 173 -19.44 18.98 -30.69
C PHE C 173 -18.38 19.18 -31.75
N LEU C 174 -17.34 19.95 -31.44
CA LEU C 174 -16.38 20.35 -32.47
C LEU C 174 -15.51 19.17 -32.90
N VAL C 175 -15.11 18.33 -31.94
CA VAL C 175 -14.28 17.17 -32.24
C VAL C 175 -15.06 16.16 -33.06
N ASP C 176 -16.32 15.92 -32.70
CA ASP C 176 -17.15 14.97 -33.44
C ASP C 176 -17.48 15.51 -34.84
N LEU C 177 -17.63 16.83 -34.96
CA LEU C 177 -17.87 17.44 -36.26
C LEU C 177 -16.66 17.30 -37.18
N ILE C 178 -15.45 17.49 -36.64
CA ILE C 178 -14.25 17.34 -37.45
C ILE C 178 -14.03 15.88 -37.83
N SER C 179 -14.26 14.96 -36.90
CA SER C 179 -14.00 13.54 -37.17
C SER C 179 -15.15 12.91 -37.96
N SER C 180 -16.23 13.65 -38.20
CA SER C 180 -17.36 13.07 -38.92
C SER C 180 -17.29 13.34 -40.42
N ILE C 181 -17.12 14.60 -40.82
CA ILE C 181 -17.29 15.01 -42.21
C ILE C 181 -16.08 14.63 -43.06
N PRO C 182 -16.27 14.35 -44.36
CA PRO C 182 -15.13 14.10 -45.29
C PRO C 182 -14.44 15.39 -45.76
N VAL C 183 -13.47 15.83 -44.95
CA VAL C 183 -12.83 17.12 -45.17
C VAL C 183 -11.97 17.11 -46.43
N ASP C 184 -11.28 15.99 -46.69
CA ASP C 184 -10.34 15.96 -47.81
C ASP C 184 -11.05 15.94 -49.16
N TYR C 185 -12.24 15.33 -49.23
CA TYR C 185 -12.99 15.30 -50.47
C TYR C 185 -13.51 16.69 -50.83
N ILE C 186 -13.79 17.53 -49.82
CA ILE C 186 -14.21 18.91 -50.07
C ILE C 186 -13.08 19.69 -50.73
N PHE C 187 -11.88 19.61 -50.16
CA PHE C 187 -10.72 20.29 -50.71
C PHE C 187 -10.31 19.69 -52.06
N LEU C 188 -10.68 18.44 -52.31
CA LEU C 188 -10.39 17.82 -53.59
C LEU C 188 -11.38 18.28 -54.67
N VAL C 189 -12.64 18.46 -54.31
CA VAL C 189 -13.65 18.90 -55.28
C VAL C 189 -13.46 20.38 -55.59
N VAL C 190 -13.17 21.20 -54.57
CA VAL C 190 -13.02 22.64 -54.77
C VAL C 190 -11.80 22.96 -55.62
N GLU C 191 -10.66 22.36 -55.31
CA GLU C 191 -9.46 22.57 -56.11
C GLU C 191 -9.55 21.86 -57.45
N VAL C 210 -2.35 17.63 -53.74
CA VAL C 210 -2.76 16.22 -53.75
C VAL C 210 -2.16 15.51 -52.54
N ARG C 211 -0.87 15.74 -52.30
CA ARG C 211 -0.24 15.16 -51.11
C ARG C 211 -0.62 15.92 -49.85
N PHE C 212 -1.19 17.11 -50.00
CA PHE C 212 -1.70 17.85 -48.85
C PHE C 212 -3.04 17.28 -48.38
N THR C 213 -3.71 16.50 -49.24
CA THR C 213 -4.96 15.88 -48.83
C THR C 213 -4.71 14.66 -47.96
N LYS C 214 -3.52 14.08 -48.02
CA LYS C 214 -3.21 12.94 -47.15
C LYS C 214 -3.01 13.38 -45.71
N ILE C 215 -2.68 14.66 -45.48
CA ILE C 215 -2.62 15.16 -44.12
C ILE C 215 -4.03 15.43 -43.60
N LEU C 216 -4.92 15.92 -44.47
CA LEU C 216 -6.28 16.22 -44.04
C LEU C 216 -7.10 14.95 -43.83
N SER C 217 -6.70 13.85 -44.47
CA SER C 217 -7.40 12.59 -44.26
C SER C 217 -7.13 11.99 -42.90
N LEU C 218 -6.10 12.46 -42.19
CA LEU C 218 -5.84 12.00 -40.84
C LEU C 218 -6.68 12.71 -39.79
N LEU C 219 -7.64 13.55 -40.21
CA LEU C 219 -8.62 14.07 -39.27
C LEU C 219 -9.63 13.01 -38.87
N ARG C 220 -9.71 11.92 -39.62
CA ARG C 220 -10.55 10.79 -39.24
C ARG C 220 -10.02 10.06 -38.01
N LEU C 221 -8.77 10.31 -37.61
CA LEU C 221 -8.23 9.69 -36.42
C LEU C 221 -8.65 10.39 -35.14
N LEU C 222 -9.51 11.41 -35.22
CA LEU C 222 -10.13 11.97 -34.02
C LEU C 222 -11.36 11.20 -33.57
N ARG C 223 -11.66 10.07 -34.23
CA ARG C 223 -12.69 9.14 -33.77
C ARG C 223 -12.22 8.32 -32.57
N LEU C 224 -10.97 8.48 -32.15
CA LEU C 224 -10.50 7.88 -30.91
C LEU C 224 -11.17 8.53 -29.70
N SER C 225 -11.57 9.80 -29.81
CA SER C 225 -12.13 10.50 -28.68
C SER C 225 -13.52 9.99 -28.31
N ARG C 226 -14.33 9.62 -29.31
CA ARG C 226 -15.63 9.04 -29.00
C ARG C 226 -15.53 7.54 -28.80
N LEU C 227 -14.39 6.93 -29.15
CA LEU C 227 -14.15 5.54 -28.74
C LEU C 227 -13.88 5.48 -27.25
N ILE C 228 -13.04 6.38 -26.74
CA ILE C 228 -12.70 6.39 -25.31
C ILE C 228 -13.94 6.72 -24.48
N ARG C 229 -14.83 7.55 -25.00
CA ARG C 229 -16.08 7.82 -24.30
C ARG C 229 -17.01 6.61 -24.30
N TYR C 230 -17.06 5.86 -25.40
CA TYR C 230 -18.04 4.79 -25.47
C TYR C 230 -17.58 3.53 -24.74
N ILE C 231 -16.27 3.38 -24.54
CA ILE C 231 -15.79 2.24 -23.74
C ILE C 231 -16.05 2.51 -22.27
N HIS C 232 -15.83 3.74 -21.81
CA HIS C 232 -16.01 4.06 -20.40
C HIS C 232 -17.48 4.11 -20.01
N GLN C 233 -18.37 4.26 -20.98
CA GLN C 233 -19.81 4.22 -20.67
C GLN C 233 -20.27 2.80 -20.43
N TRP C 234 -19.65 1.81 -21.09
CA TRP C 234 -20.07 0.43 -20.88
C TRP C 234 -19.46 -0.16 -19.61
N GLU C 235 -18.23 0.21 -19.29
CA GLU C 235 -17.54 -0.42 -18.17
C GLU C 235 -18.14 0.02 -16.84
N GLU C 236 -18.57 1.29 -16.74
CA GLU C 236 -19.25 1.76 -15.54
C GLU C 236 -20.63 1.12 -15.39
N ILE C 237 -21.21 0.67 -16.50
CA ILE C 237 -22.42 -0.15 -16.41
C ILE C 237 -22.07 -1.56 -15.95
N PHE C 238 -21.06 -2.17 -16.56
CA PHE C 238 -20.77 -3.57 -16.34
C PHE C 238 -19.96 -3.85 -15.08
N HIS C 239 -19.46 -2.82 -14.40
CA HIS C 239 -19.06 -2.97 -13.01
C HIS C 239 -20.25 -3.09 -12.07
N MET C 240 -21.42 -2.62 -12.49
CA MET C 240 -22.60 -2.68 -11.64
C MET C 240 -23.41 -3.94 -11.91
N THR C 241 -23.40 -4.42 -13.16
CA THR C 241 -24.14 -5.63 -13.49
C THR C 241 -23.40 -6.88 -12.97
N TYR C 242 -22.09 -6.94 -13.16
CA TYR C 242 -21.29 -8.09 -12.75
C TYR C 242 -20.28 -7.67 -11.71
N ASP C 243 -19.57 -8.67 -11.17
CA ASP C 243 -18.50 -8.44 -10.19
C ASP C 243 -17.16 -8.60 -10.90
N LEU C 244 -16.46 -7.49 -11.11
CA LEU C 244 -15.21 -7.49 -11.86
C LEU C 244 -14.15 -6.75 -11.08
N ALA C 245 -12.90 -7.20 -11.23
CA ALA C 245 -11.79 -6.48 -10.62
C ALA C 245 -11.44 -5.27 -11.48
N SER C 246 -11.18 -4.14 -10.82
CA SER C 246 -10.97 -2.90 -11.55
C SER C 246 -9.58 -2.85 -12.19
N ALA C 247 -8.61 -3.53 -11.58
CA ALA C 247 -7.24 -3.51 -12.09
C ALA C 247 -7.14 -4.22 -13.43
N VAL C 248 -7.90 -5.30 -13.61
CA VAL C 248 -7.86 -6.07 -14.85
C VAL C 248 -8.46 -5.25 -15.99
N VAL C 249 -9.57 -4.57 -15.71
CA VAL C 249 -10.24 -3.73 -16.71
C VAL C 249 -9.34 -2.56 -17.11
N ARG C 250 -8.69 -1.94 -16.13
CA ARG C 250 -7.85 -0.78 -16.42
C ARG C 250 -6.57 -1.18 -17.16
N ILE C 251 -6.03 -2.37 -16.86
CA ILE C 251 -4.81 -2.77 -17.55
C ILE C 251 -5.13 -3.27 -18.96
N PHE C 252 -6.34 -3.79 -19.19
CA PHE C 252 -6.74 -4.11 -20.56
C PHE C 252 -6.96 -2.85 -21.38
N ASN C 253 -7.49 -1.79 -20.76
CA ASN C 253 -7.59 -0.51 -21.45
C ASN C 253 -6.22 0.04 -21.81
N LEU C 254 -5.24 -0.11 -20.91
CA LEU C 254 -3.89 0.38 -21.20
C LEU C 254 -3.22 -0.42 -22.31
N ILE C 255 -3.38 -1.75 -22.31
CA ILE C 255 -2.80 -2.58 -23.37
C ILE C 255 -3.42 -2.25 -24.73
N GLY C 256 -4.74 -2.05 -24.75
CA GLY C 256 -5.41 -1.69 -25.98
C GLY C 256 -5.01 -0.31 -26.50
N MET C 257 -4.64 0.59 -25.60
CA MET C 257 -4.13 1.88 -26.06
C MET C 257 -2.69 1.78 -26.57
N MET C 258 -1.86 0.97 -25.91
CA MET C 258 -0.45 0.85 -26.27
C MET C 258 -0.28 0.21 -27.65
N LEU C 259 -1.09 -0.81 -27.96
CA LEU C 259 -1.02 -1.45 -29.28
C LEU C 259 -1.39 -0.47 -30.38
N LEU C 260 -2.39 0.37 -30.13
CA LEU C 260 -2.85 1.32 -31.14
C LEU C 260 -1.83 2.42 -31.37
N LEU C 261 -1.18 2.88 -30.29
CA LEU C 261 -0.15 3.90 -30.46
C LEU C 261 1.08 3.35 -31.20
N CYS C 262 1.44 2.08 -30.93
CA CYS C 262 2.55 1.47 -31.66
C CYS C 262 2.21 1.27 -33.13
N HIS C 263 0.94 0.96 -33.44
CA HIS C 263 0.51 0.82 -34.82
C HIS C 263 0.56 2.15 -35.57
N TRP C 264 0.07 3.23 -34.95
CA TRP C 264 0.11 4.54 -35.59
C TRP C 264 1.54 5.04 -35.75
N ASP C 265 2.42 4.72 -34.79
CA ASP C 265 3.82 5.12 -34.93
C ASP C 265 4.50 4.33 -36.04
N GLY C 266 4.13 3.05 -36.21
CA GLY C 266 4.65 2.27 -37.32
C GLY C 266 4.22 2.81 -38.67
N CYS C 267 3.00 3.32 -38.75
CA CYS C 267 2.59 3.97 -40.01
C CYS C 267 3.28 5.32 -40.19
N LEU C 268 3.57 6.03 -39.11
CA LEU C 268 4.15 7.36 -39.22
C LEU C 268 5.61 7.30 -39.65
N GLN C 269 6.33 6.23 -39.25
CA GLN C 269 7.74 6.07 -39.63
C GLN C 269 7.92 5.97 -41.13
N PHE C 270 6.92 5.46 -41.84
CA PHE C 270 7.01 5.38 -43.29
C PHE C 270 6.28 6.55 -43.94
N LEU C 271 5.33 7.17 -43.22
CA LEU C 271 4.63 8.33 -43.77
C LEU C 271 5.56 9.52 -43.95
N VAL C 272 6.48 9.73 -43.00
CA VAL C 272 7.33 10.92 -43.06
C VAL C 272 8.31 10.93 -44.23
N PRO C 273 9.04 9.84 -44.57
CA PRO C 273 9.88 9.92 -45.78
C PRO C 273 9.11 9.89 -47.09
N MET C 274 7.84 9.49 -47.09
CA MET C 274 7.10 9.42 -48.34
C MET C 274 6.70 10.81 -48.81
N LEU C 275 6.41 11.72 -47.88
CA LEU C 275 6.03 13.07 -48.26
C LEU C 275 7.24 13.86 -48.77
N GLN C 276 8.45 13.42 -48.46
CA GLN C 276 9.67 14.04 -48.93
C GLN C 276 10.27 13.35 -50.15
N ASP C 277 9.50 12.47 -50.80
CA ASP C 277 9.89 11.74 -52.01
C ASP C 277 11.15 10.89 -51.80
N PHE C 278 11.29 10.30 -50.61
CA PHE C 278 12.35 9.36 -50.22
C PHE C 278 13.75 9.94 -50.40
N PRO C 279 14.20 10.82 -49.50
CA PRO C 279 15.57 11.39 -49.59
C PRO C 279 16.63 10.32 -49.49
N PRO C 280 17.86 10.59 -49.94
CA PRO C 280 18.88 9.53 -49.93
C PRO C 280 19.47 9.23 -48.56
N ASP C 281 19.06 9.95 -47.52
CA ASP C 281 19.55 9.72 -46.17
C ASP C 281 18.57 9.00 -45.27
N CYS C 282 17.33 8.80 -45.70
CA CYS C 282 16.35 8.14 -44.85
C CYS C 282 16.59 6.64 -44.82
N TRP C 283 15.94 5.95 -43.88
CA TRP C 283 16.21 4.52 -43.69
C TRP C 283 15.66 3.68 -44.83
N VAL C 284 14.65 4.19 -45.55
CA VAL C 284 14.05 3.44 -46.64
C VAL C 284 15.00 3.36 -47.83
N SER C 285 15.74 4.44 -48.11
CA SER C 285 16.67 4.43 -49.22
C SER C 285 17.99 3.78 -48.83
N ILE C 286 18.35 3.79 -47.55
CA ILE C 286 19.55 3.10 -47.10
C ILE C 286 19.35 1.60 -47.16
N ASN C 287 18.21 1.11 -46.66
CA ASN C 287 17.97 -0.32 -46.66
C ASN C 287 17.40 -0.84 -47.98
N HIS C 288 17.21 0.04 -48.97
CA HIS C 288 16.80 -0.32 -50.34
C HIS C 288 15.47 -1.06 -50.40
N MET C 289 14.43 -0.45 -49.84
CA MET C 289 13.10 -1.04 -49.84
C MET C 289 12.03 -0.06 -50.31
N VAL C 290 12.31 0.67 -51.39
CA VAL C 290 11.35 1.62 -51.91
C VAL C 290 10.26 0.89 -52.70
N ASN C 291 10.63 -0.17 -53.41
CA ASN C 291 9.73 -0.82 -54.36
C ASN C 291 9.31 -2.23 -53.95
N HIS C 292 9.37 -2.57 -52.67
CA HIS C 292 8.85 -3.86 -52.25
C HIS C 292 7.35 -3.76 -51.99
N SER C 293 6.79 -4.85 -51.46
CA SER C 293 5.36 -4.88 -51.17
C SER C 293 5.06 -4.08 -49.91
N TRP C 294 3.77 -3.86 -49.66
CA TRP C 294 3.39 -3.04 -48.52
C TRP C 294 3.52 -3.79 -47.21
N GLY C 295 3.47 -5.12 -47.25
CA GLY C 295 3.64 -5.92 -46.05
C GLY C 295 5.05 -5.87 -45.49
N ARG C 296 6.03 -5.94 -46.39
CA ARG C 296 7.43 -5.88 -45.98
C ARG C 296 7.80 -4.50 -45.47
N GLN C 297 7.31 -3.46 -46.14
CA GLN C 297 7.52 -2.10 -45.68
C GLN C 297 6.85 -1.84 -44.34
N TYR C 298 5.65 -2.39 -44.15
CA TYR C 298 4.97 -2.24 -42.87
C TYR C 298 5.69 -2.99 -41.76
N SER C 299 6.25 -4.16 -42.06
CA SER C 299 6.98 -4.92 -41.05
C SER C 299 8.24 -4.21 -40.61
N HIS C 300 9.01 -3.66 -41.56
CA HIS C 300 10.23 -2.94 -41.19
C HIS C 300 9.92 -1.62 -40.46
N ALA C 301 8.86 -0.92 -40.88
CA ALA C 301 8.47 0.32 -40.22
C ALA C 301 7.96 0.06 -38.81
N LEU C 302 7.22 -1.03 -38.60
CA LEU C 302 6.74 -1.36 -37.27
C LEU C 302 7.86 -1.84 -36.37
N PHE C 303 8.87 -2.52 -36.94
CA PHE C 303 10.04 -2.89 -36.15
C PHE C 303 10.81 -1.67 -35.69
N LYS C 304 10.96 -0.67 -36.56
CA LYS C 304 11.62 0.57 -36.18
C LYS C 304 10.86 1.32 -35.11
N ALA C 305 9.53 1.39 -35.24
CA ALA C 305 8.72 2.13 -34.27
C ALA C 305 8.66 1.41 -32.93
N MET C 306 8.70 0.08 -32.94
CA MET C 306 8.67 -0.67 -31.68
C MET C 306 10.03 -0.63 -30.99
N SER C 307 11.12 -0.60 -31.76
CA SER C 307 12.43 -0.47 -31.13
C SER C 307 12.64 0.93 -30.57
N HIS C 308 12.02 1.95 -31.18
CA HIS C 308 12.02 3.27 -30.55
C HIS C 308 11.08 3.31 -29.36
N MET C 309 10.00 2.53 -29.39
CA MET C 309 8.98 2.59 -28.36
C MET C 309 9.46 1.91 -27.08
N LEU C 310 10.07 0.73 -27.20
CA LEU C 310 10.60 -0.02 -26.06
C LEU C 310 12.01 0.40 -25.67
N CYS C 311 12.53 1.49 -26.24
CA CYS C 311 13.82 2.10 -25.91
C CYS C 311 14.99 1.16 -26.18
N ILE C 312 15.09 0.64 -27.41
CA ILE C 312 16.11 -0.36 -27.71
C ILE C 312 17.38 0.29 -28.26
N GLY C 313 17.27 0.94 -29.41
CA GLY C 313 18.44 1.37 -30.14
C GLY C 313 18.42 0.79 -31.54
N TYR C 314 18.40 1.65 -32.55
CA TYR C 314 18.14 1.22 -33.91
C TYR C 314 19.29 1.64 -34.81
N GLY C 315 19.59 0.80 -35.81
CA GLY C 315 20.47 1.19 -36.89
C GLY C 315 21.93 1.20 -36.50
N GLN C 316 22.75 1.67 -37.45
CA GLN C 316 24.18 1.80 -37.19
C GLN C 316 24.58 3.25 -36.99
N GLN C 317 23.92 4.17 -37.68
CA GLN C 317 24.22 5.59 -37.57
C GLN C 317 23.05 6.34 -36.95
N ALA C 318 23.37 7.47 -36.33
CA ALA C 318 22.39 8.38 -35.78
C ALA C 318 21.57 9.00 -36.91
N PRO C 319 20.29 9.37 -36.65
CA PRO C 319 19.47 9.96 -37.72
C PRO C 319 19.98 11.30 -38.21
N VAL C 320 20.03 11.47 -39.53
CA VAL C 320 20.69 12.63 -40.12
C VAL C 320 19.68 13.75 -40.37
N GLY C 321 18.53 13.42 -40.94
CA GLY C 321 17.55 14.43 -41.25
C GLY C 321 16.87 14.97 -40.01
N MET C 322 16.37 16.19 -40.12
CA MET C 322 15.69 16.87 -39.02
C MET C 322 14.30 16.34 -38.64
N PRO C 323 13.42 15.93 -39.57
CA PRO C 323 12.17 15.31 -39.07
C PRO C 323 12.35 13.90 -38.52
N ASP C 324 13.50 13.26 -38.77
CA ASP C 324 13.72 11.93 -38.21
C ASP C 324 14.14 12.02 -36.75
N VAL C 325 14.92 13.06 -36.42
CA VAL C 325 15.43 13.24 -35.05
C VAL C 325 14.28 13.52 -34.09
N TRP C 326 13.46 14.51 -34.42
CA TRP C 326 12.41 14.95 -33.50
C TRP C 326 11.30 13.92 -33.36
N LEU C 327 11.03 13.17 -34.43
CA LEU C 327 9.99 12.17 -34.35
C LEU C 327 10.49 10.91 -33.65
N THR C 328 11.79 10.61 -33.77
CA THR C 328 12.40 9.57 -32.95
C THR C 328 12.34 9.92 -31.48
N MET C 329 12.61 11.19 -31.14
CA MET C 329 12.56 11.63 -29.75
C MET C 329 11.13 11.59 -29.20
N LEU C 330 10.14 11.96 -30.02
CA LEU C 330 8.74 11.87 -29.62
C LEU C 330 8.34 10.42 -29.37
N SER C 331 8.80 9.49 -30.23
CA SER C 331 8.51 8.08 -30.04
C SER C 331 9.13 7.54 -28.75
N MET C 332 10.35 7.96 -28.43
CA MET C 332 11.00 7.49 -27.22
C MET C 332 10.30 8.01 -25.97
N ILE C 333 9.85 9.26 -25.98
CA ILE C 333 9.15 9.82 -24.81
C ILE C 333 7.79 9.15 -24.61
N VAL C 334 7.04 8.93 -25.69
CA VAL C 334 5.73 8.28 -25.59
C VAL C 334 5.87 6.84 -25.12
N GLY C 335 6.87 6.12 -25.64
CA GLY C 335 7.09 4.74 -25.20
C GLY C 335 7.54 4.63 -23.75
N ALA C 336 8.37 5.58 -23.30
CA ALA C 336 8.84 5.55 -21.92
C ALA C 336 7.71 5.81 -20.94
N THR C 337 6.83 6.77 -21.24
CA THR C 337 5.75 7.03 -20.29
C THR C 337 4.69 5.94 -20.32
N CYS C 338 4.47 5.29 -21.48
CA CYS C 338 3.53 4.16 -21.51
C CYS C 338 4.09 2.95 -20.76
N TYR C 339 5.39 2.72 -20.84
CA TYR C 339 5.97 1.59 -20.11
C TYR C 339 5.96 1.86 -18.60
N ALA C 340 6.14 3.12 -18.20
CA ALA C 340 6.04 3.45 -16.77
C ALA C 340 4.64 3.25 -16.24
N MET C 341 3.61 3.63 -17.01
CA MET C 341 2.24 3.38 -16.57
C MET C 341 1.92 1.88 -16.55
N PHE C 342 2.53 1.10 -17.45
CA PHE C 342 2.32 -0.35 -17.43
C PHE C 342 2.93 -0.99 -16.19
N ILE C 343 4.12 -0.52 -15.77
CA ILE C 343 4.72 -1.03 -14.55
C ILE C 343 3.88 -0.66 -13.33
N GLY C 344 3.32 0.56 -13.32
CA GLY C 344 2.45 0.95 -12.23
C GLY C 344 1.18 0.11 -12.13
N HIS C 345 0.57 -0.21 -13.27
CA HIS C 345 -0.62 -1.06 -13.26
C HIS C 345 -0.29 -2.49 -12.88
N ALA C 346 0.86 -2.99 -13.30
CA ALA C 346 1.25 -4.35 -12.92
C ALA C 346 1.53 -4.47 -11.43
N THR C 347 2.11 -3.42 -10.83
CA THR C 347 2.33 -3.42 -9.39
C THR C 347 1.01 -3.36 -8.63
N ALA C 348 0.07 -2.53 -9.11
CA ALA C 348 -1.24 -2.45 -8.46
C ALA C 348 -2.03 -3.74 -8.62
N LEU C 349 -1.78 -4.48 -9.70
CA LEU C 349 -2.45 -5.78 -9.85
C LEU C 349 -1.83 -6.84 -8.95
N ILE C 350 -0.50 -6.82 -8.80
CA ILE C 350 0.18 -7.85 -7.99
C ILE C 350 -0.10 -7.64 -6.50
N GLN C 351 -0.25 -6.38 -6.07
CA GLN C 351 -0.46 -6.13 -4.65
C GLN C 351 -1.86 -6.54 -4.18
N SER C 352 -2.78 -6.81 -5.11
CA SER C 352 -4.14 -7.15 -4.69
C SER C 352 -4.41 -8.64 -4.77
N LEU C 353 -3.38 -9.47 -4.93
CA LEU C 353 -3.61 -10.90 -5.12
C LEU C 353 -3.67 -11.64 -3.78
N ASP C 354 -2.80 -11.28 -2.85
CA ASP C 354 -2.59 -12.03 -1.61
C ASP C 354 -2.88 -11.18 -0.38
N SER C 355 -4.03 -10.50 -0.37
CA SER C 355 -4.33 -9.52 0.67
C SER C 355 -4.56 -10.18 2.03
N SER C 356 -5.33 -11.27 2.05
CA SER C 356 -5.62 -11.94 3.31
C SER C 356 -4.40 -12.69 3.84
N ARG C 357 -3.47 -13.05 2.96
CA ARG C 357 -2.20 -13.60 3.42
C ARG C 357 -1.30 -12.51 3.99
N ARG C 358 -1.38 -11.30 3.43
CA ARG C 358 -0.46 -10.24 3.82
C ARG C 358 -0.88 -9.59 5.13
N GLN C 359 -2.19 -9.48 5.35
CA GLN C 359 -2.67 -8.84 6.58
C GLN C 359 -2.41 -9.72 7.79
N TYR C 360 -2.42 -11.04 7.61
CA TYR C 360 -2.00 -11.94 8.69
C TYR C 360 -0.54 -11.75 9.04
N GLN C 361 0.31 -11.53 8.02
CA GLN C 361 1.73 -11.31 8.28
C GLN C 361 1.96 -10.00 9.02
N GLU C 362 1.22 -8.94 8.65
CA GLU C 362 1.35 -7.68 9.36
C GLU C 362 0.85 -7.77 10.80
N LYS C 363 -0.24 -8.50 11.01
CA LYS C 363 -0.76 -8.72 12.35
C LYS C 363 0.23 -9.50 13.21
N TYR C 364 0.90 -10.50 12.62
CA TYR C 364 1.86 -11.27 13.41
C TYR C 364 3.15 -10.49 13.65
N LYS C 365 3.50 -9.57 12.75
CA LYS C 365 4.59 -8.64 13.02
C LYS C 365 4.30 -7.79 14.25
N GLN C 366 3.06 -7.31 14.36
CA GLN C 366 2.69 -6.54 15.56
C GLN C 366 2.65 -7.43 16.81
N VAL C 367 2.25 -8.70 16.66
CA VAL C 367 2.23 -9.61 17.80
C VAL C 367 3.64 -9.88 18.31
N GLU C 368 4.58 -10.20 17.42
CA GLU C 368 5.94 -10.48 17.88
C GLU C 368 6.64 -9.21 18.33
N GLN C 369 6.18 -8.04 17.87
CA GLN C 369 6.69 -6.80 18.43
C GLN C 369 6.19 -6.58 19.86
N TYR C 370 4.92 -6.93 20.13
CA TYR C 370 4.42 -6.90 21.51
C TYR C 370 5.17 -7.89 22.39
N MET C 371 5.59 -9.03 21.82
CA MET C 371 6.43 -9.97 22.55
C MET C 371 7.78 -9.35 22.87
N SER C 372 8.38 -8.67 21.90
CA SER C 372 9.73 -8.14 22.07
C SER C 372 9.77 -6.93 23.00
N PHE C 373 8.63 -6.26 23.17
CA PHE C 373 8.61 -5.08 24.04
C PHE C 373 8.70 -5.47 25.51
N HIS C 374 7.94 -6.49 25.92
CA HIS C 374 7.91 -6.91 27.32
C HIS C 374 8.94 -7.97 27.64
N LYS C 375 9.76 -8.38 26.66
CA LYS C 375 10.88 -9.31 26.82
C LYS C 375 10.43 -10.67 27.36
N LEU C 376 9.53 -11.30 26.63
CA LEU C 376 8.99 -12.59 27.05
C LEU C 376 10.02 -13.70 26.79
N PRO C 377 9.94 -14.81 27.51
CA PRO C 377 10.84 -15.94 27.23
C PRO C 377 10.52 -16.60 25.90
N ALA C 378 11.42 -17.50 25.48
CA ALA C 378 11.32 -18.08 24.15
C ALA C 378 10.19 -19.09 24.03
N ASP C 379 9.93 -19.83 25.11
CA ASP C 379 8.89 -20.86 25.08
C ASP C 379 7.51 -20.25 24.99
N THR C 380 7.30 -19.11 25.65
CA THR C 380 6.02 -18.40 25.53
C THR C 380 5.83 -17.82 24.15
N ARG C 381 6.93 -17.33 23.53
CA ARG C 381 6.86 -16.86 22.15
C ARG C 381 6.46 -17.98 21.20
N GLN C 382 7.06 -19.16 21.36
CA GLN C 382 6.72 -20.32 20.55
C GLN C 382 5.28 -20.75 20.77
N ARG C 383 4.81 -20.65 22.02
CA ARG C 383 3.45 -21.08 22.35
C ARG C 383 2.39 -20.14 21.75
N ILE C 384 2.65 -18.83 21.79
CA ILE C 384 1.73 -17.87 21.18
C ILE C 384 1.74 -18.01 19.66
N HIS C 385 2.91 -18.32 19.08
CA HIS C 385 2.98 -18.55 17.64
C HIS C 385 2.18 -19.79 17.23
N GLU C 386 2.28 -20.87 18.00
CA GLU C 386 1.50 -22.07 17.71
C GLU C 386 0.01 -21.81 17.88
N TYR C 387 -0.36 -20.98 18.87
CA TYR C 387 -1.77 -20.62 19.06
C TYR C 387 -2.32 -19.85 17.87
N TYR C 388 -1.57 -18.89 17.35
CA TYR C 388 -2.08 -18.12 16.21
C TYR C 388 -2.09 -18.95 14.94
N GLU C 389 -1.17 -19.91 14.81
CA GLU C 389 -1.22 -20.82 13.68
C GLU C 389 -2.45 -21.71 13.73
N HIS C 390 -2.82 -22.20 14.91
CA HIS C 390 -3.99 -23.07 14.98
C HIS C 390 -5.29 -22.28 15.13
N ARG C 391 -5.19 -20.96 15.32
CA ARG C 391 -6.38 -20.14 15.41
C ARG C 391 -6.77 -19.54 14.06
N TYR C 392 -5.87 -18.78 13.44
CA TYR C 392 -6.23 -18.10 12.20
C TYR C 392 -5.78 -18.83 10.95
N GLN C 393 -4.83 -19.76 11.07
CA GLN C 393 -4.37 -20.63 9.98
C GLN C 393 -3.76 -19.83 8.83
N GLY C 394 -2.97 -18.82 9.15
CA GLY C 394 -2.35 -17.99 8.14
C GLY C 394 -3.30 -17.12 7.37
N LYS C 395 -4.48 -16.86 7.92
CA LYS C 395 -5.61 -16.30 7.19
C LYS C 395 -6.33 -15.30 8.07
N MET C 396 -6.42 -14.05 7.61
CA MET C 396 -6.88 -12.95 8.45
C MET C 396 -8.36 -12.70 8.24
N PHE C 397 -9.10 -12.63 9.35
CA PHE C 397 -10.52 -12.26 9.35
C PHE C 397 -10.88 -11.82 10.76
N ASP C 398 -12.04 -11.18 10.88
CA ASP C 398 -12.53 -10.64 12.15
C ASP C 398 -14.01 -11.00 12.26
N GLU C 399 -14.33 -12.01 13.08
CA GLU C 399 -15.65 -12.63 13.03
C GLU C 399 -16.74 -11.71 13.57
N GLU C 400 -16.38 -10.80 14.50
CA GLU C 400 -17.38 -9.98 15.17
C GLU C 400 -17.98 -8.95 14.22
N SER C 401 -17.14 -8.29 13.42
CA SER C 401 -17.65 -7.30 12.47
C SER C 401 -18.39 -7.96 11.32
N ILE C 402 -17.97 -9.15 10.91
CA ILE C 402 -18.67 -9.87 9.84
C ILE C 402 -20.04 -10.31 10.31
N LEU C 403 -20.15 -10.77 11.56
CA LEU C 403 -21.47 -11.11 12.09
C LEU C 403 -22.29 -9.87 12.37
N GLY C 404 -21.64 -8.72 12.58
CA GLY C 404 -22.40 -7.50 12.78
C GLY C 404 -22.98 -6.94 11.50
N GLU C 405 -22.27 -7.11 10.38
CA GLU C 405 -22.72 -6.53 9.11
C GLU C 405 -23.90 -7.29 8.51
N LEU C 406 -24.05 -8.56 8.83
CA LEU C 406 -25.07 -9.39 8.20
C LEU C 406 -26.45 -9.05 8.72
N SER C 407 -27.47 -9.58 8.04
CA SER C 407 -28.85 -9.37 8.47
C SER C 407 -29.24 -10.43 9.49
N GLU C 408 -30.49 -10.34 9.94
CA GLU C 408 -30.98 -11.27 10.95
C GLU C 408 -31.27 -12.68 10.42
N PRO C 409 -31.85 -12.89 9.22
CA PRO C 409 -31.97 -14.30 8.76
C PRO C 409 -30.66 -14.94 8.35
N LEU C 410 -29.63 -14.14 8.03
CA LEU C 410 -28.36 -14.74 7.60
C LEU C 410 -27.53 -15.19 8.79
N ARG C 411 -27.65 -14.50 9.93
CA ARG C 411 -26.95 -14.93 11.12
C ARG C 411 -27.53 -16.22 11.67
N GLU C 412 -28.83 -16.42 11.51
CA GLU C 412 -29.48 -17.61 12.04
C GLU C 412 -29.16 -18.84 11.18
N GLU C 413 -28.90 -18.62 9.89
CA GLU C 413 -28.61 -19.74 9.00
C GLU C 413 -27.21 -20.29 9.22
N ILE C 414 -26.26 -19.44 9.59
CA ILE C 414 -24.90 -19.88 9.82
C ILE C 414 -24.80 -20.68 11.12
N ILE C 415 -25.54 -20.24 12.14
CA ILE C 415 -25.49 -20.91 13.44
C ILE C 415 -26.20 -22.26 13.36
N ASN C 416 -27.22 -22.37 12.51
CA ASN C 416 -27.92 -23.64 12.36
C ASN C 416 -27.08 -24.68 11.61
N PHE C 417 -25.99 -24.26 10.97
CA PHE C 417 -25.07 -25.22 10.38
C PHE C 417 -24.01 -25.66 11.38
N THR C 418 -23.53 -24.73 12.20
CA THR C 418 -22.36 -25.01 13.03
C THR C 418 -22.74 -25.43 14.44
N CYS C 419 -23.66 -24.71 15.07
CA CYS C 419 -23.95 -24.90 16.48
C CYS C 419 -25.19 -25.75 16.76
N ARG C 420 -25.96 -26.12 15.74
CA ARG C 420 -27.20 -26.85 15.97
C ARG C 420 -26.94 -28.30 16.35
N GLY C 421 -25.95 -28.93 15.70
CA GLY C 421 -25.78 -30.37 15.87
C GLY C 421 -25.15 -30.74 17.21
N LEU C 422 -24.42 -29.82 17.82
CA LEU C 422 -23.78 -30.11 19.10
C LEU C 422 -24.78 -29.98 20.25
N VAL C 423 -25.73 -29.06 20.13
CA VAL C 423 -26.73 -28.86 21.15
C VAL C 423 -27.77 -29.98 21.11
N ALA C 424 -27.90 -30.65 19.96
CA ALA C 424 -28.85 -31.75 19.84
C ALA C 424 -28.39 -32.98 20.62
N HIS C 425 -27.10 -33.06 20.95
CA HIS C 425 -26.61 -34.17 21.77
C HIS C 425 -27.10 -34.04 23.22
N MET C 426 -27.25 -32.81 23.70
CA MET C 426 -27.60 -32.59 25.09
C MET C 426 -29.07 -32.94 25.32
N PRO C 427 -29.39 -33.74 26.34
CA PRO C 427 -30.79 -34.19 26.50
C PRO C 427 -31.72 -33.12 27.04
N LEU C 428 -31.19 -32.08 27.69
CA LEU C 428 -32.05 -31.04 28.24
C LEU C 428 -32.55 -30.11 27.14
N PHE C 429 -31.70 -29.84 26.14
CA PHE C 429 -32.08 -28.90 25.10
C PHE C 429 -32.79 -29.58 23.93
N ALA C 430 -32.84 -30.91 23.93
CA ALA C 430 -33.46 -31.63 22.81
C ALA C 430 -34.98 -31.55 22.90
N HIS C 431 -35.53 -31.54 24.11
CA HIS C 431 -36.98 -31.54 24.29
C HIS C 431 -37.57 -30.14 24.33
N ALA C 432 -36.76 -29.10 24.16
CA ALA C 432 -37.24 -27.73 24.27
C ALA C 432 -37.97 -27.30 23.01
N ASP C 433 -38.69 -26.18 23.13
CA ASP C 433 -39.27 -25.53 21.96
C ASP C 433 -38.16 -24.92 21.11
N PRO C 434 -38.37 -24.81 19.79
CA PRO C 434 -37.32 -24.20 18.95
C PRO C 434 -37.20 -22.69 19.13
N SER C 435 -38.21 -22.04 19.74
CA SER C 435 -38.08 -20.62 20.02
C SER C 435 -37.13 -20.35 21.17
N PHE C 436 -36.97 -21.34 22.06
CA PHE C 436 -36.05 -21.18 23.18
C PHE C 436 -34.62 -21.50 22.78
N VAL C 437 -34.43 -22.45 21.87
CA VAL C 437 -33.09 -22.95 21.55
C VAL C 437 -32.33 -21.93 20.73
N THR C 438 -33.01 -21.22 19.82
CA THR C 438 -32.33 -20.29 18.92
C THR C 438 -31.84 -19.05 19.65
N ALA C 439 -32.47 -18.70 20.78
CA ALA C 439 -31.97 -17.59 21.58
C ALA C 439 -30.71 -17.98 22.34
N VAL C 440 -30.58 -19.28 22.67
CA VAL C 440 -29.35 -19.76 23.31
C VAL C 440 -28.22 -19.83 22.30
N LEU C 441 -28.54 -20.17 21.05
CA LEU C 441 -27.52 -20.44 20.05
C LEU C 441 -26.79 -19.18 19.59
N THR C 442 -27.41 -18.02 19.78
CA THR C 442 -26.77 -16.78 19.35
C THR C 442 -25.67 -16.35 20.32
N LYS C 443 -25.72 -16.84 21.56
CA LYS C 443 -24.82 -16.39 22.60
C LYS C 443 -23.64 -17.33 22.83
N LEU C 444 -23.45 -18.32 21.97
CA LEU C 444 -22.27 -19.16 22.06
C LEU C 444 -21.06 -18.42 21.52
N ARG C 445 -19.87 -18.76 22.04
CA ARG C 445 -18.63 -18.12 21.63
C ARG C 445 -17.61 -19.19 21.28
N PHE C 446 -16.87 -18.97 20.20
CA PHE C 446 -15.92 -19.95 19.71
C PHE C 446 -14.57 -19.78 20.39
N GLU C 447 -14.03 -20.88 20.90
CA GLU C 447 -12.79 -20.87 21.66
C GLU C 447 -11.86 -21.97 21.17
N VAL C 448 -10.55 -21.68 21.18
CA VAL C 448 -9.53 -22.61 20.73
C VAL C 448 -8.53 -22.79 21.86
N PHE C 449 -8.26 -24.04 22.22
CA PHE C 449 -7.32 -24.37 23.29
C PHE C 449 -6.15 -25.15 22.74
N GLN C 450 -5.18 -25.41 23.61
CA GLN C 450 -3.91 -26.04 23.28
C GLN C 450 -3.80 -27.36 24.03
N PRO C 451 -2.94 -28.27 23.57
CA PRO C 451 -2.58 -29.40 24.42
C PRO C 451 -1.78 -28.93 25.63
N GLY C 452 -2.20 -29.42 26.80
CA GLY C 452 -1.58 -29.02 28.05
C GLY C 452 -2.33 -27.97 28.84
N ASP C 453 -3.20 -27.18 28.19
CA ASP C 453 -3.93 -26.16 28.92
C ASP C 453 -5.04 -26.79 29.76
N LEU C 454 -5.16 -26.32 30.99
CA LEU C 454 -6.22 -26.76 31.90
C LEU C 454 -7.46 -25.92 31.57
N VAL C 455 -8.52 -26.60 31.12
CA VAL C 455 -9.72 -25.90 30.69
C VAL C 455 -10.51 -25.41 31.88
N VAL C 456 -10.92 -26.34 32.76
CA VAL C 456 -11.62 -26.01 33.99
C VAL C 456 -10.73 -26.48 35.15
N ARG C 457 -10.59 -25.61 36.15
CA ARG C 457 -9.78 -25.93 37.33
C ARG C 457 -10.67 -26.14 38.53
N GLU C 458 -10.20 -26.98 39.45
CA GLU C 458 -10.94 -27.27 40.67
C GLU C 458 -10.87 -26.07 41.62
N GLY C 459 -11.95 -25.88 42.38
CA GLY C 459 -12.00 -24.75 43.29
C GLY C 459 -12.46 -23.46 42.67
N SER C 460 -13.00 -23.51 41.46
CA SER C 460 -13.48 -22.32 40.76
C SER C 460 -15.00 -22.29 40.78
N VAL C 461 -15.57 -21.14 40.40
CA VAL C 461 -17.01 -20.96 40.50
C VAL C 461 -17.72 -21.69 39.35
N GLY C 462 -17.04 -21.85 38.22
CA GLY C 462 -17.65 -22.55 37.08
C GLY C 462 -18.79 -21.81 36.43
N ARG C 463 -18.52 -20.65 35.83
CA ARG C 463 -19.60 -19.83 35.28
C ARG C 463 -19.99 -20.29 33.88
N LYS C 464 -19.10 -21.02 33.20
CA LYS C 464 -19.29 -21.29 31.78
C LYS C 464 -19.50 -22.78 31.52
N MET C 465 -20.38 -23.09 30.56
CA MET C 465 -20.63 -24.44 30.11
C MET C 465 -20.04 -24.61 28.71
N TYR C 466 -19.39 -25.74 28.47
CA TYR C 466 -18.62 -25.95 27.25
C TYR C 466 -19.18 -27.11 26.44
N PHE C 467 -19.27 -26.91 25.13
CA PHE C 467 -19.59 -27.93 24.16
C PHE C 467 -18.36 -28.20 23.31
N ILE C 468 -18.24 -29.43 22.81
CA ILE C 468 -17.04 -29.88 22.13
C ILE C 468 -17.36 -30.12 20.66
N GLN C 469 -16.61 -29.44 19.78
CA GLN C 469 -16.73 -29.64 18.35
C GLN C 469 -15.64 -30.54 17.80
N HIS C 470 -14.38 -30.22 18.06
CA HIS C 470 -13.25 -31.06 17.68
C HIS C 470 -12.35 -31.27 18.87
N GLY C 471 -11.24 -31.98 18.65
CA GLY C 471 -10.22 -32.15 19.65
C GLY C 471 -10.57 -33.26 20.64
N LEU C 472 -9.59 -33.56 21.48
CA LEU C 472 -9.71 -34.60 22.50
C LEU C 472 -9.23 -34.05 23.83
N LEU C 473 -9.92 -34.40 24.90
CA LEU C 473 -9.61 -33.91 26.23
C LEU C 473 -9.99 -34.96 27.26
N SER C 474 -9.46 -34.80 28.47
CA SER C 474 -9.60 -35.78 29.53
C SER C 474 -10.12 -35.12 30.81
N VAL C 475 -10.99 -35.83 31.52
CA VAL C 475 -11.48 -35.37 32.81
C VAL C 475 -10.60 -35.97 33.91
N LEU C 476 -10.41 -35.23 34.99
CA LEU C 476 -9.57 -35.71 36.09
C LEU C 476 -10.36 -35.76 37.39
N ARG C 484 -11.61 -39.86 28.93
CA ARG C 484 -11.50 -39.32 27.58
C ARG C 484 -12.85 -38.86 27.07
N LEU C 485 -12.90 -37.65 26.51
CA LEU C 485 -14.11 -37.12 25.89
C LEU C 485 -13.78 -36.75 24.44
N THR C 486 -14.41 -37.43 23.49
CA THR C 486 -14.15 -37.20 22.09
C THR C 486 -15.04 -36.07 21.57
N ASP C 487 -15.10 -35.91 20.25
CA ASP C 487 -15.84 -34.82 19.64
C ASP C 487 -17.35 -35.04 19.79
N GLY C 488 -18.09 -33.94 19.87
CA GLY C 488 -19.52 -33.99 20.08
C GLY C 488 -19.97 -34.05 21.52
N SER C 489 -19.03 -34.17 22.47
CA SER C 489 -19.38 -34.29 23.87
C SER C 489 -19.58 -32.92 24.50
N TYR C 490 -19.69 -32.93 25.83
CA TYR C 490 -19.87 -31.71 26.61
C TYR C 490 -19.44 -31.98 28.05
N PHE C 491 -19.04 -30.93 28.76
CA PHE C 491 -18.67 -31.02 30.15
C PHE C 491 -18.97 -29.70 30.85
N GLY C 492 -19.10 -29.77 32.18
CA GLY C 492 -19.44 -28.60 32.94
C GLY C 492 -20.89 -28.18 32.85
N GLU C 493 -21.79 -29.11 32.54
CA GLU C 493 -23.19 -28.75 32.34
C GLU C 493 -23.91 -28.58 33.67
N ILE C 494 -23.61 -29.44 34.64
CA ILE C 494 -24.35 -29.45 35.90
C ILE C 494 -23.94 -28.30 36.79
N CYS C 495 -22.76 -27.71 36.54
CA CYS C 495 -22.26 -26.63 37.38
C CYS C 495 -23.05 -25.35 37.16
N LEU C 496 -23.53 -25.13 35.93
CA LEU C 496 -24.33 -23.94 35.64
C LEU C 496 -25.72 -24.06 36.24
N LEU C 497 -26.22 -25.29 36.42
CA LEU C 497 -27.53 -25.48 37.03
C LEU C 497 -27.44 -25.40 38.55
N THR C 498 -26.36 -25.95 39.14
CA THR C 498 -26.26 -25.98 40.59
C THR C 498 -25.69 -24.69 41.15
N ARG C 499 -24.96 -23.91 40.33
CA ARG C 499 -24.29 -22.65 40.71
C ARG C 499 -23.32 -22.86 41.87
N GLY C 500 -22.62 -24.00 41.87
CA GLY C 500 -21.71 -24.33 42.92
C GLY C 500 -20.28 -24.46 42.42
N ARG C 501 -19.41 -24.93 43.30
CA ARG C 501 -18.01 -25.06 42.97
C ARG C 501 -17.77 -26.28 42.08
N ARG C 502 -16.88 -26.13 41.11
CA ARG C 502 -16.55 -27.23 40.21
C ARG C 502 -15.75 -28.30 40.94
N THR C 503 -16.03 -29.57 40.63
CA THR C 503 -15.44 -30.66 41.39
C THR C 503 -14.21 -31.24 40.70
N ALA C 504 -14.27 -31.37 39.37
CA ALA C 504 -13.20 -32.02 38.62
C ALA C 504 -12.45 -31.00 37.77
N SER C 505 -11.33 -31.44 37.21
CA SER C 505 -10.49 -30.59 36.38
C SER C 505 -10.32 -31.25 35.01
N VAL C 506 -10.27 -30.42 33.97
CA VAL C 506 -10.23 -30.90 32.58
C VAL C 506 -8.96 -30.37 31.92
N ARG C 507 -8.19 -31.27 31.32
CA ARG C 507 -6.98 -30.94 30.59
C ARG C 507 -7.15 -31.37 29.14
N ALA C 508 -6.83 -30.47 28.21
CA ALA C 508 -6.95 -30.78 26.79
C ALA C 508 -5.77 -31.61 26.29
N ASP C 509 -6.06 -32.73 25.63
CA ASP C 509 -5.00 -33.58 25.11
C ASP C 509 -4.42 -33.03 23.82
N THR C 510 -5.22 -32.30 23.05
CA THR C 510 -4.76 -31.74 21.79
C THR C 510 -5.51 -30.43 21.55
N TYR C 511 -5.35 -29.88 20.35
CA TYR C 511 -6.01 -28.63 20.00
C TYR C 511 -7.50 -28.82 19.87
N CYS C 512 -8.26 -28.12 20.70
CA CYS C 512 -9.70 -28.28 20.79
C CYS C 512 -10.39 -27.04 20.24
N ARG C 513 -11.60 -27.25 19.72
CA ARG C 513 -12.47 -26.15 19.29
C ARG C 513 -13.77 -26.27 20.07
N LEU C 514 -14.05 -25.27 20.90
CA LEU C 514 -15.14 -25.35 21.85
C LEU C 514 -16.13 -24.22 21.65
N TYR C 515 -17.35 -24.45 22.12
CA TYR C 515 -18.40 -23.44 22.15
C TYR C 515 -18.78 -23.19 23.60
N SER C 516 -18.74 -21.92 24.02
CA SER C 516 -18.87 -21.55 25.42
C SER C 516 -20.19 -20.83 25.66
N LEU C 517 -20.85 -21.17 26.75
CA LEU C 517 -22.07 -20.50 27.18
C LEU C 517 -21.92 -20.09 28.64
N SER C 518 -22.00 -18.79 28.90
CA SER C 518 -21.87 -18.28 30.26
C SER C 518 -23.19 -18.46 31.01
N VAL C 519 -23.15 -18.11 32.31
CA VAL C 519 -24.34 -18.33 33.14
C VAL C 519 -25.32 -17.17 33.01
N ASP C 520 -24.82 -15.95 32.81
CA ASP C 520 -25.70 -14.80 32.67
C ASP C 520 -26.37 -14.79 31.31
N HIS C 521 -25.66 -15.26 30.28
CA HIS C 521 -26.23 -15.34 28.95
C HIS C 521 -27.29 -16.43 28.87
N PHE C 522 -27.27 -17.38 29.80
CA PHE C 522 -28.35 -18.37 29.84
C PHE C 522 -29.48 -17.91 30.74
N ASN C 523 -29.16 -17.13 31.79
CA ASN C 523 -30.20 -16.61 32.66
C ASN C 523 -31.05 -15.57 31.96
N ALA C 524 -30.47 -14.83 31.01
CA ALA C 524 -31.26 -13.89 30.21
C ALA C 524 -32.28 -14.62 29.34
N VAL C 525 -31.89 -15.76 28.78
CA VAL C 525 -32.82 -16.51 27.93
C VAL C 525 -33.85 -17.23 28.79
N LEU C 526 -33.47 -17.63 30.02
CA LEU C 526 -34.46 -18.15 30.95
C LEU C 526 -35.46 -17.06 31.36
N GLU C 527 -35.00 -15.81 31.45
CA GLU C 527 -35.92 -14.72 31.71
C GLU C 527 -36.80 -14.42 30.51
N GLU C 528 -36.31 -14.76 29.31
CA GLU C 528 -37.11 -14.54 28.10
C GLU C 528 -38.25 -15.55 27.99
N PHE C 529 -38.10 -16.73 28.57
CA PHE C 529 -39.09 -17.80 28.44
C PHE C 529 -39.40 -18.41 29.79
N PRO C 530 -40.57 -18.13 30.38
CA PRO C 530 -40.87 -18.65 31.72
C PRO C 530 -41.38 -20.08 31.70
N MET C 531 -41.76 -20.58 30.52
CA MET C 531 -42.20 -21.97 30.41
C MET C 531 -41.03 -22.93 30.55
N MET C 532 -39.87 -22.57 30.00
CA MET C 532 -38.68 -23.40 30.18
C MET C 532 -38.08 -23.23 31.56
N ARG C 533 -38.38 -22.10 32.22
CA ARG C 533 -37.86 -21.87 33.57
C ARG C 533 -38.50 -22.83 34.57
N ARG C 534 -39.74 -23.24 34.32
CA ARG C 534 -40.40 -24.21 35.18
C ARG C 534 -39.78 -25.59 35.05
N ALA C 535 -39.26 -25.92 33.86
CA ALA C 535 -38.71 -27.24 33.62
C ALA C 535 -37.37 -27.44 34.34
N PHE C 536 -36.54 -26.39 34.36
CA PHE C 536 -35.25 -26.52 35.05
C PHE C 536 -35.41 -26.42 36.56
N GLU C 537 -36.56 -25.91 37.02
CA GLU C 537 -36.86 -25.99 38.46
C GLU C 537 -37.22 -27.40 38.86
N THR C 538 -37.87 -28.15 37.97
CA THR C 538 -38.20 -29.54 38.28
C THR C 538 -36.95 -30.43 38.21
N VAL C 539 -35.94 -30.00 37.46
CA VAL C 539 -34.66 -30.71 37.46
C VAL C 539 -33.93 -30.48 38.79
N ALA C 540 -33.96 -29.24 39.28
CA ALA C 540 -33.20 -28.90 40.49
C ALA C 540 -33.82 -29.50 41.75
N MET C 541 -35.12 -29.80 41.71
CA MET C 541 -35.75 -30.43 42.87
C MET C 541 -35.43 -31.91 42.93
N ASP C 542 -35.19 -32.54 41.78
CA ASP C 542 -34.95 -33.98 41.76
C ASP C 542 -33.52 -34.31 42.17
N ARG C 543 -32.55 -33.52 41.73
CA ARG C 543 -31.15 -33.81 41.97
C ARG C 543 -30.75 -33.45 43.40
N GLY D 50 0.45 51.34 1.43
CA GLY D 50 0.80 51.08 2.81
C GLY D 50 0.36 49.73 3.32
N THR D 51 -0.85 49.32 2.93
CA THR D 51 -1.40 48.04 3.37
C THR D 51 -1.09 46.90 2.41
N LEU D 52 -0.21 47.11 1.43
CA LEU D 52 0.16 46.03 0.53
C LEU D 52 1.17 45.08 1.15
N LEU D 53 1.83 45.48 2.23
CA LEU D 53 2.83 44.63 2.84
C LEU D 53 2.25 43.74 3.94
N GLN D 54 1.04 43.98 4.34
CA GLN D 54 0.30 43.28 5.38
C GLN D 54 -0.58 42.21 4.78
N PRO D 55 -0.86 41.12 5.50
CA PRO D 55 -1.70 40.06 4.94
C PRO D 55 -3.16 40.47 4.85
N THR D 56 -3.69 40.44 3.63
CA THR D 56 -5.08 40.78 3.39
C THR D 56 -5.99 39.65 3.88
N VAL D 57 -7.30 39.92 3.84
CA VAL D 57 -8.29 38.97 4.33
C VAL D 57 -8.90 38.25 3.13
N ASN D 58 -8.40 37.05 2.86
CA ASN D 58 -8.94 36.18 1.83
C ASN D 58 -9.25 34.83 2.45
N LYS D 59 -9.55 33.85 1.60
CA LYS D 59 -9.90 32.52 2.11
C LYS D 59 -8.71 31.84 2.76
N PHE D 60 -7.51 32.05 2.21
CA PHE D 60 -6.31 31.42 2.76
C PHE D 60 -5.96 32.00 4.13
N SER D 61 -6.07 33.31 4.29
CA SER D 61 -5.72 33.93 5.57
C SER D 61 -6.72 33.58 6.66
N LEU D 62 -8.01 33.45 6.28
CA LEU D 62 -9.01 33.02 7.24
C LEU D 62 -8.83 31.56 7.61
N ARG D 63 -8.33 30.74 6.68
CA ARG D 63 -8.11 29.34 7.00
C ARG D 63 -6.84 29.15 7.83
N VAL D 64 -5.83 30.00 7.64
CA VAL D 64 -4.56 29.75 8.31
C VAL D 64 -4.47 30.53 9.63
N PHE D 65 -5.31 31.55 9.82
CA PHE D 65 -5.30 32.29 11.07
C PHE D 65 -6.55 32.06 11.91
N GLY D 66 -7.72 32.31 11.35
CA GLY D 66 -8.96 32.21 12.09
C GLY D 66 -9.98 33.20 11.56
N SER D 67 -10.56 33.96 12.47
CA SER D 67 -11.58 34.92 12.05
C SER D 67 -10.94 36.20 11.55
N HIS D 68 -11.78 37.21 11.33
CA HIS D 68 -11.30 38.52 10.90
C HIS D 68 -10.50 39.19 12.01
N LYS D 69 -10.92 38.98 13.27
CA LYS D 69 -10.17 39.51 14.41
C LYS D 69 -8.84 38.78 14.59
N ALA D 70 -8.74 37.54 14.09
CA ALA D 70 -7.48 36.83 14.16
C ALA D 70 -6.49 37.35 13.13
N VAL D 71 -7.00 37.89 12.02
CA VAL D 71 -6.13 38.46 10.99
C VAL D 71 -5.72 39.88 11.37
N GLU D 72 -6.59 40.60 12.08
CA GLU D 72 -6.24 41.94 12.54
C GLU D 72 -5.07 41.93 13.52
N ILE D 73 -4.92 40.86 14.31
CA ILE D 73 -3.80 40.76 15.24
C ILE D 73 -2.49 40.57 14.46
N GLU D 74 -2.53 39.80 13.38
CA GLU D 74 -1.34 39.61 12.55
C GLU D 74 -0.98 40.89 11.81
N GLN D 75 -1.98 41.66 11.39
CA GLN D 75 -1.71 42.96 10.76
C GLN D 75 -1.11 43.94 11.75
N GLU D 76 -1.58 43.91 13.00
CA GLU D 76 -0.97 44.75 14.04
C GLU D 76 0.43 44.28 14.39
N ARG D 77 0.69 42.97 14.24
CA ARG D 77 2.04 42.45 14.47
C ARG D 77 3.00 42.91 13.37
N VAL D 78 2.52 42.98 12.13
CA VAL D 78 3.34 43.54 11.04
C VAL D 78 3.57 45.02 11.27
N LYS D 79 2.55 45.74 11.78
CA LYS D 79 2.71 47.14 12.16
C LYS D 79 3.70 47.33 13.30
N SER D 80 3.82 46.35 14.20
CA SER D 80 4.70 46.49 15.36
C SER D 80 6.16 46.23 15.00
N ALA D 81 6.41 45.81 13.76
CA ALA D 81 7.78 45.64 13.27
C ALA D 81 8.36 46.98 12.84
N GLY D 82 9.45 46.93 12.08
CA GLY D 82 10.17 48.14 11.74
C GLY D 82 9.47 48.97 10.67
N ALA D 83 10.25 49.78 9.98
CA ALA D 83 9.78 50.87 9.10
C ALA D 83 9.02 50.26 7.92
N TRP D 84 9.63 49.43 7.09
CA TRP D 84 8.94 48.75 6.00
C TRP D 84 9.32 47.29 6.03
N ILE D 85 8.41 46.46 6.54
CA ILE D 85 8.62 45.02 6.71
C ILE D 85 7.54 44.30 5.92
N ILE D 86 7.95 43.36 5.09
CA ILE D 86 7.05 42.62 4.21
C ILE D 86 6.59 41.37 4.94
N HIS D 87 5.30 41.06 4.87
CA HIS D 87 4.79 39.82 5.40
C HIS D 87 4.72 38.79 4.27
N PRO D 88 5.13 37.53 4.53
CA PRO D 88 5.24 36.56 3.43
C PRO D 88 3.92 36.07 2.85
N TYR D 89 2.78 36.43 3.43
CA TYR D 89 1.49 36.08 2.86
C TYR D 89 0.79 37.27 2.21
N SER D 90 1.48 38.39 2.05
CA SER D 90 0.86 39.58 1.51
C SER D 90 0.74 39.50 -0.01
N ASP D 91 0.23 40.58 -0.61
CA ASP D 91 0.04 40.59 -2.06
C ASP D 91 1.31 41.05 -2.78
N PHE D 92 2.11 41.88 -2.12
CA PHE D 92 3.36 42.36 -2.71
C PHE D 92 4.33 41.21 -2.93
N ARG D 93 4.45 40.31 -1.95
CA ARG D 93 5.34 39.17 -2.08
C ARG D 93 4.84 38.20 -3.14
N PHE D 94 3.52 38.08 -3.29
CA PHE D 94 2.97 37.20 -4.31
C PHE D 94 3.24 37.73 -5.72
N TYR D 95 3.02 39.03 -5.94
CA TYR D 95 3.29 39.61 -7.25
C TYR D 95 4.79 39.59 -7.58
N TRP D 96 5.62 39.85 -6.57
CA TRP D 96 7.06 39.81 -6.77
C TRP D 96 7.54 38.39 -7.08
N ASP D 97 6.99 37.39 -6.39
CA ASP D 97 7.41 36.03 -6.66
C ASP D 97 6.90 35.54 -8.02
N LEU D 98 5.76 36.06 -8.48
CA LEU D 98 5.30 35.73 -9.83
C LEU D 98 6.25 36.27 -10.90
N ILE D 99 6.64 37.54 -10.77
CA ILE D 99 7.59 38.15 -11.70
C ILE D 99 8.93 37.42 -11.67
N MET D 100 9.41 37.06 -10.47
CA MET D 100 10.69 36.39 -10.37
C MET D 100 10.63 34.96 -10.92
N LEU D 101 9.50 34.25 -10.74
CA LEU D 101 9.41 32.90 -11.30
C LEU D 101 9.39 32.91 -12.83
N LEU D 102 8.71 33.90 -13.42
CA LEU D 102 8.77 34.04 -14.88
C LEU D 102 10.19 34.34 -15.37
N LEU D 103 10.92 35.22 -14.66
CA LEU D 103 12.30 35.51 -15.04
C LEU D 103 13.21 34.30 -14.88
N MET D 104 12.99 33.49 -13.85
CA MET D 104 13.85 32.33 -13.64
C MET D 104 13.64 31.27 -14.71
N VAL D 105 12.38 31.06 -15.11
CA VAL D 105 12.11 30.11 -16.20
C VAL D 105 12.75 30.59 -17.50
N GLY D 106 12.62 31.90 -17.79
CA GLY D 106 13.25 32.45 -19.00
C GLY D 106 14.77 32.35 -19.01
N ASN D 107 15.41 32.69 -17.89
CA ASN D 107 16.87 32.65 -17.84
C ASN D 107 17.40 31.21 -17.84
N LEU D 108 16.75 30.30 -17.11
CA LEU D 108 17.26 28.94 -17.04
C LEU D 108 17.01 28.18 -18.34
N ILE D 109 16.11 28.67 -19.20
CA ILE D 109 16.01 28.07 -20.53
C ILE D 109 17.00 28.73 -21.49
N VAL D 110 17.12 30.06 -21.48
CA VAL D 110 17.85 30.72 -22.56
C VAL D 110 19.36 30.73 -22.31
N LEU D 111 19.80 30.91 -21.06
CA LEU D 111 21.23 31.13 -20.77
C LEU D 111 22.21 30.02 -21.18
N PRO D 112 21.91 28.71 -21.11
CA PRO D 112 22.90 27.77 -21.65
C PRO D 112 23.02 27.80 -23.16
N VAL D 113 21.93 28.10 -23.86
CA VAL D 113 21.93 28.05 -25.32
C VAL D 113 22.70 29.23 -25.89
N GLY D 114 22.59 30.39 -25.24
CA GLY D 114 23.33 31.54 -25.69
C GLY D 114 24.82 31.45 -25.43
N ILE D 115 25.20 30.68 -24.41
CA ILE D 115 26.61 30.53 -24.09
C ILE D 115 27.26 29.48 -24.99
N THR D 116 26.60 28.32 -25.14
CA THR D 116 27.29 27.18 -25.74
C THR D 116 27.23 27.20 -27.26
N PHE D 117 26.15 27.70 -27.85
CA PHE D 117 25.95 27.55 -29.29
C PHE D 117 26.22 28.81 -30.10
N PHE D 118 26.48 29.95 -29.47
CA PHE D 118 26.69 31.19 -30.20
C PHE D 118 28.14 31.64 -30.10
N LYS D 119 28.47 32.67 -30.89
CA LYS D 119 29.87 33.00 -31.11
C LYS D 119 30.47 33.80 -29.95
N GLU D 120 29.94 34.99 -29.68
CA GLU D 120 30.56 35.87 -28.72
C GLU D 120 29.52 36.44 -27.76
N GLU D 121 29.98 36.88 -26.60
CA GLU D 121 29.17 37.52 -25.59
C GLU D 121 29.23 39.04 -25.67
N ASN D 122 29.48 39.60 -26.85
CA ASN D 122 29.55 41.03 -27.05
C ASN D 122 28.44 41.56 -27.95
N SER D 123 27.47 40.71 -28.32
CA SER D 123 26.40 41.17 -29.18
C SER D 123 25.42 42.03 -28.37
N PRO D 124 24.83 43.06 -28.97
CA PRO D 124 24.05 44.04 -28.18
C PRO D 124 22.74 43.54 -27.60
N PRO D 125 22.02 42.55 -28.17
CA PRO D 125 20.88 42.04 -27.38
C PRO D 125 21.30 41.15 -26.22
N TRP D 126 22.50 40.58 -26.27
CA TRP D 126 22.91 39.66 -25.21
C TRP D 126 23.38 40.43 -23.98
N ILE D 127 23.88 41.64 -24.17
CA ILE D 127 24.35 42.43 -23.04
C ILE D 127 23.18 43.06 -22.29
N VAL D 128 22.19 43.57 -23.04
CA VAL D 128 21.04 44.25 -22.44
C VAL D 128 20.18 43.25 -21.68
N PHE D 129 20.07 42.01 -22.19
CA PHE D 129 19.24 41.00 -21.54
C PHE D 129 19.87 40.52 -20.22
N ASN D 130 21.19 40.53 -20.13
CA ASN D 130 21.84 40.01 -18.92
C ASN D 130 22.01 41.08 -17.86
N VAL D 131 22.17 42.34 -18.27
CA VAL D 131 22.31 43.41 -17.29
C VAL D 131 20.97 43.75 -16.65
N LEU D 132 19.89 43.75 -17.44
CA LEU D 132 18.59 44.08 -16.89
C LEU D 132 18.00 42.93 -16.07
N SER D 133 18.45 41.70 -16.34
CA SER D 133 17.94 40.58 -15.54
C SER D 133 18.68 40.47 -14.23
N ASP D 134 19.98 40.76 -14.22
CA ASP D 134 20.76 40.64 -12.98
C ASP D 134 20.46 41.78 -12.02
N THR D 135 19.85 42.86 -12.52
CA THR D 135 19.37 43.92 -11.64
C THR D 135 18.18 43.44 -10.82
N PHE D 136 17.28 42.68 -11.46
CA PHE D 136 16.10 42.17 -10.76
C PHE D 136 16.46 41.05 -9.80
N PHE D 137 17.47 40.24 -10.13
CA PHE D 137 17.89 39.20 -9.20
C PHE D 137 18.74 39.78 -8.08
N LEU D 138 19.19 41.02 -8.21
CA LEU D 138 19.90 41.67 -7.11
C LEU D 138 18.94 42.36 -6.17
N LEU D 139 17.76 42.76 -6.68
CA LEU D 139 16.72 43.30 -5.81
C LEU D 139 16.07 42.19 -4.99
N ASP D 140 16.08 40.96 -5.50
CA ASP D 140 15.52 39.84 -4.75
C ASP D 140 16.43 39.48 -3.57
N LEU D 141 17.71 39.79 -3.67
CA LEU D 141 18.61 39.60 -2.55
C LEU D 141 18.36 40.64 -1.46
N VAL D 142 18.01 41.86 -1.84
CA VAL D 142 17.80 42.92 -0.86
C VAL D 142 16.48 42.72 -0.14
N LEU D 143 15.44 42.29 -0.86
CA LEU D 143 14.12 42.18 -0.25
C LEU D 143 13.98 40.94 0.62
N ASN D 144 14.96 40.03 0.60
CA ASN D 144 14.88 38.87 1.49
C ASN D 144 15.38 39.19 2.88
N PHE D 145 15.88 40.41 3.09
CA PHE D 145 16.24 40.83 4.44
C PHE D 145 15.02 41.31 5.22
N ARG D 146 13.86 41.39 4.58
CA ARG D 146 12.72 42.06 5.21
C ARG D 146 11.51 41.14 5.34
N THR D 147 11.43 40.09 4.53
CA THR D 147 10.18 39.33 4.44
C THR D 147 9.93 38.45 5.65
N GLY D 148 10.98 37.85 6.19
CA GLY D 148 10.69 36.98 7.33
C GLY D 148 10.27 35.59 6.91
N ILE D 149 10.62 34.62 7.75
CA ILE D 149 10.64 33.22 7.36
C ILE D 149 9.50 32.50 8.06
N VAL D 150 8.67 31.81 7.26
CA VAL D 150 7.64 30.94 7.83
C VAL D 150 8.29 29.68 8.38
N VAL D 151 8.21 29.50 9.69
CA VAL D 151 8.78 28.33 10.33
C VAL D 151 7.70 27.30 10.62
N GLU D 156 5.21 32.57 12.58
CA GLU D 156 6.13 33.19 11.64
C GLU D 156 7.18 34.01 12.36
N ILE D 157 8.11 34.57 11.59
CA ILE D 157 9.11 35.50 12.07
C ILE D 157 8.91 36.81 11.35
N LEU D 158 8.69 37.88 12.11
CA LEU D 158 8.53 39.21 11.53
C LEU D 158 9.47 40.23 12.15
N LEU D 159 10.18 39.86 13.21
CA LEU D 159 11.05 40.82 13.90
C LEU D 159 12.33 41.04 13.10
N ALA D 160 12.74 42.30 13.01
CA ALA D 160 13.87 42.72 12.22
C ALA D 160 14.81 43.57 13.06
N PRO D 161 16.13 43.50 12.80
CA PRO D 161 16.84 42.59 11.91
C PRO D 161 17.46 41.42 12.67
N ARG D 162 16.90 41.06 13.81
CA ARG D 162 17.55 40.10 14.69
C ARG D 162 17.44 38.68 14.16
N ALA D 163 16.23 38.22 13.87
CA ALA D 163 16.04 36.81 13.51
C ALA D 163 16.10 36.61 12.00
N ILE D 164 15.57 37.58 11.24
CA ILE D 164 15.48 37.44 9.78
C ILE D 164 16.85 37.44 9.15
N ARG D 165 17.68 38.43 9.51
CA ARG D 165 18.99 38.59 8.88
C ARG D 165 19.93 37.45 9.25
N THR D 166 19.94 37.04 10.52
CA THR D 166 20.80 35.94 10.93
C THR D 166 20.33 34.60 10.39
N ARG D 167 19.01 34.39 10.34
CA ARG D 167 18.49 33.13 9.81
C ARG D 167 18.64 33.06 8.30
N TYR D 168 18.78 34.21 7.65
CA TYR D 168 19.02 34.20 6.21
C TYR D 168 20.51 34.03 5.90
N LEU D 169 21.37 34.68 6.69
CA LEU D 169 22.81 34.54 6.49
C LEU D 169 23.28 33.13 6.82
N ARG D 170 22.65 32.47 7.79
CA ARG D 170 23.08 31.14 8.16
C ARG D 170 22.65 30.08 7.15
N THR D 171 21.68 30.37 6.28
CA THR D 171 21.15 29.32 5.42
C THR D 171 21.40 29.53 3.93
N TRP D 172 20.92 30.63 3.35
CA TRP D 172 20.87 30.74 1.90
C TRP D 172 21.46 32.03 1.34
N PHE D 173 22.35 32.70 2.07
CA PHE D 173 22.87 33.97 1.55
C PHE D 173 23.94 33.76 0.50
N LEU D 174 24.78 32.74 0.68
CA LEU D 174 25.96 32.57 -0.18
C LEU D 174 25.55 32.16 -1.58
N VAL D 175 24.57 31.25 -1.68
CA VAL D 175 24.11 30.77 -2.99
C VAL D 175 23.43 31.90 -3.76
N ASP D 176 22.60 32.68 -3.07
CA ASP D 176 21.91 33.80 -3.74
C ASP D 176 22.90 34.89 -4.13
N LEU D 177 23.95 35.08 -3.33
CA LEU D 177 24.98 36.06 -3.66
C LEU D 177 25.76 35.64 -4.89
N ILE D 178 26.09 34.35 -5.00
CA ILE D 178 26.82 33.87 -6.17
C ILE D 178 25.94 33.92 -7.42
N SER D 179 24.66 33.55 -7.28
CA SER D 179 23.79 33.51 -8.46
C SER D 179 23.25 34.90 -8.80
N SER D 180 23.55 35.91 -7.99
CA SER D 180 23.04 37.25 -8.26
C SER D 180 24.01 38.08 -9.08
N ILE D 181 25.26 38.20 -8.63
CA ILE D 181 26.21 39.16 -9.18
C ILE D 181 26.78 38.71 -10.51
N PRO D 182 27.12 39.63 -11.42
CA PRO D 182 27.80 39.28 -12.70
C PRO D 182 29.30 39.01 -12.53
N VAL D 183 29.61 37.75 -12.21
CA VAL D 183 30.98 37.37 -11.85
C VAL D 183 31.90 37.44 -13.06
N ASP D 184 31.42 37.05 -14.23
CA ASP D 184 32.28 36.97 -15.41
C ASP D 184 32.67 38.35 -15.93
N TYR D 185 31.78 39.34 -15.78
CA TYR D 185 32.10 40.68 -16.23
C TYR D 185 33.16 41.32 -15.35
N ILE D 186 33.23 40.93 -14.08
CA ILE D 186 34.29 41.42 -13.18
C ILE D 186 35.65 40.91 -13.65
N PHE D 187 35.74 39.61 -13.91
CA PHE D 187 36.98 39.01 -14.39
C PHE D 187 37.33 39.50 -15.79
N LEU D 188 36.32 39.94 -16.55
CA LEU D 188 36.57 40.48 -17.88
C LEU D 188 37.10 41.92 -17.81
N VAL D 189 36.59 42.71 -16.87
CA VAL D 189 37.05 44.10 -16.74
C VAL D 189 38.44 44.14 -16.11
N VAL D 190 38.69 43.29 -15.11
CA VAL D 190 39.98 43.29 -14.40
C VAL D 190 41.10 42.82 -15.32
N GLU D 191 40.90 41.73 -16.05
CA GLU D 191 41.90 41.25 -16.98
C GLU D 191 41.97 42.11 -18.23
N VAL D 210 39.47 34.14 -21.90
CA VAL D 210 38.22 34.47 -22.57
C VAL D 210 37.28 33.27 -22.53
N ARG D 211 37.82 32.08 -22.85
CA ARG D 211 37.01 30.87 -22.76
C ARG D 211 36.85 30.42 -21.32
N PHE D 212 37.65 30.97 -20.41
CA PHE D 212 37.47 30.69 -18.99
C PHE D 212 36.30 31.48 -18.41
N THR D 213 35.86 32.53 -19.11
CA THR D 213 34.71 33.28 -18.65
C THR D 213 33.40 32.56 -18.96
N LYS D 214 33.43 31.63 -19.92
CA LYS D 214 32.22 30.87 -20.22
C LYS D 214 31.93 29.85 -19.13
N ILE D 215 32.94 29.45 -18.37
CA ILE D 215 32.68 28.58 -17.23
C ILE D 215 32.13 29.39 -16.07
N LEU D 216 32.61 30.63 -15.89
CA LEU D 216 32.13 31.47 -14.79
C LEU D 216 30.72 31.99 -15.06
N SER D 217 30.31 32.05 -16.32
CA SER D 217 28.96 32.48 -16.64
C SER D 217 27.91 31.45 -16.27
N LEU D 218 28.33 30.20 -16.03
CA LEU D 218 27.39 29.18 -15.58
C LEU D 218 27.13 29.23 -14.08
N LEU D 219 27.64 30.24 -13.38
CA LEU D 219 27.22 30.46 -12.00
C LEU D 219 25.82 31.03 -11.92
N ARG D 220 25.30 31.55 -13.04
CA ARG D 220 23.91 31.99 -13.09
C ARG D 220 22.92 30.83 -13.02
N LEU D 221 23.38 29.59 -13.20
CA LEU D 221 22.51 28.44 -13.09
C LEU D 221 22.28 28.01 -11.65
N LEU D 222 22.80 28.75 -10.66
CA LEU D 222 22.43 28.53 -9.27
C LEU D 222 21.15 29.24 -8.89
N ARG D 223 20.47 29.87 -9.85
CA ARG D 223 19.13 30.41 -9.65
C ARG D 223 18.06 29.32 -9.62
N LEU D 224 18.44 28.07 -9.85
CA LEU D 224 17.54 26.94 -9.65
C LEU D 224 17.21 26.76 -8.18
N SER D 225 18.11 27.15 -7.28
CA SER D 225 17.89 26.91 -5.85
C SER D 225 16.80 27.80 -5.29
N ARG D 226 16.71 29.05 -5.76
CA ARG D 226 15.61 29.91 -5.32
C ARG D 226 14.37 29.70 -6.15
N LEU D 227 14.48 29.00 -7.29
CA LEU D 227 13.28 28.57 -8.00
C LEU D 227 12.60 27.45 -7.23
N ILE D 228 13.36 26.47 -6.75
CA ILE D 228 12.79 25.35 -6.00
C ILE D 228 12.17 25.84 -4.70
N ARG D 229 12.77 26.86 -4.08
CA ARG D 229 12.17 27.44 -2.89
C ARG D 229 10.88 28.18 -3.20
N TYR D 230 10.81 28.89 -4.32
CA TYR D 230 9.63 29.72 -4.57
C TYR D 230 8.46 28.90 -5.09
N ILE D 231 8.72 27.74 -5.68
CA ILE D 231 7.61 26.87 -6.10
C ILE D 231 7.00 26.20 -4.89
N HIS D 232 7.83 25.75 -3.95
CA HIS D 232 7.32 25.04 -2.78
C HIS D 232 6.61 25.98 -1.81
N GLN D 233 6.89 27.29 -1.90
CA GLN D 233 6.17 28.24 -1.05
C GLN D 233 4.75 28.47 -1.56
N TRP D 234 4.54 28.36 -2.87
CA TRP D 234 3.19 28.57 -3.39
C TRP D 234 2.33 27.34 -3.24
N GLU D 235 2.91 26.15 -3.40
CA GLU D 235 2.12 24.93 -3.40
C GLU D 235 1.59 24.61 -2.01
N GLU D 236 2.38 24.91 -0.97
CA GLU D 236 1.91 24.72 0.40
C GLU D 236 0.83 25.74 0.76
N ILE D 237 0.80 26.87 0.05
CA ILE D 237 -0.33 27.78 0.18
C ILE D 237 -1.54 27.22 -0.56
N PHE D 238 -1.36 26.78 -1.80
CA PHE D 238 -2.47 26.42 -2.67
C PHE D 238 -3.00 25.01 -2.43
N HIS D 239 -2.33 24.20 -1.60
CA HIS D 239 -3.00 23.05 -1.01
C HIS D 239 -4.00 23.43 0.07
N MET D 240 -3.84 24.63 0.66
CA MET D 240 -4.75 25.06 1.71
C MET D 240 -5.91 25.86 1.15
N THR D 241 -5.67 26.61 0.07
CA THR D 241 -6.74 27.39 -0.55
C THR D 241 -7.69 26.50 -1.33
N TYR D 242 -7.16 25.56 -2.11
CA TYR D 242 -7.97 24.68 -2.94
C TYR D 242 -7.80 23.23 -2.51
N ASP D 243 -8.58 22.35 -3.11
CA ASP D 243 -8.48 20.91 -2.86
C ASP D 243 -7.77 20.27 -4.03
N LEU D 244 -6.53 19.84 -3.83
CA LEU D 244 -5.70 19.28 -4.88
C LEU D 244 -5.10 17.95 -4.43
N ALA D 245 -4.92 17.05 -5.40
CA ALA D 245 -4.25 15.80 -5.10
C ALA D 245 -2.74 16.03 -5.06
N SER D 246 -2.08 15.43 -4.07
CA SER D 246 -0.66 15.70 -3.86
C SER D 246 0.21 14.98 -4.89
N ALA D 247 -0.28 13.83 -5.39
CA ALA D 247 0.50 13.05 -6.35
C ALA D 247 0.64 13.76 -7.68
N VAL D 248 -0.41 14.48 -8.09
CA VAL D 248 -0.39 15.19 -9.37
C VAL D 248 0.59 16.36 -9.30
N VAL D 249 0.59 17.08 -8.18
CA VAL D 249 1.50 18.21 -7.98
C VAL D 249 2.93 17.74 -7.94
N ARG D 250 3.19 16.62 -7.24
CA ARG D 250 4.56 16.13 -7.11
C ARG D 250 5.08 15.55 -8.43
N ILE D 251 4.20 14.93 -9.23
CA ILE D 251 4.66 14.38 -10.49
C ILE D 251 4.85 15.49 -11.54
N PHE D 252 4.11 16.59 -11.42
CA PHE D 252 4.39 17.73 -12.29
C PHE D 252 5.70 18.41 -11.93
N ASN D 253 6.03 18.44 -10.64
CA ASN D 253 7.34 18.95 -10.23
C ASN D 253 8.47 18.07 -10.77
N LEU D 254 8.26 16.75 -10.76
CA LEU D 254 9.29 15.83 -11.28
C LEU D 254 9.45 15.96 -12.79
N ILE D 255 8.35 16.10 -13.53
CA ILE D 255 8.43 16.26 -14.99
C ILE D 255 9.13 17.57 -15.35
N GLY D 256 8.81 18.64 -14.61
CA GLY D 256 9.46 19.93 -14.86
C GLY D 256 10.93 19.91 -14.53
N MET D 257 11.35 19.07 -13.57
CA MET D 257 12.78 18.94 -13.30
C MET D 257 13.47 18.10 -14.37
N MET D 258 12.82 17.03 -14.84
CA MET D 258 13.43 16.14 -15.82
C MET D 258 13.66 16.81 -17.16
N LEU D 259 12.71 17.65 -17.60
CA LEU D 259 12.89 18.38 -18.85
C LEU D 259 14.06 19.36 -18.77
N LEU D 260 14.23 19.99 -17.62
CA LEU D 260 15.31 20.98 -17.46
C LEU D 260 16.66 20.29 -17.41
N LEU D 261 16.74 19.13 -16.75
CA LEU D 261 18.00 18.40 -16.72
C LEU D 261 18.38 17.86 -18.10
N CYS D 262 17.39 17.42 -18.88
CA CYS D 262 17.67 16.97 -20.25
C CYS D 262 18.12 18.13 -21.13
N HIS D 263 17.55 19.32 -20.92
CA HIS D 263 17.97 20.50 -21.68
C HIS D 263 19.41 20.91 -21.35
N TRP D 264 19.76 20.92 -20.06
CA TRP D 264 21.13 21.27 -19.68
C TRP D 264 22.13 20.23 -20.15
N ASP D 265 21.74 18.94 -20.17
CA ASP D 265 22.64 17.92 -20.67
C ASP D 265 22.81 18.03 -22.17
N GLY D 266 21.75 18.43 -22.89
CA GLY D 266 21.88 18.68 -24.32
C GLY D 266 22.80 19.84 -24.63
N CYS D 267 22.79 20.86 -23.79
CA CYS D 267 23.77 21.94 -23.99
C CYS D 267 25.18 21.51 -23.60
N LEU D 268 25.31 20.62 -22.62
CA LEU D 268 26.63 20.22 -22.14
C LEU D 268 27.34 19.31 -23.14
N GLN D 269 26.56 18.49 -23.89
CA GLN D 269 27.14 17.59 -24.88
C GLN D 269 27.87 18.35 -25.99
N PHE D 270 27.45 19.58 -26.27
CA PHE D 270 28.13 20.38 -27.28
C PHE D 270 29.11 21.35 -26.62
N LEU D 271 28.89 21.68 -25.34
CA LEU D 271 29.82 22.57 -24.64
C LEU D 271 31.18 21.93 -24.46
N VAL D 272 31.22 20.63 -24.18
CA VAL D 272 32.50 19.98 -23.88
C VAL D 272 33.45 19.90 -25.08
N PRO D 273 33.03 19.53 -26.30
CA PRO D 273 34.00 19.58 -27.41
C PRO D 273 34.34 20.98 -27.88
N MET D 274 33.55 22.00 -27.54
CA MET D 274 33.83 23.35 -28.01
C MET D 274 35.02 23.94 -27.26
N LEU D 275 35.17 23.62 -25.98
CA LEU D 275 36.29 24.14 -25.21
C LEU D 275 37.60 23.48 -25.62
N GLN D 276 37.54 22.33 -26.27
CA GLN D 276 38.72 21.64 -26.76
C GLN D 276 38.99 21.89 -28.24
N ASP D 277 38.34 22.90 -28.83
CA ASP D 277 38.50 23.31 -30.22
C ASP D 277 38.19 22.18 -31.21
N PHE D 278 37.20 21.35 -30.89
CA PHE D 278 36.66 20.27 -31.72
C PHE D 278 37.72 19.26 -32.13
N PRO D 279 38.14 18.36 -31.25
CA PRO D 279 39.14 17.33 -31.60
C PRO D 279 38.63 16.40 -32.70
N PRO D 280 39.52 15.69 -33.40
CA PRO D 280 39.06 14.87 -34.53
C PRO D 280 38.36 13.58 -34.12
N ASP D 281 38.27 13.29 -32.82
CA ASP D 281 37.61 12.08 -32.36
C ASP D 281 36.23 12.32 -31.76
N CYS D 282 35.83 13.57 -31.57
CA CYS D 282 34.52 13.86 -30.98
C CYS D 282 33.43 13.63 -32.00
N TRP D 283 32.17 13.59 -31.52
CA TRP D 283 31.06 13.26 -32.41
C TRP D 283 30.75 14.39 -33.39
N VAL D 284 31.13 15.62 -33.05
CA VAL D 284 30.86 16.77 -33.92
C VAL D 284 31.73 16.71 -35.17
N SER D 285 32.99 16.30 -35.02
CA SER D 285 33.87 16.22 -36.17
C SER D 285 33.66 14.93 -36.95
N ILE D 286 33.18 13.87 -36.30
CA ILE D 286 32.86 12.64 -37.01
C ILE D 286 31.62 12.83 -37.89
N ASN D 287 30.57 13.45 -37.33
CA ASN D 287 29.35 13.64 -38.09
C ASN D 287 29.38 14.88 -38.99
N HIS D 288 30.49 15.63 -38.98
CA HIS D 288 30.73 16.78 -39.87
C HIS D 288 29.68 17.88 -39.73
N MET D 289 29.51 18.38 -38.51
CA MET D 289 28.55 19.44 -38.24
C MET D 289 29.16 20.59 -37.43
N VAL D 290 30.36 21.00 -37.80
CA VAL D 290 31.02 22.09 -37.08
C VAL D 290 30.43 23.43 -37.51
N ASN D 291 30.08 23.56 -38.79
CA ASN D 291 29.71 24.84 -39.37
C ASN D 291 28.24 24.94 -39.78
N HIS D 292 27.36 24.12 -39.20
CA HIS D 292 25.95 24.30 -39.48
C HIS D 292 25.33 25.33 -38.55
N SER D 293 24.01 25.46 -38.62
CA SER D 293 23.31 26.42 -37.79
C SER D 293 23.21 25.92 -36.36
N TRP D 294 22.79 26.79 -35.45
CA TRP D 294 22.74 26.42 -34.05
C TRP D 294 21.55 25.52 -33.74
N GLY D 295 20.49 25.59 -34.57
CA GLY D 295 19.34 24.73 -34.38
C GLY D 295 19.62 23.28 -34.66
N ARG D 296 20.38 23.02 -35.73
CA ARG D 296 20.74 21.66 -36.11
C ARG D 296 21.71 21.05 -35.11
N GLN D 297 22.68 21.85 -34.66
CA GLN D 297 23.61 21.41 -33.63
C GLN D 297 22.90 21.13 -32.32
N TYR D 298 21.93 21.98 -31.96
CA TYR D 298 21.16 21.76 -30.75
C TYR D 298 20.29 20.51 -30.84
N SER D 299 19.73 20.24 -32.03
CA SER D 299 18.90 19.06 -32.19
C SER D 299 19.71 17.78 -32.08
N HIS D 300 20.90 17.74 -32.70
CA HIS D 300 21.73 16.54 -32.60
C HIS D 300 22.30 16.36 -31.19
N ALA D 301 22.66 17.46 -30.52
CA ALA D 301 23.18 17.36 -29.15
C ALA D 301 22.09 16.92 -28.18
N LEU D 302 20.85 17.39 -28.38
CA LEU D 302 19.76 16.98 -27.51
C LEU D 302 19.35 15.54 -27.76
N PHE D 303 19.46 15.08 -29.02
CA PHE D 303 19.21 13.67 -29.31
C PHE D 303 20.24 12.78 -28.62
N LYS D 304 21.52 13.19 -28.63
CA LYS D 304 22.55 12.42 -27.95
C LYS D 304 22.33 12.39 -26.44
N ALA D 305 21.96 13.53 -25.85
CA ALA D 305 21.76 13.59 -24.41
C ALA D 305 20.51 12.83 -23.98
N MET D 306 19.48 12.81 -24.82
CA MET D 306 18.27 12.08 -24.47
C MET D 306 18.46 10.58 -24.66
N SER D 307 19.26 10.16 -25.64
CA SER D 307 19.53 8.74 -25.78
C SER D 307 20.45 8.24 -24.67
N HIS D 308 21.31 9.10 -24.13
CA HIS D 308 22.05 8.73 -22.92
C HIS D 308 21.15 8.76 -21.69
N MET D 309 20.15 9.64 -21.69
CA MET D 309 19.31 9.84 -20.52
C MET D 309 18.32 8.68 -20.36
N LEU D 310 17.68 8.27 -21.45
CA LEU D 310 16.73 7.16 -21.45
C LEU D 310 17.38 5.80 -21.61
N CYS D 311 18.72 5.73 -21.54
CA CYS D 311 19.50 4.50 -21.57
C CYS D 311 19.33 3.72 -22.87
N ILE D 312 19.57 4.38 -24.01
CA ILE D 312 19.30 3.74 -25.30
C ILE D 312 20.55 3.06 -25.84
N GLY D 313 21.59 3.83 -26.12
CA GLY D 313 22.73 3.34 -26.87
C GLY D 313 22.94 4.20 -28.10
N TYR D 314 24.11 4.81 -28.20
CA TYR D 314 24.35 5.85 -29.20
C TYR D 314 25.55 5.47 -30.05
N GLY D 315 25.49 5.83 -31.33
CA GLY D 315 26.65 5.77 -32.19
C GLY D 315 27.01 4.37 -32.63
N GLN D 316 28.15 4.28 -33.32
CA GLN D 316 28.65 2.99 -33.76
C GLN D 316 29.84 2.54 -32.94
N GLN D 317 30.66 3.49 -32.48
CA GLN D 317 31.84 3.19 -31.69
C GLN D 317 31.69 3.75 -30.29
N ALA D 318 32.40 3.12 -29.35
CA ALA D 318 32.49 3.57 -27.98
C ALA D 318 33.23 4.91 -27.92
N PRO D 319 32.92 5.77 -26.93
CA PRO D 319 33.61 7.07 -26.85
C PRO D 319 35.09 6.96 -26.56
N VAL D 320 35.89 7.71 -27.32
CA VAL D 320 37.34 7.53 -27.28
C VAL D 320 37.97 8.50 -26.29
N GLY D 321 37.57 9.75 -26.30
CA GLY D 321 38.16 10.72 -25.41
C GLY D 321 37.71 10.52 -23.97
N MET D 322 38.55 11.00 -23.06
CA MET D 322 38.29 10.87 -21.63
C MET D 322 37.18 11.76 -21.05
N PRO D 323 36.98 13.02 -21.46
CA PRO D 323 35.79 13.72 -20.95
C PRO D 323 34.48 13.24 -21.56
N ASP D 324 34.51 12.47 -22.65
CA ASP D 324 33.28 11.96 -23.23
C ASP D 324 32.78 10.75 -22.44
N VAL D 325 33.72 9.92 -21.96
CA VAL D 325 33.38 8.70 -21.23
C VAL D 325 32.71 9.04 -19.91
N TRP D 326 33.34 9.90 -19.12
CA TRP D 326 32.85 10.18 -17.78
C TRP D 326 31.56 10.99 -17.80
N LEU D 327 31.40 11.84 -18.81
CA LEU D 327 30.18 12.63 -18.88
C LEU D 327 29.03 11.81 -19.45
N THR D 328 29.34 10.85 -20.32
CA THR D 328 28.34 9.87 -20.74
C THR D 328 27.87 9.02 -19.56
N MET D 329 28.79 8.61 -18.70
CA MET D 329 28.44 7.82 -17.52
C MET D 329 27.62 8.62 -16.53
N LEU D 330 27.95 9.91 -16.35
CA LEU D 330 27.16 10.79 -15.49
C LEU D 330 25.74 10.95 -16.04
N SER D 331 25.60 11.11 -17.36
CA SER D 331 24.29 11.23 -17.97
C SER D 331 23.46 9.96 -17.78
N MET D 332 24.09 8.79 -17.91
CA MET D 332 23.36 7.53 -17.74
C MET D 332 22.89 7.35 -16.30
N ILE D 333 23.72 7.71 -15.32
CA ILE D 333 23.33 7.57 -13.92
C ILE D 333 22.19 8.54 -13.57
N VAL D 334 22.28 9.79 -14.01
CA VAL D 334 21.23 10.78 -13.73
C VAL D 334 19.92 10.38 -14.39
N GLY D 335 19.97 9.89 -15.64
CA GLY D 335 18.75 9.45 -16.31
C GLY D 335 18.12 8.22 -15.68
N ALA D 336 18.95 7.29 -15.21
CA ALA D 336 18.43 6.08 -14.58
C ALA D 336 17.72 6.40 -13.27
N THR D 337 18.31 7.28 -12.44
CA THR D 337 17.65 7.58 -11.17
C THR D 337 16.40 8.46 -11.37
N CYS D 338 16.38 9.32 -12.39
CA CYS D 338 15.16 10.08 -12.65
C CYS D 338 14.05 9.20 -13.19
N TYR D 339 14.39 8.19 -14.00
CA TYR D 339 13.35 7.29 -14.50
C TYR D 339 12.82 6.39 -13.40
N ALA D 340 13.67 6.01 -12.45
CA ALA D 340 13.20 5.23 -11.30
C ALA D 340 12.25 6.03 -10.43
N MET D 341 12.56 7.32 -10.19
CA MET D 341 11.63 8.15 -9.43
C MET D 341 10.33 8.40 -10.18
N PHE D 342 10.38 8.44 -11.51
CA PHE D 342 9.16 8.60 -12.29
C PHE D 342 8.26 7.37 -12.19
N ILE D 343 8.86 6.17 -12.21
CA ILE D 343 8.08 4.95 -12.03
C ILE D 343 7.46 4.89 -10.64
N GLY D 344 8.21 5.33 -9.62
CA GLY D 344 7.66 5.38 -8.27
C GLY D 344 6.48 6.33 -8.14
N HIS D 345 6.58 7.51 -8.76
CA HIS D 345 5.46 8.45 -8.70
C HIS D 345 4.26 7.97 -9.50
N ALA D 346 4.49 7.28 -10.62
CA ALA D 346 3.38 6.76 -11.41
C ALA D 346 2.66 5.63 -10.67
N THR D 347 3.41 4.81 -9.94
CA THR D 347 2.78 3.76 -9.12
C THR D 347 1.97 4.37 -7.98
N ALA D 348 2.50 5.40 -7.33
CA ALA D 348 1.77 6.06 -6.25
C ALA D 348 0.53 6.79 -6.77
N LEU D 349 0.56 7.24 -8.02
CA LEU D 349 -0.62 7.86 -8.60
C LEU D 349 -1.67 6.82 -8.98
N ILE D 350 -1.24 5.68 -9.51
CA ILE D 350 -2.19 4.66 -9.95
C ILE D 350 -2.86 3.98 -8.75
N GLN D 351 -2.14 3.83 -7.63
CA GLN D 351 -2.72 3.16 -6.48
C GLN D 351 -3.80 4.00 -5.78
N SER D 352 -3.89 5.29 -6.09
CA SER D 352 -4.86 6.13 -5.40
C SER D 352 -6.11 6.39 -6.24
N LEU D 353 -6.29 5.66 -7.34
CA LEU D 353 -7.42 5.95 -8.22
C LEU D 353 -8.68 5.21 -7.80
N ASP D 354 -8.53 3.94 -7.41
CA ASP D 354 -9.65 3.04 -7.19
C ASP D 354 -9.70 2.53 -5.75
N SER D 355 -9.59 3.44 -4.78
CA SER D 355 -9.44 3.05 -3.38
C SER D 355 -10.72 2.42 -2.83
N SER D 356 -11.88 3.03 -3.12
CA SER D 356 -13.13 2.51 -2.60
C SER D 356 -13.52 1.21 -3.30
N ARG D 357 -13.03 0.99 -4.52
CA ARG D 357 -13.22 -0.30 -5.17
C ARG D 357 -12.32 -1.36 -4.56
N ARG D 358 -11.12 -0.96 -4.14
CA ARG D 358 -10.13 -1.94 -3.68
C ARG D 358 -10.41 -2.38 -2.25
N GLN D 359 -10.93 -1.47 -1.42
CA GLN D 359 -11.21 -1.82 -0.03
C GLN D 359 -12.40 -2.76 0.07
N TYR D 360 -13.36 -2.65 -0.85
CA TYR D 360 -14.44 -3.62 -0.92
C TYR D 360 -13.91 -5.01 -1.27
N GLN D 361 -12.93 -5.07 -2.18
CA GLN D 361 -12.36 -6.36 -2.56
C GLN D 361 -11.61 -6.98 -1.40
N GLU D 362 -10.87 -6.17 -0.63
CA GLU D 362 -10.16 -6.70 0.54
C GLU D 362 -11.14 -7.17 1.62
N LYS D 363 -12.23 -6.42 1.82
CA LYS D 363 -13.24 -6.82 2.78
C LYS D 363 -13.92 -8.12 2.36
N TYR D 364 -14.18 -8.30 1.07
CA TYR D 364 -14.81 -9.54 0.64
C TYR D 364 -13.83 -10.72 0.66
N LYS D 365 -12.53 -10.45 0.50
CA LYS D 365 -11.53 -11.50 0.72
C LYS D 365 -11.58 -11.99 2.16
N GLN D 366 -11.70 -11.08 3.11
CA GLN D 366 -11.84 -11.49 4.51
C GLN D 366 -13.16 -12.21 4.77
N VAL D 367 -14.23 -11.81 4.09
CA VAL D 367 -15.53 -12.47 4.25
C VAL D 367 -15.47 -13.91 3.74
N GLU D 368 -14.93 -14.12 2.55
CA GLU D 368 -14.87 -15.48 2.01
C GLU D 368 -13.83 -16.32 2.74
N GLN D 369 -12.86 -15.68 3.39
CA GLN D 369 -11.97 -16.43 4.27
C GLN D 369 -12.69 -16.88 5.54
N TYR D 370 -13.56 -16.03 6.10
CA TYR D 370 -14.41 -16.46 7.22
C TYR D 370 -15.35 -17.59 6.81
N MET D 371 -15.80 -17.57 5.56
CA MET D 371 -16.59 -18.69 5.04
C MET D 371 -15.76 -19.96 4.97
N SER D 372 -14.52 -19.86 4.50
CA SER D 372 -13.70 -21.04 4.30
C SER D 372 -13.18 -21.62 5.61
N PHE D 373 -13.16 -20.82 6.68
CA PHE D 373 -12.67 -21.32 7.95
C PHE D 373 -13.67 -22.27 8.60
N HIS D 374 -14.95 -21.91 8.59
CA HIS D 374 -15.98 -22.73 9.22
C HIS D 374 -16.60 -23.76 8.28
N LYS D 375 -16.13 -23.82 7.03
CA LYS D 375 -16.53 -24.81 6.03
C LYS D 375 -18.03 -24.78 5.75
N LEU D 376 -18.51 -23.61 5.33
CA LEU D 376 -19.93 -23.43 5.04
C LEU D 376 -20.29 -24.11 3.71
N PRO D 377 -21.56 -24.47 3.52
CA PRO D 377 -21.97 -25.02 2.23
C PRO D 377 -21.95 -23.96 1.13
N ALA D 378 -22.13 -24.43 -0.11
CA ALA D 378 -21.96 -23.56 -1.27
C ALA D 378 -23.12 -22.59 -1.42
N ASP D 379 -24.34 -23.03 -1.08
CA ASP D 379 -25.51 -22.18 -1.24
C ASP D 379 -25.50 -21.01 -0.26
N THR D 380 -25.00 -21.24 0.95
CA THR D 380 -24.87 -20.15 1.92
C THR D 380 -23.79 -19.17 1.49
N ARG D 381 -22.70 -19.67 0.89
CA ARG D 381 -21.67 -18.79 0.33
C ARG D 381 -22.23 -17.89 -0.76
N GLN D 382 -23.02 -18.48 -1.67
CA GLN D 382 -23.65 -17.71 -2.73
C GLN D 382 -24.65 -16.70 -2.17
N ARG D 383 -25.35 -17.07 -1.10
CA ARG D 383 -26.35 -16.18 -0.52
C ARG D 383 -25.71 -14.99 0.18
N ILE D 384 -24.59 -15.21 0.90
CA ILE D 384 -23.88 -14.10 1.53
C ILE D 384 -23.24 -13.21 0.48
N HIS D 385 -22.77 -13.79 -0.63
CA HIS D 385 -22.22 -12.99 -1.71
C HIS D 385 -23.28 -12.10 -2.35
N GLU D 386 -24.48 -12.64 -2.58
CA GLU D 386 -25.57 -11.84 -3.13
C GLU D 386 -26.00 -10.75 -2.16
N TYR D 387 -25.97 -11.05 -0.85
CA TYR D 387 -26.30 -10.04 0.16
C TYR D 387 -25.32 -8.88 0.14
N TYR D 388 -24.01 -9.17 0.05
CA TYR D 388 -23.04 -8.08 0.05
C TYR D 388 -23.07 -7.30 -1.26
N GLU D 389 -23.43 -7.97 -2.36
CA GLU D 389 -23.61 -7.25 -3.62
C GLU D 389 -24.79 -6.29 -3.55
N HIS D 390 -25.90 -6.71 -2.93
CA HIS D 390 -27.05 -5.81 -2.87
C HIS D 390 -26.96 -4.87 -1.67
N ARG D 391 -25.98 -5.06 -0.79
CA ARG D 391 -25.82 -4.16 0.34
C ARG D 391 -24.84 -3.03 0.04
N TYR D 392 -23.59 -3.38 -0.30
CA TYR D 392 -22.58 -2.36 -0.50
C TYR D 392 -22.37 -1.96 -1.95
N GLN D 393 -22.82 -2.79 -2.90
CA GLN D 393 -22.80 -2.51 -4.34
C GLN D 393 -21.38 -2.30 -4.87
N GLY D 394 -20.45 -3.13 -4.41
CA GLY D 394 -19.07 -3.02 -4.83
C GLY D 394 -18.35 -1.79 -4.33
N LYS D 395 -18.85 -1.17 -3.26
CA LYS D 395 -18.48 0.17 -2.85
C LYS D 395 -18.38 0.22 -1.33
N MET D 396 -17.21 0.56 -0.81
CA MET D 396 -16.91 0.43 0.61
C MET D 396 -17.16 1.74 1.34
N PHE D 397 -17.92 1.67 2.43
CA PHE D 397 -18.17 2.78 3.33
C PHE D 397 -18.64 2.23 4.65
N ASP D 398 -18.63 3.10 5.67
CA ASP D 398 -19.00 2.72 7.04
C ASP D 398 -19.89 3.83 7.58
N GLU D 399 -21.21 3.60 7.63
CA GLU D 399 -22.16 4.69 7.85
C GLU D 399 -22.11 5.23 9.27
N GLU D 400 -21.72 4.39 10.24
CA GLU D 400 -21.76 4.79 11.64
C GLU D 400 -20.71 5.84 11.96
N SER D 401 -19.48 5.65 11.47
CA SER D 401 -18.43 6.61 11.72
C SER D 401 -18.65 7.91 10.94
N ILE D 402 -19.24 7.81 9.75
CA ILE D 402 -19.53 9.02 8.97
C ILE D 402 -20.62 9.84 9.63
N LEU D 403 -21.64 9.17 10.19
CA LEU D 403 -22.66 9.90 10.94
C LEU D 403 -22.12 10.40 12.27
N GLY D 404 -21.08 9.76 12.80
CA GLY D 404 -20.49 10.23 14.04
C GLY D 404 -19.63 11.47 13.85
N GLU D 405 -18.95 11.57 12.71
CA GLU D 405 -18.04 12.69 12.48
C GLU D 405 -18.78 13.99 12.19
N LEU D 406 -20.00 13.92 11.67
CA LEU D 406 -20.72 15.13 11.25
C LEU D 406 -21.22 15.92 12.44
N SER D 407 -21.67 17.13 12.17
CA SER D 407 -22.23 17.97 13.21
C SER D 407 -23.71 17.68 13.40
N GLU D 408 -24.32 18.41 14.34
CA GLU D 408 -25.73 18.20 14.63
C GLU D 408 -26.69 18.75 13.56
N PRO D 409 -26.48 19.93 12.95
CA PRO D 409 -27.40 20.31 11.85
C PRO D 409 -27.23 19.50 10.57
N LEU D 410 -26.06 18.88 10.38
CA LEU D 410 -25.85 18.12 9.15
C LEU D 410 -26.49 16.73 9.22
N ARG D 411 -26.54 16.15 10.42
CA ARG D 411 -27.22 14.86 10.57
C ARG D 411 -28.72 15.00 10.39
N GLU D 412 -29.28 16.15 10.79
CA GLU D 412 -30.71 16.34 10.70
C GLU D 412 -31.13 16.60 9.25
N GLU D 413 -30.23 17.16 8.44
CA GLU D 413 -30.58 17.48 7.06
C GLU D 413 -30.61 16.22 6.20
N ILE D 414 -29.76 15.24 6.50
CA ILE D 414 -29.72 14.00 5.72
C ILE D 414 -30.95 13.16 6.01
N ILE D 415 -31.38 13.12 7.28
CA ILE D 415 -32.53 12.31 7.67
C ILE D 415 -33.82 12.92 7.11
N ASN D 416 -33.85 14.26 6.98
CA ASN D 416 -35.05 14.90 6.45
C ASN D 416 -35.19 14.69 4.95
N PHE D 417 -34.13 14.19 4.29
CA PHE D 417 -34.26 13.81 2.88
C PHE D 417 -34.72 12.36 2.74
N THR D 418 -34.20 11.48 3.60
CA THR D 418 -34.40 10.04 3.39
C THR D 418 -35.57 9.51 4.21
N CYS D 419 -35.65 9.87 5.48
CA CYS D 419 -36.60 9.26 6.40
C CYS D 419 -37.86 10.08 6.63
N ARG D 420 -37.94 11.30 6.12
CA ARG D 420 -39.08 12.16 6.41
C ARG D 420 -40.32 11.71 5.64
N GLY D 421 -40.14 11.32 4.37
CA GLY D 421 -41.29 11.07 3.51
C GLY D 421 -42.01 9.78 3.82
N LEU D 422 -41.32 8.82 4.43
CA LEU D 422 -41.94 7.55 4.75
C LEU D 422 -42.77 7.64 6.03
N VAL D 423 -42.33 8.48 6.96
CA VAL D 423 -43.05 8.67 8.22
C VAL D 423 -44.29 9.52 7.99
N ALA D 424 -44.30 10.33 6.91
CA ALA D 424 -45.46 11.15 6.61
C ALA D 424 -46.65 10.32 6.12
N HIS D 425 -46.40 9.09 5.67
CA HIS D 425 -47.49 8.21 5.29
C HIS D 425 -48.28 7.73 6.51
N MET D 426 -47.61 7.56 7.64
CA MET D 426 -48.25 7.00 8.81
C MET D 426 -49.18 8.03 9.44
N PRO D 427 -50.44 7.68 9.74
CA PRO D 427 -51.38 8.70 10.23
C PRO D 427 -51.15 9.13 11.66
N LEU D 428 -50.46 8.31 12.46
CA LEU D 428 -50.22 8.67 13.85
C LEU D 428 -49.12 9.73 13.98
N PHE D 429 -48.11 9.65 13.11
CA PHE D 429 -47.00 10.58 13.21
C PHE D 429 -47.22 11.85 12.39
N ALA D 430 -48.29 11.89 11.59
CA ALA D 430 -48.53 13.05 10.75
C ALA D 430 -49.08 14.22 11.56
N HIS D 431 -49.87 13.93 12.59
CA HIS D 431 -50.48 14.98 13.38
C HIS D 431 -49.63 15.42 14.56
N ALA D 432 -48.43 14.88 14.71
CA ALA D 432 -47.58 15.20 15.84
C ALA D 432 -46.89 16.55 15.67
N ASP D 433 -46.33 17.05 16.76
CA ASP D 433 -45.46 18.21 16.70
C ASP D 433 -44.15 17.84 16.01
N PRO D 434 -43.49 18.80 15.35
CA PRO D 434 -42.20 18.47 14.71
C PRO D 434 -41.06 18.26 15.70
N SER D 435 -41.22 18.69 16.94
CA SER D 435 -40.20 18.43 17.95
C SER D 435 -40.20 16.97 18.38
N PHE D 436 -41.35 16.31 18.26
CA PHE D 436 -41.45 14.90 18.63
C PHE D 436 -40.95 14.00 17.51
N VAL D 437 -41.20 14.40 16.25
CA VAL D 437 -40.94 13.52 15.11
C VAL D 437 -39.44 13.39 14.85
N THR D 438 -38.70 14.49 15.05
CA THR D 438 -37.27 14.49 14.73
C THR D 438 -36.47 13.66 15.73
N ALA D 439 -36.99 13.48 16.95
CA ALA D 439 -36.32 12.60 17.90
C ALA D 439 -36.53 11.14 17.54
N VAL D 440 -37.66 10.83 16.88
CA VAL D 440 -37.91 9.48 16.41
C VAL D 440 -37.04 9.17 15.21
N LEU D 441 -36.82 10.18 14.36
CA LEU D 441 -36.17 9.97 13.07
C LEU D 441 -34.68 9.66 13.22
N THR D 442 -34.09 10.03 14.35
CA THR D 442 -32.66 9.78 14.54
C THR D 442 -32.39 8.33 14.89
N LYS D 443 -33.40 7.63 15.39
CA LYS D 443 -33.22 6.27 15.90
C LYS D 443 -33.64 5.19 14.91
N LEU D 444 -33.94 5.56 13.66
CA LEU D 444 -34.21 4.55 12.65
C LEU D 444 -32.90 3.90 12.19
N ARG D 445 -33.00 2.66 11.76
CA ARG D 445 -31.83 1.90 11.30
C ARG D 445 -32.12 1.30 9.94
N PHE D 446 -31.13 1.36 9.04
CA PHE D 446 -31.32 0.89 7.67
C PHE D 446 -31.02 -0.60 7.57
N GLU D 447 -31.94 -1.34 6.95
CA GLU D 447 -31.86 -2.79 6.85
C GLU D 447 -32.12 -3.23 5.43
N VAL D 448 -31.42 -4.27 4.99
CA VAL D 448 -31.56 -4.84 3.65
C VAL D 448 -31.89 -6.32 3.79
N PHE D 449 -32.95 -6.75 3.12
CA PHE D 449 -33.39 -8.13 3.15
C PHE D 449 -33.31 -8.75 1.76
N GLN D 450 -33.57 -10.05 1.69
CA GLN D 450 -33.44 -10.85 0.50
C GLN D 450 -34.80 -11.39 0.11
N PRO D 451 -34.98 -11.80 -1.15
CA PRO D 451 -36.16 -12.60 -1.49
C PRO D 451 -36.09 -13.97 -0.81
N GLY D 452 -37.20 -14.34 -0.18
CA GLY D 452 -37.27 -15.58 0.56
C GLY D 452 -37.11 -15.45 2.06
N ASP D 453 -36.48 -14.38 2.55
CA ASP D 453 -36.32 -14.22 3.99
C ASP D 453 -37.63 -13.84 4.65
N LEU D 454 -37.92 -14.48 5.77
CA LEU D 454 -39.10 -14.18 6.58
C LEU D 454 -38.74 -13.00 7.47
N VAL D 455 -39.44 -11.89 7.27
CA VAL D 455 -39.12 -10.67 8.00
C VAL D 455 -39.62 -10.75 9.43
N VAL D 456 -40.93 -10.95 9.60
CA VAL D 456 -41.54 -11.12 10.91
C VAL D 456 -42.15 -12.52 10.93
N ARG D 457 -41.91 -13.25 12.03
CA ARG D 457 -42.44 -14.59 12.19
C ARG D 457 -43.53 -14.61 13.24
N GLU D 458 -44.47 -15.54 13.08
CA GLU D 458 -45.57 -15.68 14.03
C GLU D 458 -45.07 -16.29 15.33
N GLY D 459 -45.68 -15.90 16.43
CA GLY D 459 -45.27 -16.40 17.72
C GLY D 459 -44.11 -15.66 18.35
N SER D 460 -43.75 -14.49 17.81
CA SER D 460 -42.65 -13.70 18.33
C SER D 460 -43.20 -12.50 19.08
N VAL D 461 -42.31 -11.82 19.81
CA VAL D 461 -42.76 -10.72 20.67
C VAL D 461 -43.02 -9.46 19.84
N GLY D 462 -42.35 -9.32 18.70
CA GLY D 462 -42.56 -8.16 17.84
C GLY D 462 -42.08 -6.85 18.43
N ARG D 463 -40.77 -6.71 18.64
CA ARG D 463 -40.25 -5.52 19.30
C ARG D 463 -40.06 -4.37 18.33
N LYS D 464 -39.98 -4.66 17.03
CA LYS D 464 -39.56 -3.67 16.05
C LYS D 464 -40.69 -3.34 15.07
N MET D 465 -40.79 -2.07 14.69
CA MET D 465 -41.72 -1.60 13.68
C MET D 465 -40.95 -1.22 12.43
N TYR D 466 -41.48 -1.60 11.27
CA TYR D 466 -40.76 -1.48 10.01
C TYR D 466 -41.49 -0.54 9.05
N PHE D 467 -40.71 0.32 8.40
CA PHE D 467 -41.15 1.16 7.31
C PHE D 467 -40.50 0.67 6.02
N ILE D 468 -41.18 0.89 4.89
CA ILE D 468 -40.75 0.33 3.61
C ILE D 468 -40.32 1.47 2.70
N GLN D 469 -39.09 1.41 2.21
CA GLN D 469 -38.59 2.36 1.23
C GLN D 469 -38.63 1.81 -0.18
N HIS D 470 -38.04 0.64 -0.42
CA HIS D 470 -38.09 -0.02 -1.71
C HIS D 470 -38.51 -1.47 -1.51
N GLY D 471 -38.54 -2.21 -2.61
CA GLY D 471 -38.81 -3.64 -2.57
C GLY D 471 -40.29 -3.95 -2.46
N LEU D 472 -40.58 -5.24 -2.58
CA LEU D 472 -41.94 -5.76 -2.54
C LEU D 472 -41.98 -6.94 -1.58
N LEU D 473 -43.05 -7.02 -0.79
CA LEU D 473 -43.19 -8.08 0.20
C LEU D 473 -44.67 -8.39 0.39
N SER D 474 -44.94 -9.54 1.00
CA SER D 474 -46.30 -10.06 1.13
C SER D 474 -46.59 -10.41 2.59
N VAL D 475 -47.82 -10.15 3.00
CA VAL D 475 -48.28 -10.53 4.34
C VAL D 475 -48.97 -11.88 4.24
N LEU D 476 -48.85 -12.69 5.29
CA LEU D 476 -49.46 -14.03 5.30
C LEU D 476 -50.43 -14.17 6.46
N ARG D 484 -49.95 -8.09 -0.82
CA ARG D 484 -48.82 -7.37 -1.38
C ARG D 484 -48.72 -5.98 -0.78
N LEU D 485 -47.51 -5.60 -0.36
CA LEU D 485 -47.22 -4.26 0.14
C LEU D 485 -46.10 -3.67 -0.69
N THR D 486 -46.39 -2.59 -1.41
CA THR D 486 -45.43 -1.95 -2.28
C THR D 486 -44.61 -0.93 -1.49
N ASP D 487 -43.86 -0.09 -2.20
CA ASP D 487 -42.98 0.87 -1.56
C ASP D 487 -43.77 1.99 -0.88
N GLY D 488 -43.22 2.52 0.20
CA GLY D 488 -43.90 3.55 0.97
C GLY D 488 -44.82 3.03 2.04
N SER D 489 -45.03 1.73 2.13
CA SER D 489 -45.95 1.15 3.10
C SER D 489 -45.25 0.94 4.45
N TYR D 490 -45.95 0.23 5.33
CA TYR D 490 -45.44 -0.09 6.66
C TYR D 490 -46.21 -1.29 7.19
N PHE D 491 -45.58 -2.04 8.10
CA PHE D 491 -46.20 -3.19 8.75
C PHE D 491 -45.62 -3.37 10.14
N GLY D 492 -46.36 -4.05 10.99
CA GLY D 492 -45.95 -4.24 12.36
C GLY D 492 -46.11 -3.03 13.25
N GLU D 493 -47.02 -2.11 12.91
CA GLU D 493 -47.15 -0.87 13.67
C GLU D 493 -47.95 -1.09 14.94
N ILE D 494 -48.99 -1.92 14.88
CA ILE D 494 -49.90 -2.08 16.02
C ILE D 494 -49.26 -2.95 17.09
N CYS D 495 -48.25 -3.75 16.73
CA CYS D 495 -47.62 -4.64 17.70
C CYS D 495 -46.80 -3.88 18.72
N LEU D 496 -46.20 -2.75 18.31
CA LEU D 496 -45.42 -1.94 19.24
C LEU D 496 -46.33 -1.19 20.20
N LEU D 497 -47.56 -0.90 19.78
CA LEU D 497 -48.50 -0.22 20.68
C LEU D 497 -49.15 -1.22 21.64
N THR D 498 -49.48 -2.42 21.17
CA THR D 498 -50.17 -3.37 22.02
C THR D 498 -49.21 -4.18 22.90
N ARG D 499 -47.93 -4.25 22.51
CA ARG D 499 -46.89 -5.02 23.21
C ARG D 499 -47.26 -6.50 23.35
N GLY D 500 -47.90 -7.05 22.32
CA GLY D 500 -48.34 -8.42 22.35
C GLY D 500 -47.67 -9.25 21.27
N ARG D 501 -48.15 -10.48 21.13
CA ARG D 501 -47.57 -11.41 20.18
C ARG D 501 -48.02 -11.06 18.76
N ARG D 502 -47.09 -11.19 17.81
CA ARG D 502 -47.38 -10.91 16.41
C ARG D 502 -48.29 -12.00 15.84
N THR D 503 -49.24 -11.58 14.99
CA THR D 503 -50.26 -12.51 14.52
C THR D 503 -49.92 -13.07 13.15
N ALA D 504 -49.39 -12.24 12.26
CA ALA D 504 -49.14 -12.63 10.88
C ALA D 504 -47.64 -12.73 10.62
N SER D 505 -47.30 -13.29 9.46
CA SER D 505 -45.91 -13.47 9.05
C SER D 505 -45.69 -12.77 7.72
N VAL D 506 -44.51 -12.18 7.54
CA VAL D 506 -44.18 -11.39 6.36
C VAL D 506 -42.98 -12.01 5.66
N ARG D 507 -43.11 -12.27 4.37
CA ARG D 507 -42.03 -12.79 3.54
C ARG D 507 -41.72 -11.78 2.44
N ALA D 508 -40.43 -11.49 2.25
CA ALA D 508 -40.03 -10.53 1.23
C ALA D 508 -40.00 -11.17 -0.15
N ASP D 509 -40.67 -10.55 -1.13
CA ASP D 509 -40.69 -11.09 -2.48
C ASP D 509 -39.40 -10.78 -3.23
N THR D 510 -38.75 -9.67 -2.89
CA THR D 510 -37.50 -9.28 -3.54
C THR D 510 -36.64 -8.53 -2.54
N TYR D 511 -35.55 -7.94 -3.03
CA TYR D 511 -34.63 -7.22 -2.17
C TYR D 511 -35.28 -5.93 -1.66
N CYS D 512 -35.42 -5.84 -0.35
CA CYS D 512 -36.12 -4.73 0.28
C CYS D 512 -35.13 -3.85 1.02
N ARG D 513 -35.48 -2.57 1.15
CA ARG D 513 -34.73 -1.62 1.96
C ARG D 513 -35.68 -1.04 2.99
N LEU D 514 -35.40 -1.31 4.27
CA LEU D 514 -36.35 -1.02 5.33
C LEU D 514 -35.72 -0.10 6.37
N TYR D 515 -36.58 0.59 7.10
CA TYR D 515 -36.20 1.40 8.24
C TYR D 515 -36.85 0.83 9.49
N SER D 516 -36.04 0.56 10.51
CA SER D 516 -36.48 -0.18 11.68
C SER D 516 -36.52 0.74 12.90
N LEU D 517 -37.57 0.60 13.70
CA LEU D 517 -37.71 1.32 14.95
C LEU D 517 -38.05 0.33 16.06
N SER D 518 -37.18 0.24 17.06
CA SER D 518 -37.40 -0.68 18.16
C SER D 518 -38.40 -0.09 19.15
N VAL D 519 -38.75 -0.88 20.17
CA VAL D 519 -39.77 -0.45 21.12
C VAL D 519 -39.15 0.42 22.21
N ASP D 520 -37.91 0.14 22.60
CA ASP D 520 -37.25 0.93 23.65
C ASP D 520 -36.83 2.29 23.11
N HIS D 521 -36.43 2.33 21.84
CA HIS D 521 -36.05 3.59 21.21
C HIS D 521 -37.26 4.49 20.99
N PHE D 522 -38.47 3.91 20.98
CA PHE D 522 -39.66 4.74 20.91
C PHE D 522 -40.16 5.11 22.30
N ASN D 523 -39.94 4.23 23.28
CA ASN D 523 -40.34 4.53 24.65
C ASN D 523 -39.49 5.65 25.25
N ALA D 524 -38.23 5.74 24.83
CA ALA D 524 -37.38 6.85 25.29
C ALA D 524 -37.91 8.19 24.77
N VAL D 525 -38.39 8.22 23.52
CA VAL D 525 -38.91 9.46 22.97
C VAL D 525 -40.28 9.78 23.56
N LEU D 526 -41.05 8.75 23.91
CA LEU D 526 -42.29 8.97 24.64
C LEU D 526 -42.00 9.52 26.04
N GLU D 527 -40.90 9.10 26.65
CA GLU D 527 -40.49 9.67 27.93
C GLU D 527 -39.99 11.10 27.76
N GLU D 528 -39.49 11.44 26.57
CA GLU D 528 -39.02 12.80 26.32
C GLU D 528 -40.18 13.78 26.16
N PHE D 529 -41.35 13.30 25.73
CA PHE D 529 -42.49 14.18 25.46
C PHE D 529 -43.75 13.62 26.09
N PRO D 530 -44.25 14.20 27.19
CA PRO D 530 -45.43 13.63 27.85
C PRO D 530 -46.74 14.05 27.20
N MET D 531 -46.69 15.06 26.33
CA MET D 531 -47.90 15.48 25.61
C MET D 531 -48.29 14.46 24.55
N MET D 532 -47.31 13.87 23.88
CA MET D 532 -47.61 12.82 22.92
C MET D 532 -47.92 11.50 23.61
N ARG D 533 -47.48 11.33 24.85
CA ARG D 533 -47.77 10.12 25.61
C ARG D 533 -49.25 10.03 25.95
N ARG D 534 -49.91 11.17 26.12
CA ARG D 534 -51.34 11.18 26.39
C ARG D 534 -52.14 10.76 25.16
N ALA D 535 -51.62 11.07 23.96
CA ALA D 535 -52.34 10.76 22.73
C ALA D 535 -52.35 9.27 22.44
N PHE D 536 -51.23 8.59 22.70
CA PHE D 536 -51.19 7.14 22.45
C PHE D 536 -51.92 6.37 23.53
N GLU D 537 -52.17 6.99 24.69
CA GLU D 537 -53.05 6.38 25.68
C GLU D 537 -54.50 6.42 25.24
N THR D 538 -54.89 7.48 24.52
CA THR D 538 -56.25 7.56 24.01
C THR D 538 -56.46 6.61 22.84
N VAL D 539 -55.38 6.24 22.15
CA VAL D 539 -55.47 5.22 21.11
C VAL D 539 -55.67 3.85 21.74
N ALA D 540 -54.94 3.57 22.83
CA ALA D 540 -54.99 2.24 23.43
C ALA D 540 -56.31 1.97 24.15
N MET D 541 -57.02 3.04 24.56
CA MET D 541 -58.30 2.84 25.20
C MET D 541 -59.39 2.56 24.18
N ASP D 542 -59.23 3.06 22.95
CA ASP D 542 -60.26 2.86 21.93
C ASP D 542 -60.20 1.48 21.32
N ARG D 543 -59.00 0.97 21.07
CA ARG D 543 -58.82 -0.30 20.38
C ARG D 543 -59.10 -1.47 21.31
#